data_9NRB
#
_entry.id   9NRB
#
_cell.length_a   95.915
_cell.length_b   176.398
_cell.length_c   226.377
_cell.angle_alpha   90.00
_cell.angle_beta   90.00
_cell.angle_gamma   90.00
#
_symmetry.space_group_name_H-M   'P 21 21 21'
#
loop_
_entity.id
_entity.type
_entity.pdbx_description
1 polymer 'Hemagglutinin HA1 chain'
2 polymer 'Hemagglutinin HA2 chain'
3 branched beta-D-mannopyranose-(1-4)-2-acetamido-2-deoxy-beta-D-glucopyranose-(1-4)-2-acetamido-2-deoxy-beta-D-glucopyranose
4 branched 2-acetamido-2-deoxy-beta-D-glucopyranose-(1-4)-2-acetamido-2-deoxy-beta-D-glucopyranose
5 branched 'N-acetyl-alpha-neuraminic acid-(2-3)-beta-D-galactopyranose-(1-3)-2-acetamido-2-deoxy-beta-D-glucopyranose-(1-3)-beta-D-galactopyranose'
6 non-polymer 2-acetamido-2-deoxy-beta-D-glucopyranose
7 water water
#
loop_
_entity_poly.entity_id
_entity_poly.type
_entity_poly.pdbx_seq_one_letter_code
_entity_poly.pdbx_strand_id
1 'polypeptide(L)'
;DPGDQICIGYHANNSTEQVDTIMEKNVTVTHAQDILEKTHNGKLCDLNGVKPLILKDCSVAGWLLGNPMCDEFIRVPEWS
YIVERANPANDLCYPGSLNDYEELKHLLSRINHFEKILIIPKSSWPNHETSLGVSAACPYQGTPSFFRNVVWLIKKNDAY
PTIKISYNNTNREDLLILWGIHHSNNAEEQTNLYKNPTTYISVGTSTLNQRLVPKIATRSQVNGLRGRMDFFWTILKPND
AIHFESNGNFIAPEYAYKIVKKGDSTIMKSGVEYGHCNTKCQTPVGAINSSMPFHNIHPLTIGECPKYVKSNKLVLATGL
RNSPQRET
;
A,C,E
2 'polypeptide(L)'
;GLFGAIAGFIEGGWQGMVDGWYGYHHSNEQGSGYAADKESTQKAIDGVTNKVNSIIDKMNTQFEAVGREFNNLERRIENL
NKKMEDGFLDVWTYNAELLVLMENERTLDFHDSNVKNLYDKVRLQLRDNAKELGNGCFEFYHKCDNECMESVRNGTYDYP
QYSEEARLKREEISSGR
;
B,D,F
#
# COMPACT_ATOMS: atom_id res chain seq x y z
N PRO A 2 58.14 29.47 -21.63
CA PRO A 2 57.72 28.09 -21.88
C PRO A 2 56.89 27.96 -23.16
N GLY A 3 56.19 26.83 -23.28
CA GLY A 3 55.33 26.60 -24.43
C GLY A 3 54.93 25.14 -24.53
N ASP A 4 54.10 24.87 -25.54
CA ASP A 4 53.65 23.52 -25.88
C ASP A 4 52.93 22.86 -24.69
N GLN A 5 51.76 23.42 -24.38
CA GLN A 5 50.89 22.90 -23.34
C GLN A 5 49.73 22.10 -23.92
N ILE A 6 49.24 21.16 -23.13
CA ILE A 6 47.97 20.48 -23.39
C ILE A 6 47.21 20.40 -22.07
N CYS A 7 45.90 20.64 -22.12
CA CYS A 7 45.09 20.77 -20.92
C CYS A 7 43.86 19.86 -21.01
N ILE A 8 43.33 19.53 -19.83
CA ILE A 8 42.10 18.75 -19.71
C ILE A 8 41.03 19.65 -19.11
N GLY A 9 39.87 19.69 -19.76
CA GLY A 9 38.76 20.51 -19.30
C GLY A 9 37.45 19.88 -19.69
N TYR A 10 36.37 20.59 -19.43
CA TYR A 10 35.03 20.06 -19.65
C TYR A 10 34.10 21.18 -20.11
N HIS A 11 32.89 20.77 -20.51
CA HIS A 11 31.92 21.66 -21.13
C HIS A 11 31.26 22.57 -20.11
N ALA A 12 31.00 23.81 -20.53
CA ALA A 12 30.20 24.76 -19.78
C ALA A 12 29.38 25.58 -20.77
N ASN A 13 28.21 26.03 -20.33
CA ASN A 13 27.32 26.84 -21.18
C ASN A 13 26.64 27.88 -20.29
N ASN A 14 25.67 28.58 -20.88
CA ASN A 14 24.96 29.66 -20.22
C ASN A 14 23.71 29.18 -19.49
N SER A 15 23.51 27.87 -19.37
CA SER A 15 22.32 27.34 -18.72
C SER A 15 22.26 27.77 -17.26
N THR A 16 21.07 28.18 -16.84
CA THR A 16 20.80 28.52 -15.45
C THR A 16 19.96 27.46 -14.75
N GLU A 17 19.71 26.32 -15.41
CA GLU A 17 18.90 25.26 -14.81
C GLU A 17 19.54 24.75 -13.53
N GLN A 18 18.71 24.58 -12.49
CA GLN A 18 19.17 24.16 -11.18
C GLN A 18 18.48 22.86 -10.79
N VAL A 19 19.27 21.97 -10.17
CA VAL A 19 18.77 20.71 -9.63
C VAL A 19 19.21 20.63 -8.18
N ASP A 20 18.55 19.76 -7.43
CA ASP A 20 18.87 19.51 -6.04
C ASP A 20 19.49 18.13 -5.88
N THR A 21 20.52 18.03 -5.05
CA THR A 21 21.18 16.77 -4.74
C THR A 21 21.00 16.47 -3.26
N ILE A 22 21.48 15.29 -2.86
CA ILE A 22 21.30 14.85 -1.48
C ILE A 22 22.13 15.71 -0.52
N MET A 23 23.31 16.14 -0.95
CA MET A 23 24.21 16.89 -0.08
C MET A 23 24.27 18.38 -0.39
N GLU A 24 23.79 18.83 -1.53
CA GLU A 24 23.86 20.24 -1.89
C GLU A 24 22.55 20.68 -2.52
N LYS A 25 22.25 21.98 -2.39
CA LYS A 25 21.01 22.55 -2.87
C LYS A 25 21.29 23.57 -3.97
N ASN A 26 20.40 23.60 -4.97
CA ASN A 26 20.43 24.60 -6.05
C ASN A 26 21.73 24.55 -6.84
N VAL A 27 22.15 23.35 -7.22
CA VAL A 27 23.38 23.18 -7.99
C VAL A 27 23.08 23.43 -9.46
N THR A 28 23.66 24.48 -10.03
CA THR A 28 23.43 24.81 -11.43
C THR A 28 24.14 23.81 -12.34
N VAL A 29 23.43 23.36 -13.38
CA VAL A 29 23.94 22.35 -14.30
C VAL A 29 23.74 22.83 -15.73
N THR A 30 24.45 22.18 -16.66
CA THR A 30 24.38 22.56 -18.06
C THR A 30 23.07 22.11 -18.71
N HIS A 31 22.52 20.97 -18.28
CA HIS A 31 21.27 20.50 -18.83
C HIS A 31 20.54 19.69 -17.75
N ALA A 32 19.21 19.72 -17.80
CA ALA A 32 18.38 19.06 -16.81
C ALA A 32 17.19 18.42 -17.52
N GLN A 33 16.35 17.74 -16.73
CA GLN A 33 15.18 17.06 -17.27
C GLN A 33 14.15 16.88 -16.17
N ASP A 34 12.93 17.36 -16.41
CA ASP A 34 11.84 17.22 -15.47
C ASP A 34 11.11 15.90 -15.71
N ILE A 35 10.88 15.15 -14.65
CA ILE A 35 10.15 13.88 -14.75
C ILE A 35 8.81 13.96 -14.02
N LEU A 36 8.29 15.17 -13.79
CA LEU A 36 7.04 15.38 -13.09
C LEU A 36 6.04 16.03 -14.03
N GLU A 37 4.91 15.36 -14.25
CA GLU A 37 3.81 15.97 -14.99
C GLU A 37 3.12 17.00 -14.11
N LYS A 38 2.96 18.21 -14.63
CA LYS A 38 2.45 19.32 -13.82
C LYS A 38 1.33 20.10 -14.48
N THR A 39 0.86 19.69 -15.66
CA THR A 39 -0.10 20.48 -16.43
C THR A 39 -1.26 19.61 -16.91
N HIS A 40 -2.42 20.24 -17.05
CA HIS A 40 -3.62 19.59 -17.58
C HIS A 40 -4.26 20.54 -18.59
N ASN A 41 -4.97 19.95 -19.57
CA ASN A 41 -5.54 20.75 -20.65
C ASN A 41 -6.88 21.37 -20.30
N GLY A 42 -7.45 21.03 -19.14
CA GLY A 42 -8.66 21.68 -18.68
C GLY A 42 -9.94 21.28 -19.39
N LYS A 43 -10.01 20.05 -19.90
CA LYS A 43 -11.21 19.55 -20.55
C LYS A 43 -11.39 18.07 -20.25
N LEU A 44 -12.64 17.60 -20.29
CA LEU A 44 -12.92 16.17 -20.31
C LEU A 44 -12.70 15.65 -21.72
N CYS A 45 -11.99 14.53 -21.85
CA CYS A 45 -11.71 13.95 -23.14
C CYS A 45 -12.26 12.52 -23.19
N ASP A 46 -12.18 11.94 -24.39
CA ASP A 46 -12.42 10.51 -24.51
C ASP A 46 -11.35 9.74 -23.76
N LEU A 47 -11.73 8.59 -23.22
CA LEU A 47 -10.80 7.73 -22.50
C LEU A 47 -10.52 6.52 -23.38
N ASN A 48 -9.30 6.46 -23.94
CA ASN A 48 -8.90 5.39 -24.84
C ASN A 48 -9.86 5.27 -26.02
N GLY A 49 -10.26 6.43 -26.57
CA GLY A 49 -11.07 6.48 -27.76
C GLY A 49 -12.57 6.38 -27.55
N VAL A 50 -13.04 6.31 -26.31
CA VAL A 50 -14.46 6.16 -26.01
C VAL A 50 -14.93 7.39 -25.24
N LYS A 51 -16.01 8.01 -25.72
CA LYS A 51 -16.53 9.21 -25.10
C LYS A 51 -17.17 8.89 -23.75
N PRO A 52 -17.04 9.78 -22.77
CA PRO A 52 -17.77 9.58 -21.50
C PRO A 52 -19.26 9.89 -21.64
N LEU A 53 -20.02 9.36 -20.69
CA LEU A 53 -21.45 9.67 -20.56
C LEU A 53 -21.59 10.85 -19.60
N ILE A 54 -22.02 11.98 -20.12
CA ILE A 54 -22.09 13.22 -19.35
C ILE A 54 -23.56 13.53 -19.09
N LEU A 55 -24.01 13.31 -17.86
CA LEU A 55 -25.33 13.72 -17.43
C LEU A 55 -25.26 15.19 -17.02
N LYS A 56 -25.89 16.06 -17.81
CA LYS A 56 -25.76 17.49 -17.60
C LYS A 56 -26.45 17.92 -16.31
N ASP A 57 -27.76 17.71 -16.23
CA ASP A 57 -28.53 18.15 -15.06
C ASP A 57 -29.30 16.99 -14.43
N CYS A 58 -28.95 15.75 -14.76
CA CYS A 58 -29.64 14.57 -14.29
C CYS A 58 -28.70 13.68 -13.50
N SER A 59 -29.22 13.07 -12.43
CA SER A 59 -28.51 12.00 -11.75
C SER A 59 -28.79 10.68 -12.45
N VAL A 60 -28.07 9.63 -12.05
CA VAL A 60 -28.26 8.32 -12.66
C VAL A 60 -29.69 7.83 -12.41
N ALA A 61 -30.19 8.00 -11.18
CA ALA A 61 -31.54 7.55 -10.86
C ALA A 61 -32.59 8.31 -11.67
N GLY A 62 -32.47 9.63 -11.75
CA GLY A 62 -33.39 10.41 -12.54
C GLY A 62 -33.30 10.10 -14.03
N TRP A 63 -32.10 9.75 -14.51
CA TRP A 63 -31.94 9.40 -15.91
C TRP A 63 -32.49 8.00 -16.20
N LEU A 64 -32.24 7.03 -15.31
CA LEU A 64 -32.70 5.67 -15.54
C LEU A 64 -34.23 5.57 -15.45
N LEU A 65 -34.81 6.11 -14.39
CA LEU A 65 -36.25 6.01 -14.21
C LEU A 65 -37.03 6.92 -15.15
N GLY A 66 -36.37 7.88 -15.79
CA GLY A 66 -37.04 8.75 -16.73
C GLY A 66 -37.77 9.90 -16.08
N ASN A 67 -37.04 10.74 -15.35
CA ASN A 67 -37.62 11.96 -14.82
C ASN A 67 -38.21 12.77 -15.97
N PRO A 68 -39.45 13.22 -15.88
CA PRO A 68 -40.06 13.93 -17.00
C PRO A 68 -39.31 15.18 -17.42
N MET A 69 -38.52 15.77 -16.52
CA MET A 69 -37.68 16.90 -16.87
C MET A 69 -36.35 16.49 -17.51
N CYS A 70 -35.90 15.25 -17.30
CA CYS A 70 -34.64 14.83 -17.88
C CYS A 70 -34.73 14.73 -19.39
N ASP A 71 -33.70 15.24 -20.09
CA ASP A 71 -33.54 15.02 -21.52
C ASP A 71 -32.58 13.86 -21.69
N GLU A 72 -33.11 12.65 -21.54
CA GLU A 72 -32.29 11.45 -21.56
C GLU A 72 -31.82 11.13 -22.98
N PHE A 73 -30.88 11.92 -23.50
CA PHE A 73 -30.28 11.57 -24.78
C PHE A 73 -29.34 10.39 -24.58
N ILE A 74 -29.54 9.35 -25.39
CA ILE A 74 -28.72 8.15 -25.33
C ILE A 74 -28.10 7.99 -26.71
N ARG A 75 -27.78 9.13 -27.34
CA ARG A 75 -27.09 9.12 -28.63
C ARG A 75 -25.80 8.33 -28.54
N VAL A 76 -25.18 8.26 -27.37
CA VAL A 76 -24.00 7.42 -27.13
C VAL A 76 -24.49 6.04 -26.72
N PRO A 77 -24.28 5.00 -27.53
CA PRO A 77 -24.57 3.63 -27.08
C PRO A 77 -23.44 2.97 -26.31
N GLU A 78 -22.37 3.71 -26.00
CA GLU A 78 -21.23 3.17 -25.28
C GLU A 78 -20.50 4.33 -24.61
N TRP A 79 -19.94 4.06 -23.43
CA TRP A 79 -19.14 5.07 -22.75
C TRP A 79 -18.07 4.40 -21.91
N SER A 80 -17.01 5.16 -21.62
CA SER A 80 -15.89 4.68 -20.84
C SER A 80 -15.97 5.07 -19.37
N TYR A 81 -16.61 6.19 -19.06
CA TYR A 81 -16.84 6.60 -17.69
C TYR A 81 -18.02 7.57 -17.68
N ILE A 82 -18.45 7.98 -16.49
CA ILE A 82 -19.63 8.80 -16.30
C ILE A 82 -19.23 10.08 -15.59
N VAL A 83 -19.69 11.22 -16.12
CA VAL A 83 -19.44 12.53 -15.54
C VAL A 83 -20.74 13.04 -14.92
N GLU A 84 -20.72 13.27 -13.61
CA GLU A 84 -21.82 13.89 -12.90
C GLU A 84 -21.41 15.27 -12.42
N ARG A 85 -22.35 16.20 -12.42
CA ARG A 85 -22.06 17.56 -11.98
C ARG A 85 -22.28 17.64 -10.46
N ALA A 86 -22.22 18.85 -9.91
CA ALA A 86 -22.24 19.01 -8.45
C ALA A 86 -23.65 18.80 -7.90
N ASN A 87 -24.64 19.54 -8.40
CA ASN A 87 -26.01 19.47 -7.92
C ASN A 87 -26.93 19.18 -9.10
N PRO A 88 -27.23 17.90 -9.36
CA PRO A 88 -28.17 17.57 -10.44
C PRO A 88 -29.58 17.93 -10.03
N ALA A 89 -30.20 18.84 -10.79
CA ALA A 89 -31.57 19.24 -10.48
C ALA A 89 -32.53 18.07 -10.61
N ASN A 90 -32.37 17.27 -11.67
CA ASN A 90 -33.29 16.18 -11.96
C ASN A 90 -32.80 14.90 -11.31
N ASP A 91 -33.31 14.63 -10.11
CA ASP A 91 -33.04 13.45 -9.32
C ASP A 91 -34.37 12.73 -9.14
N LEU A 92 -34.41 11.76 -8.21
CA LEU A 92 -35.69 11.14 -7.89
C LEU A 92 -36.65 12.24 -7.47
N CYS A 93 -37.62 12.55 -8.33
CA CYS A 93 -38.51 13.66 -8.05
C CYS A 93 -39.52 13.31 -6.97
N TYR A 94 -40.10 12.11 -7.06
CA TYR A 94 -40.91 11.62 -5.97
C TYR A 94 -40.00 11.11 -4.85
N PRO A 95 -40.17 11.57 -3.62
CA PRO A 95 -39.24 11.19 -2.55
C PRO A 95 -39.22 9.70 -2.32
N GLY A 96 -38.04 9.20 -1.97
CA GLY A 96 -37.85 7.78 -1.77
C GLY A 96 -36.38 7.40 -1.92
N SER A 97 -36.12 6.23 -2.51
CA SER A 97 -34.76 5.74 -2.65
C SER A 97 -34.69 4.76 -3.82
N LEU A 98 -33.46 4.41 -4.19
CA LEU A 98 -33.16 3.38 -5.18
C LEU A 98 -32.19 2.40 -4.54
N ASN A 99 -32.62 1.15 -4.40
CA ASN A 99 -31.83 0.16 -3.67
C ASN A 99 -30.53 -0.15 -4.40
N ASP A 100 -29.45 -0.32 -3.62
CA ASP A 100 -28.12 -0.63 -4.15
C ASP A 100 -27.71 0.39 -5.21
N TYR A 101 -27.94 1.67 -4.90
CA TYR A 101 -27.68 2.74 -5.86
C TYR A 101 -26.19 2.85 -6.19
N GLU A 102 -25.34 2.81 -5.16
CA GLU A 102 -23.91 2.93 -5.38
C GLU A 102 -23.36 1.78 -6.22
N GLU A 103 -23.79 0.55 -5.92
CA GLU A 103 -23.40 -0.59 -6.75
C GLU A 103 -23.96 -0.48 -8.16
N LEU A 104 -25.16 0.10 -8.30
CA LEU A 104 -25.73 0.30 -9.63
C LEU A 104 -24.93 1.33 -10.43
N LYS A 105 -24.54 2.44 -9.78
CA LYS A 105 -23.74 3.44 -10.47
C LYS A 105 -22.37 2.89 -10.86
N HIS A 106 -21.77 2.07 -9.99
CA HIS A 106 -20.51 1.44 -10.32
C HIS A 106 -20.65 0.50 -11.52
N LEU A 107 -21.77 -0.23 -11.60
CA LEU A 107 -22.01 -1.13 -12.72
C LEU A 107 -22.14 -0.36 -14.03
N LEU A 108 -22.84 0.79 -14.01
CA LEU A 108 -23.09 1.58 -15.20
C LEU A 108 -21.95 2.52 -15.55
N SER A 109 -20.86 2.53 -14.76
CA SER A 109 -19.78 3.48 -15.01
C SER A 109 -19.16 3.27 -16.39
N ARG A 110 -18.92 2.02 -16.78
CA ARG A 110 -18.40 1.69 -18.11
C ARG A 110 -19.29 0.62 -18.72
N ILE A 111 -20.01 0.99 -19.78
CA ILE A 111 -20.97 0.10 -20.44
C ILE A 111 -20.60 -0.04 -21.90
N ASN A 112 -20.46 -1.28 -22.36
CA ASN A 112 -20.08 -1.52 -23.75
C ASN A 112 -21.25 -1.28 -24.70
N HIS A 113 -22.46 -1.69 -24.32
CA HIS A 113 -23.63 -1.51 -25.16
C HIS A 113 -24.83 -1.17 -24.29
N PHE A 114 -25.60 -0.18 -24.74
CA PHE A 114 -26.72 0.34 -23.96
C PHE A 114 -27.85 0.69 -24.92
N GLU A 115 -29.01 0.06 -24.73
CA GLU A 115 -30.17 0.37 -25.55
C GLU A 115 -31.43 0.24 -24.71
N LYS A 116 -32.24 1.30 -24.71
CA LYS A 116 -33.52 1.29 -24.02
C LYS A 116 -34.58 0.63 -24.89
N ILE A 117 -35.29 -0.35 -24.34
CA ILE A 117 -36.32 -1.08 -25.07
C ILE A 117 -37.60 -1.11 -24.25
N LEU A 118 -38.71 -1.28 -24.95
CA LEU A 118 -40.03 -1.40 -24.33
C LEU A 118 -40.35 -2.87 -24.10
N ILE A 119 -40.60 -3.23 -22.85
CA ILE A 119 -40.85 -4.61 -22.49
C ILE A 119 -42.28 -4.87 -22.02
N ILE A 120 -42.94 -3.89 -21.42
CA ILE A 120 -44.32 -4.03 -20.99
C ILE A 120 -45.09 -2.76 -21.35
N PRO A 121 -45.86 -2.78 -22.44
CA PRO A 121 -46.66 -1.60 -22.79
C PRO A 121 -47.82 -1.41 -21.82
N LYS A 122 -48.34 -0.18 -21.80
CA LYS A 122 -49.46 0.14 -20.92
C LYS A 122 -50.72 -0.65 -21.25
N SER A 123 -50.79 -1.22 -22.45
CA SER A 123 -51.93 -2.07 -22.81
C SER A 123 -52.00 -3.33 -21.96
N SER A 124 -50.89 -3.71 -21.30
CA SER A 124 -50.84 -4.93 -20.53
C SER A 124 -51.66 -4.86 -19.25
N TRP A 125 -52.19 -3.70 -18.88
CA TRP A 125 -52.98 -3.52 -17.67
C TRP A 125 -54.39 -3.08 -18.06
N PRO A 126 -55.21 -3.99 -18.59
CA PRO A 126 -56.56 -3.59 -19.04
C PRO A 126 -57.53 -3.33 -17.91
N ASN A 127 -57.28 -3.86 -16.71
CA ASN A 127 -58.19 -3.70 -15.58
C ASN A 127 -57.66 -2.77 -14.51
N HIS A 128 -56.58 -2.03 -14.80
CA HIS A 128 -56.05 -1.03 -13.89
C HIS A 128 -55.88 0.28 -14.64
N GLU A 129 -55.88 1.38 -13.89
CA GLU A 129 -55.68 2.69 -14.49
C GLU A 129 -54.19 2.93 -14.72
N THR A 130 -53.85 3.35 -15.93
CA THR A 130 -52.45 3.56 -16.33
C THR A 130 -52.11 5.03 -16.56
N SER A 131 -53.09 5.93 -16.50
CA SER A 131 -52.86 7.33 -16.79
C SER A 131 -53.02 8.25 -15.59
N LEU A 132 -53.49 7.75 -14.46
CA LEU A 132 -53.64 8.56 -13.26
C LEU A 132 -52.41 8.52 -12.35
N GLY A 133 -51.38 7.75 -12.70
CA GLY A 133 -50.21 7.64 -11.86
C GLY A 133 -49.35 8.89 -11.96
N VAL A 134 -49.83 9.96 -11.35
CA VAL A 134 -49.34 11.31 -11.61
C VAL A 134 -49.17 12.04 -10.28
N SER A 135 -48.13 12.87 -10.19
CA SER A 135 -47.81 13.55 -8.94
C SER A 135 -47.18 14.91 -9.22
N ALA A 136 -47.42 15.84 -8.30
CA ALA A 136 -46.86 17.19 -8.40
C ALA A 136 -45.37 17.23 -8.04
N ALA A 137 -44.86 16.22 -7.34
CA ALA A 137 -43.43 16.16 -7.07
C ALA A 137 -42.62 15.86 -8.32
N CYS A 138 -43.28 15.41 -9.40
CA CYS A 138 -42.62 15.10 -10.66
C CYS A 138 -43.30 15.90 -11.77
N PRO A 139 -43.10 17.21 -11.80
CA PRO A 139 -43.75 18.03 -12.83
C PRO A 139 -43.07 17.88 -14.17
N TYR A 140 -43.82 18.16 -15.23
CA TYR A 140 -43.31 18.16 -16.59
C TYR A 140 -43.22 19.56 -17.19
N GLN A 141 -44.31 20.32 -17.14
CA GLN A 141 -44.34 21.72 -17.54
C GLN A 141 -45.10 22.53 -16.51
N GLY A 142 -44.80 22.30 -15.24
CA GLY A 142 -45.61 22.79 -14.15
C GLY A 142 -46.83 21.95 -13.85
N THR A 143 -47.15 21.00 -14.72
CA THR A 143 -48.27 20.06 -14.67
C THR A 143 -47.82 18.78 -13.99
N PRO A 144 -48.62 18.21 -13.08
CA PRO A 144 -48.22 16.96 -12.43
C PRO A 144 -48.00 15.84 -13.45
N SER A 145 -46.93 15.08 -13.24
CA SER A 145 -46.52 14.03 -14.16
C SER A 145 -45.83 12.94 -13.34
N PHE A 146 -45.06 12.08 -14.01
CA PHE A 146 -44.40 10.97 -13.34
C PHE A 146 -43.21 10.51 -14.16
N PHE A 147 -42.45 9.58 -13.59
CA PHE A 147 -41.35 8.96 -14.32
C PHE A 147 -41.88 8.31 -15.59
N ARG A 148 -41.11 8.45 -16.68
CA ARG A 148 -41.56 8.02 -17.99
C ARG A 148 -41.30 6.55 -18.27
N ASN A 149 -40.24 5.97 -17.72
CA ASN A 149 -39.89 4.58 -17.98
C ASN A 149 -40.61 3.60 -17.06
N VAL A 150 -41.44 4.09 -16.14
CA VAL A 150 -42.11 3.25 -15.17
C VAL A 150 -43.54 3.78 -15.00
N VAL A 151 -44.46 2.88 -14.64
CA VAL A 151 -45.89 3.19 -14.64
C VAL A 151 -46.45 2.98 -13.24
N TRP A 152 -47.19 3.97 -12.75
CA TRP A 152 -47.83 3.94 -11.44
C TRP A 152 -49.29 3.51 -11.65
N LEU A 153 -49.58 2.24 -11.40
CA LEU A 153 -50.90 1.69 -11.65
C LEU A 153 -51.85 2.03 -10.50
N ILE A 154 -53.08 2.39 -10.85
CA ILE A 154 -54.11 2.80 -9.89
C ILE A 154 -55.37 1.98 -10.15
N LYS A 155 -56.20 1.88 -9.12
CA LYS A 155 -57.44 1.10 -9.22
C LYS A 155 -58.36 1.66 -10.29
N LYS A 156 -59.13 0.77 -10.90
CA LYS A 156 -60.18 1.14 -11.85
C LYS A 156 -61.49 0.56 -11.37
N ASN A 157 -62.56 1.38 -11.43
CA ASN A 157 -63.89 0.96 -10.99
C ASN A 157 -63.89 0.47 -9.54
N ASP A 158 -63.13 1.18 -8.69
CA ASP A 158 -63.04 0.87 -7.27
C ASP A 158 -62.59 -0.58 -7.05
N ALA A 159 -61.67 -1.05 -7.88
CA ALA A 159 -61.16 -2.41 -7.78
C ALA A 159 -59.71 -2.43 -8.27
N TYR A 160 -58.89 -3.23 -7.60
CA TYR A 160 -57.50 -3.46 -8.00
C TYR A 160 -57.29 -4.96 -8.07
N PRO A 161 -57.67 -5.58 -9.19
CA PRO A 161 -57.46 -7.02 -9.32
C PRO A 161 -55.99 -7.38 -9.24
N THR A 162 -55.72 -8.58 -8.71
CA THR A 162 -54.35 -9.02 -8.51
C THR A 162 -53.62 -9.12 -9.84
N ILE A 163 -52.41 -8.56 -9.89
CA ILE A 163 -51.58 -8.57 -11.08
C ILE A 163 -50.67 -9.79 -11.04
N LYS A 164 -50.61 -10.53 -12.15
CA LYS A 164 -49.71 -11.68 -12.29
C LYS A 164 -49.18 -11.66 -13.71
N ILE A 165 -48.01 -11.06 -13.89
CA ILE A 165 -47.42 -10.88 -15.22
C ILE A 165 -45.99 -11.43 -15.19
N SER A 166 -45.54 -11.87 -16.36
CA SER A 166 -44.19 -12.39 -16.56
C SER A 166 -43.59 -11.77 -17.82
N TYR A 167 -42.27 -11.58 -17.79
CA TYR A 167 -41.53 -11.19 -18.97
C TYR A 167 -40.30 -12.07 -19.09
N ASN A 168 -40.06 -12.60 -20.29
CA ASN A 168 -38.94 -13.47 -20.58
C ASN A 168 -37.94 -12.72 -21.47
N ASN A 169 -36.66 -12.80 -21.11
CA ASN A 169 -35.62 -12.06 -21.82
C ASN A 169 -35.27 -12.81 -23.11
N THR A 170 -35.78 -12.32 -24.23
CA THR A 170 -35.50 -12.86 -25.55
C THR A 170 -34.54 -12.00 -26.36
N ASN A 171 -33.71 -11.20 -25.68
CA ASN A 171 -32.92 -10.15 -26.31
C ASN A 171 -31.45 -10.50 -26.49
N ARG A 172 -31.01 -11.67 -26.00
CA ARG A 172 -29.63 -12.14 -26.19
C ARG A 172 -28.63 -11.29 -25.43
N GLU A 173 -29.11 -10.26 -24.73
CA GLU A 173 -28.27 -9.40 -23.91
C GLU A 173 -28.89 -9.25 -22.54
N ASP A 174 -28.06 -8.92 -21.56
CA ASP A 174 -28.56 -8.68 -20.21
C ASP A 174 -29.50 -7.49 -20.20
N LEU A 175 -30.56 -7.59 -19.41
CA LEU A 175 -31.58 -6.56 -19.29
C LEU A 175 -31.57 -6.00 -17.89
N LEU A 176 -31.52 -4.67 -17.78
CA LEU A 176 -31.62 -3.96 -16.51
C LEU A 176 -33.06 -3.51 -16.34
N ILE A 177 -33.76 -4.13 -15.40
CA ILE A 177 -35.18 -3.86 -15.15
C ILE A 177 -35.30 -3.17 -13.81
N LEU A 178 -36.14 -2.14 -13.75
CA LEU A 178 -36.40 -1.41 -12.53
C LEU A 178 -37.89 -1.38 -12.23
N TRP A 179 -38.21 -1.38 -10.95
CA TRP A 179 -39.59 -1.31 -10.48
C TRP A 179 -39.59 -0.68 -9.09
N GLY A 180 -40.79 -0.40 -8.57
CA GLY A 180 -40.88 0.24 -7.28
C GLY A 180 -42.15 -0.10 -6.54
N ILE A 181 -42.16 0.26 -5.27
CA ILE A 181 -43.32 0.13 -4.39
C ILE A 181 -43.62 1.49 -3.78
N HIS A 182 -44.89 1.82 -3.69
CA HIS A 182 -45.32 3.10 -3.13
C HIS A 182 -45.81 2.92 -1.70
N HIS A 183 -45.25 3.71 -0.79
CA HIS A 183 -45.65 3.72 0.60
C HIS A 183 -46.66 4.85 0.80
N SER A 184 -47.92 4.49 1.00
CA SER A 184 -48.97 5.48 1.17
C SER A 184 -48.95 6.04 2.60
N ASN A 185 -49.72 7.10 2.80
CA ASN A 185 -49.63 7.90 4.02
C ASN A 185 -50.57 7.40 5.12
N ASN A 186 -51.76 6.92 4.78
CA ASN A 186 -52.73 6.52 5.79
C ASN A 186 -53.67 5.48 5.18
N ALA A 187 -54.59 4.99 6.02
CA ALA A 187 -55.50 3.93 5.57
C ALA A 187 -56.42 4.41 4.47
N GLU A 188 -56.98 5.62 4.60
CA GLU A 188 -57.91 6.11 3.60
C GLU A 188 -57.21 6.35 2.26
N GLU A 189 -56.00 6.88 2.29
CA GLU A 189 -55.25 7.08 1.05
C GLU A 189 -54.93 5.76 0.39
N GLN A 190 -54.64 4.72 1.19
CA GLN A 190 -54.36 3.40 0.63
C GLN A 190 -55.57 2.86 -0.14
N THR A 191 -56.77 3.00 0.42
CA THR A 191 -57.96 2.50 -0.25
C THR A 191 -58.39 3.41 -1.40
N ASN A 192 -58.11 4.72 -1.29
CA ASN A 192 -58.46 5.64 -2.36
C ASN A 192 -57.62 5.41 -3.61
N LEU A 193 -56.45 4.77 -3.49
CA LEU A 193 -55.59 4.49 -4.63
C LEU A 193 -55.67 3.05 -5.09
N TYR A 194 -55.68 2.09 -4.15
CA TYR A 194 -55.58 0.68 -4.50
C TYR A 194 -56.73 -0.17 -3.98
N LYS A 195 -57.60 0.38 -3.13
CA LYS A 195 -58.86 -0.25 -2.73
C LYS A 195 -58.63 -1.47 -1.84
N ASN A 196 -57.38 -1.89 -1.71
CA ASN A 196 -57.04 -3.05 -0.90
C ASN A 196 -56.22 -2.61 0.30
N PRO A 197 -56.74 -2.70 1.52
CA PRO A 197 -56.01 -2.17 2.68
C PRO A 197 -54.64 -2.82 2.88
N THR A 198 -54.52 -4.12 2.65
CA THR A 198 -53.26 -4.84 2.83
C THR A 198 -52.80 -5.36 1.47
N THR A 199 -51.58 -4.99 1.07
CA THR A 199 -51.07 -5.28 -0.25
C THR A 199 -49.65 -5.81 -0.16
N TYR A 200 -49.13 -6.28 -1.29
CA TYR A 200 -47.81 -6.89 -1.37
C TYR A 200 -47.32 -6.79 -2.81
N ILE A 201 -46.01 -6.98 -2.97
CA ILE A 201 -45.39 -7.14 -4.28
C ILE A 201 -44.44 -8.32 -4.21
N SER A 202 -44.61 -9.28 -5.11
CA SER A 202 -43.72 -10.43 -5.22
C SER A 202 -42.98 -10.36 -6.55
N VAL A 203 -41.65 -10.36 -6.48
CA VAL A 203 -40.79 -10.33 -7.66
C VAL A 203 -39.94 -11.60 -7.64
N GLY A 204 -39.96 -12.34 -8.74
CA GLY A 204 -39.25 -13.61 -8.81
C GLY A 204 -38.52 -13.85 -10.11
N THR A 205 -37.22 -14.16 -10.01
CA THR A 205 -36.42 -14.59 -11.15
C THR A 205 -35.75 -15.92 -10.80
N SER A 206 -34.80 -16.36 -11.61
CA SER A 206 -34.03 -17.55 -11.27
C SER A 206 -33.13 -17.31 -10.06
N THR A 207 -32.82 -16.05 -9.74
CA THR A 207 -31.94 -15.73 -8.62
C THR A 207 -32.56 -14.78 -7.60
N LEU A 208 -33.73 -14.21 -7.87
CA LEU A 208 -34.34 -13.21 -7.01
C LEU A 208 -35.66 -13.73 -6.45
N ASN A 209 -35.82 -13.63 -5.14
CA ASN A 209 -37.06 -14.00 -4.46
C ASN A 209 -37.37 -12.89 -3.46
N GLN A 210 -38.09 -11.86 -3.93
CA GLN A 210 -38.32 -10.64 -3.17
C GLN A 210 -39.81 -10.47 -2.88
N ARG A 211 -40.11 -10.04 -1.65
CA ARG A 211 -41.47 -9.69 -1.26
C ARG A 211 -41.45 -8.34 -0.56
N LEU A 212 -42.30 -7.43 -1.03
CA LEU A 212 -42.34 -6.06 -0.53
C LEU A 212 -43.74 -5.74 -0.01
N VAL A 213 -43.80 -5.07 1.14
CA VAL A 213 -45.07 -4.67 1.74
C VAL A 213 -45.01 -3.17 2.03
N PRO A 214 -46.07 -2.42 1.72
CA PRO A 214 -46.06 -0.98 2.02
C PRO A 214 -45.97 -0.70 3.51
N LYS A 215 -45.30 0.40 3.84
CA LYS A 215 -45.14 0.86 5.22
C LYS A 215 -45.93 2.17 5.37
N ILE A 216 -47.17 2.05 5.82
CA ILE A 216 -47.99 3.23 6.10
C ILE A 216 -47.46 3.86 7.38
N ALA A 217 -47.06 5.13 7.30
CA ALA A 217 -46.53 5.84 8.46
C ALA A 217 -46.53 7.33 8.15
N THR A 218 -46.56 8.12 9.22
CA THR A 218 -46.47 9.57 9.09
C THR A 218 -45.01 9.97 8.88
N ARG A 219 -44.76 10.74 7.83
CA ARG A 219 -43.42 11.16 7.46
C ARG A 219 -43.42 12.66 7.16
N SER A 220 -42.22 13.23 7.09
CA SER A 220 -42.07 14.64 6.77
C SER A 220 -42.19 14.86 5.27
N GLN A 221 -42.76 16.00 4.89
CA GLN A 221 -42.95 16.32 3.48
C GLN A 221 -41.61 16.52 2.79
N VAL A 222 -41.42 15.85 1.66
CA VAL A 222 -40.28 16.06 0.78
C VAL A 222 -40.81 16.28 -0.62
N ASN A 223 -40.40 17.39 -1.24
CA ASN A 223 -40.96 17.83 -2.53
C ASN A 223 -42.48 17.90 -2.45
N GLY A 224 -42.99 18.29 -1.29
CA GLY A 224 -44.40 18.51 -1.09
C GLY A 224 -45.23 17.29 -0.76
N LEU A 225 -44.61 16.15 -0.51
CA LEU A 225 -45.35 14.91 -0.32
C LEU A 225 -44.79 14.09 0.83
N ARG A 226 -45.69 13.56 1.66
CA ARG A 226 -45.30 12.66 2.73
C ARG A 226 -45.13 11.22 2.25
N GLY A 227 -45.70 10.87 1.10
CA GLY A 227 -45.53 9.53 0.56
C GLY A 227 -44.12 9.29 0.06
N ARG A 228 -43.81 8.01 -0.13
CA ARG A 228 -42.47 7.60 -0.54
C ARG A 228 -42.58 6.51 -1.61
N MET A 229 -41.52 6.38 -2.40
CA MET A 229 -41.40 5.30 -3.38
C MET A 229 -40.00 4.73 -3.32
N ASP A 230 -39.91 3.43 -3.04
CA ASP A 230 -38.64 2.72 -3.01
C ASP A 230 -38.50 1.92 -4.30
N PHE A 231 -37.46 2.21 -5.06
CA PHE A 231 -37.23 1.56 -6.34
C PHE A 231 -36.15 0.50 -6.22
N PHE A 232 -36.30 -0.57 -7.01
CA PHE A 232 -35.41 -1.72 -6.98
C PHE A 232 -35.03 -2.08 -8.41
N TRP A 233 -33.92 -2.80 -8.55
CA TRP A 233 -33.44 -3.20 -9.86
C TRP A 233 -32.86 -4.60 -9.80
N THR A 234 -32.83 -5.24 -10.97
CA THR A 234 -32.17 -6.53 -11.14
C THR A 234 -31.65 -6.60 -12.57
N ILE A 235 -30.65 -7.44 -12.77
CA ILE A 235 -30.10 -7.72 -14.09
C ILE A 235 -30.68 -9.06 -14.56
N LEU A 236 -31.51 -9.02 -15.59
CA LEU A 236 -32.17 -10.22 -16.09
C LEU A 236 -31.30 -10.85 -17.18
N LYS A 237 -30.80 -12.05 -16.91
CA LYS A 237 -29.96 -12.75 -17.86
C LYS A 237 -30.78 -13.26 -19.04
N PRO A 238 -30.14 -13.48 -20.19
CA PRO A 238 -30.87 -14.01 -21.35
C PRO A 238 -31.48 -15.36 -21.04
N ASN A 239 -32.65 -15.61 -21.63
CA ASN A 239 -33.45 -16.82 -21.50
C ASN A 239 -34.07 -16.99 -20.11
N ASP A 240 -33.84 -16.05 -19.20
CA ASP A 240 -34.45 -16.07 -17.89
C ASP A 240 -35.67 -15.15 -17.87
N ALA A 241 -36.61 -15.47 -16.98
CA ALA A 241 -37.86 -14.72 -16.87
C ALA A 241 -37.96 -14.06 -15.50
N ILE A 242 -38.68 -12.95 -15.45
CA ILE A 242 -39.00 -12.26 -14.21
C ILE A 242 -40.50 -12.32 -14.00
N HIS A 243 -40.93 -12.66 -12.79
CA HIS A 243 -42.34 -12.86 -12.48
C HIS A 243 -42.77 -11.83 -11.45
N PHE A 244 -43.81 -11.06 -11.78
CA PHE A 244 -44.37 -10.05 -10.90
C PHE A 244 -45.76 -10.48 -10.43
N GLU A 245 -46.01 -10.30 -9.14
CA GLU A 245 -47.35 -10.48 -8.59
C GLU A 245 -47.59 -9.41 -7.53
N SER A 246 -48.71 -8.71 -7.64
CA SER A 246 -49.02 -7.62 -6.73
C SER A 246 -50.50 -7.35 -6.74
N ASN A 247 -51.00 -6.77 -5.64
CA ASN A 247 -52.39 -6.35 -5.54
C ASN A 247 -52.50 -4.90 -5.07
N GLY A 248 -51.48 -4.10 -5.30
CA GLY A 248 -51.51 -2.68 -4.95
C GLY A 248 -50.13 -2.13 -4.72
N ASN A 249 -50.03 -0.80 -4.78
CA ASN A 249 -48.79 -0.07 -4.49
C ASN A 249 -47.66 -0.46 -5.42
N PHE A 250 -47.98 -0.90 -6.62
CA PHE A 250 -47.00 -1.42 -7.57
C PHE A 250 -46.63 -0.34 -8.58
N ILE A 251 -45.34 -0.04 -8.68
CA ILE A 251 -44.81 0.86 -9.71
C ILE A 251 -44.24 -0.06 -10.78
N ALA A 252 -45.07 -0.40 -11.76
CA ALA A 252 -44.76 -1.44 -12.74
C ALA A 252 -43.77 -0.92 -13.78
N PRO A 253 -42.81 -1.75 -14.19
CA PRO A 253 -41.89 -1.34 -15.25
C PRO A 253 -42.59 -1.28 -16.60
N GLU A 254 -42.15 -0.32 -17.42
CA GLU A 254 -42.55 -0.22 -18.81
C GLU A 254 -41.38 -0.34 -19.76
N TYR A 255 -40.28 0.37 -19.50
CA TYR A 255 -39.08 0.31 -20.31
C TYR A 255 -37.94 -0.34 -19.51
N ALA A 256 -37.09 -1.06 -20.22
CA ALA A 256 -35.89 -1.66 -19.66
C ALA A 256 -34.70 -1.27 -20.53
N TYR A 257 -33.52 -1.77 -20.17
CA TYR A 257 -32.28 -1.38 -20.83
C TYR A 257 -31.46 -2.61 -21.16
N LYS A 258 -31.17 -2.81 -22.44
CA LYS A 258 -30.23 -3.85 -22.85
C LYS A 258 -28.83 -3.43 -22.44
N ILE A 259 -28.12 -4.32 -21.75
CA ILE A 259 -26.85 -3.99 -21.12
C ILE A 259 -25.81 -5.02 -21.54
N VAL A 260 -24.67 -4.54 -22.04
CA VAL A 260 -23.47 -5.34 -22.21
C VAL A 260 -22.34 -4.63 -21.49
N LYS A 261 -21.74 -5.30 -20.51
CA LYS A 261 -20.67 -4.72 -19.71
C LYS A 261 -19.42 -5.57 -19.85
N LYS A 262 -18.32 -4.94 -20.24
CA LYS A 262 -17.04 -5.63 -20.40
C LYS A 262 -15.94 -5.15 -19.47
N GLY A 263 -16.16 -4.06 -18.73
CA GLY A 263 -15.14 -3.54 -17.84
C GLY A 263 -15.73 -2.57 -16.86
N ASP A 264 -14.90 -2.16 -15.90
CA ASP A 264 -15.34 -1.32 -14.80
C ASP A 264 -14.64 0.03 -14.84
N SER A 265 -15.32 1.03 -14.29
CA SER A 265 -14.83 2.41 -14.21
C SER A 265 -15.42 3.02 -12.94
N THR A 266 -15.40 4.34 -12.85
CA THR A 266 -16.00 5.03 -11.71
C THR A 266 -16.74 6.26 -12.20
N ILE A 267 -17.55 6.83 -11.32
CA ILE A 267 -18.26 8.08 -11.60
C ILE A 267 -17.33 9.24 -11.27
N MET A 268 -17.21 10.18 -12.19
CA MET A 268 -16.39 11.38 -12.01
C MET A 268 -17.29 12.58 -11.78
N LYS A 269 -16.98 13.36 -10.75
CA LYS A 269 -17.70 14.58 -10.44
C LYS A 269 -16.87 15.77 -10.90
N SER A 270 -17.37 16.49 -11.91
CA SER A 270 -16.63 17.60 -12.49
C SER A 270 -17.61 18.52 -13.21
N GLY A 271 -17.31 19.82 -13.19
CA GLY A 271 -18.08 20.83 -13.90
C GLY A 271 -17.44 21.32 -15.18
N VAL A 272 -16.24 20.86 -15.51
CA VAL A 272 -15.55 21.25 -16.73
C VAL A 272 -16.35 20.76 -17.95
N GLU A 273 -16.06 21.36 -19.11
CA GLU A 273 -16.74 21.05 -20.36
C GLU A 273 -16.03 19.94 -21.12
N TYR A 274 -16.80 19.25 -21.98
CA TYR A 274 -16.24 18.29 -22.91
C TYR A 274 -15.54 19.01 -24.06
N GLY A 275 -14.47 18.39 -24.58
CA GLY A 275 -13.62 19.09 -25.52
C GLY A 275 -13.19 18.35 -26.77
N HIS A 276 -13.85 17.24 -27.08
CA HIS A 276 -13.58 16.49 -28.32
C HIS A 276 -12.11 16.11 -28.44
N CYS A 277 -11.58 15.51 -27.37
CA CYS A 277 -10.18 15.13 -27.31
C CYS A 277 -10.08 13.68 -26.85
N ASN A 278 -8.86 13.14 -26.88
CA ASN A 278 -8.58 11.79 -26.44
C ASN A 278 -7.40 11.80 -25.48
N THR A 279 -7.44 10.91 -24.50
CA THR A 279 -6.38 10.84 -23.49
C THR A 279 -6.37 9.45 -22.89
N LYS A 280 -5.26 9.13 -22.21
CA LYS A 280 -5.14 7.90 -21.44
C LYS A 280 -5.30 8.11 -19.95
N CYS A 281 -5.46 9.36 -19.51
CA CYS A 281 -5.60 9.65 -18.09
C CYS A 281 -6.43 10.92 -17.93
N GLN A 282 -7.58 10.79 -17.28
CA GLN A 282 -8.52 11.89 -17.10
C GLN A 282 -8.65 12.23 -15.62
N THR A 283 -8.72 13.53 -15.34
CA THR A 283 -8.90 14.07 -14.00
C THR A 283 -10.09 15.02 -14.02
N PRO A 284 -10.70 15.28 -12.86
CA PRO A 284 -11.85 16.21 -12.83
C PRO A 284 -11.52 17.61 -13.32
N VAL A 285 -10.26 18.02 -13.30
CA VAL A 285 -9.87 19.34 -13.78
C VAL A 285 -9.34 19.34 -15.20
N GLY A 286 -9.07 18.18 -15.77
CA GLY A 286 -8.59 18.09 -17.13
C GLY A 286 -7.73 16.87 -17.34
N ALA A 287 -7.50 16.55 -18.60
CA ALA A 287 -6.68 15.42 -18.97
C ALA A 287 -5.20 15.75 -18.84
N ILE A 288 -4.40 14.73 -18.57
CA ILE A 288 -2.96 14.86 -18.47
C ILE A 288 -2.30 13.80 -19.34
N ASN A 289 -1.04 14.05 -19.71
CA ASN A 289 -0.26 13.08 -20.44
C ASN A 289 0.20 11.95 -19.51
N SER A 290 0.46 10.78 -20.09
CA SER A 290 0.84 9.59 -19.35
C SER A 290 2.30 9.21 -19.54
N SER A 291 3.10 10.08 -20.17
CA SER A 291 4.48 9.72 -20.44
C SER A 291 5.33 9.74 -19.18
N MET A 292 5.19 10.78 -18.36
CA MET A 292 6.02 10.90 -17.18
C MET A 292 5.61 9.88 -16.11
N PRO A 293 6.54 9.49 -15.23
CA PRO A 293 6.22 8.53 -14.17
C PRO A 293 5.50 9.12 -12.98
N PHE A 294 5.50 10.44 -12.81
CA PHE A 294 4.85 11.06 -11.67
C PHE A 294 4.06 12.28 -12.12
N HIS A 295 3.05 12.64 -11.32
CA HIS A 295 2.27 13.84 -11.56
C HIS A 295 1.76 14.35 -10.22
N ASN A 296 1.29 15.60 -10.22
CA ASN A 296 0.79 16.22 -8.99
C ASN A 296 -0.51 16.98 -9.24
N ILE A 297 -1.30 16.58 -10.24
CA ILE A 297 -2.45 17.37 -10.65
C ILE A 297 -3.66 17.08 -9.76
N HIS A 298 -4.10 15.82 -9.70
CA HIS A 298 -5.31 15.48 -8.96
C HIS A 298 -5.26 14.02 -8.56
N PRO A 299 -5.72 13.66 -7.37
CA PRO A 299 -5.71 12.23 -6.98
C PRO A 299 -6.83 11.41 -7.59
N LEU A 300 -7.89 12.03 -8.10
CA LEU A 300 -9.07 11.28 -8.59
C LEU A 300 -8.96 11.09 -10.11
N THR A 301 -8.08 10.18 -10.49
CA THR A 301 -7.78 9.93 -11.90
C THR A 301 -8.51 8.70 -12.40
N ILE A 302 -8.79 8.69 -13.71
CA ILE A 302 -9.29 7.51 -14.41
C ILE A 302 -8.39 7.28 -15.62
N GLY A 303 -7.88 6.06 -15.74
CA GLY A 303 -7.04 5.67 -16.86
C GLY A 303 -5.71 5.13 -16.39
N GLU A 304 -4.79 5.00 -17.35
CA GLU A 304 -3.41 4.63 -17.06
C GLU A 304 -2.64 5.93 -16.79
N CYS A 305 -2.26 6.14 -15.54
CA CYS A 305 -1.80 7.44 -15.08
C CYS A 305 -0.46 7.33 -14.38
N PRO A 306 0.30 8.42 -14.32
CA PRO A 306 1.50 8.45 -13.48
C PRO A 306 1.14 8.41 -12.01
N LYS A 307 2.12 8.00 -11.20
CA LYS A 307 1.91 7.95 -9.77
C LYS A 307 1.74 9.35 -9.20
N TYR A 308 0.68 9.55 -8.42
CA TYR A 308 0.38 10.85 -7.84
C TYR A 308 1.27 11.10 -6.64
N VAL A 309 1.98 12.23 -6.63
CA VAL A 309 2.92 12.58 -5.58
C VAL A 309 2.64 13.99 -5.10
N LYS A 310 3.09 14.27 -3.87
CA LYS A 310 2.97 15.60 -3.27
C LYS A 310 4.27 16.38 -3.47
N SER A 311 4.60 16.62 -4.74
CA SER A 311 5.85 17.28 -5.09
C SER A 311 5.59 18.32 -6.15
N ASN A 312 6.33 19.43 -6.08
CA ASN A 312 6.23 20.50 -7.07
C ASN A 312 7.37 20.51 -8.08
N LYS A 313 8.36 19.63 -7.91
CA LYS A 313 9.54 19.66 -8.76
C LYS A 313 10.27 18.33 -8.64
N LEU A 314 10.54 17.69 -9.80
CA LEU A 314 11.33 16.46 -9.87
C LEU A 314 12.24 16.59 -11.09
N VAL A 315 13.40 17.18 -10.89
CA VAL A 315 14.31 17.52 -11.99
C VAL A 315 15.56 16.66 -11.86
N LEU A 316 15.87 15.91 -12.91
CA LEU A 316 17.06 15.07 -12.97
C LEU A 316 18.20 15.83 -13.62
N ALA A 317 19.37 15.80 -13.02
CA ALA A 317 20.56 16.40 -13.61
C ALA A 317 21.10 15.46 -14.68
N THR A 318 21.17 15.96 -15.92
CA THR A 318 21.73 15.19 -17.02
C THR A 318 23.03 15.78 -17.58
N GLY A 319 23.31 17.05 -17.31
CA GLY A 319 24.52 17.69 -17.78
C GLY A 319 25.56 17.84 -16.69
N LEU A 320 26.60 18.60 -17.01
CA LEU A 320 27.68 18.83 -16.06
C LEU A 320 27.33 19.95 -15.09
N ARG A 321 28.06 20.01 -13.99
CA ARG A 321 27.96 21.15 -13.08
C ARG A 321 28.46 22.41 -13.79
N ASN A 322 27.79 23.53 -13.55
CA ASN A 322 28.07 24.77 -14.26
C ASN A 322 28.41 25.88 -13.28
N SER A 323 29.40 26.68 -13.64
CA SER A 323 29.83 27.80 -12.80
C SER A 323 30.25 28.99 -13.66
N ILE B 6 38.34 19.87 -11.06
CA ILE B 6 37.18 19.15 -10.52
C ILE B 6 37.48 18.66 -9.09
N ALA B 7 38.39 17.69 -8.98
CA ALA B 7 38.76 17.12 -7.68
C ALA B 7 39.83 17.99 -7.01
N GLY B 8 39.45 19.24 -6.73
CA GLY B 8 40.40 20.21 -6.25
C GLY B 8 41.53 20.48 -7.22
N PHE B 9 41.34 20.14 -8.49
CA PHE B 9 42.41 20.12 -9.47
C PHE B 9 42.20 21.15 -10.58
N ILE B 10 41.07 21.09 -11.28
CA ILE B 10 40.79 21.94 -12.43
C ILE B 10 39.74 22.96 -12.01
N GLU B 11 40.03 24.25 -12.24
CA GLU B 11 39.03 25.27 -12.00
C GLU B 11 37.78 25.01 -12.82
N GLY B 12 37.95 24.64 -14.08
CA GLY B 12 36.88 24.07 -14.86
C GLY B 12 35.98 25.11 -15.50
N GLY B 13 35.29 24.69 -16.56
CA GLY B 13 34.40 25.54 -17.29
C GLY B 13 35.02 26.07 -18.57
N TRP B 14 34.70 25.43 -19.68
CA TRP B 14 35.18 25.83 -21.00
C TRP B 14 33.98 26.21 -21.86
N GLN B 15 33.69 27.52 -21.92
CA GLN B 15 32.67 28.00 -22.83
C GLN B 15 33.06 27.72 -24.28
N GLY B 16 34.36 27.74 -24.57
CA GLY B 16 34.81 27.47 -25.92
C GLY B 16 34.51 26.06 -26.38
N MET B 17 34.58 25.10 -25.46
CA MET B 17 34.24 23.72 -25.76
C MET B 17 32.72 23.58 -25.89
N VAL B 18 32.26 23.26 -27.09
CA VAL B 18 30.82 23.21 -27.35
C VAL B 18 30.47 21.90 -28.07
N ASP B 19 31.49 21.15 -28.47
CA ASP B 19 31.28 19.94 -29.26
C ASP B 19 31.37 18.65 -28.44
N GLY B 20 31.57 18.75 -27.12
CA GLY B 20 31.65 17.56 -26.31
C GLY B 20 31.62 17.91 -24.83
N TRP B 21 31.36 16.88 -24.02
CA TRP B 21 31.36 17.05 -22.57
C TRP B 21 32.77 17.15 -22.00
N TYR B 22 33.67 16.27 -22.45
CA TYR B 22 35.05 16.26 -21.99
C TYR B 22 36.00 16.29 -23.17
N GLY B 23 37.22 16.73 -22.92
CA GLY B 23 38.20 16.83 -23.99
C GLY B 23 39.37 17.71 -23.58
N TYR B 24 40.03 18.28 -24.59
CA TYR B 24 41.35 18.88 -24.41
C TYR B 24 41.40 20.30 -24.98
N HIS B 25 42.45 21.01 -24.57
CA HIS B 25 42.88 22.25 -25.20
C HIS B 25 44.40 22.21 -25.32
N HIS B 26 44.91 22.61 -26.49
CA HIS B 26 46.34 22.55 -26.76
C HIS B 26 46.83 23.92 -27.21
N SER B 27 48.16 24.07 -27.22
CA SER B 27 48.79 25.32 -27.64
C SER B 27 50.23 25.01 -27.99
N ASN B 28 50.63 25.28 -29.23
CA ASN B 28 52.00 25.04 -29.66
C ASN B 28 52.36 26.08 -30.71
N GLU B 29 53.45 25.84 -31.45
CA GLU B 29 53.87 26.78 -32.48
C GLU B 29 52.84 26.89 -33.59
N GLN B 30 52.21 25.77 -33.97
CA GLN B 30 51.21 25.78 -35.02
C GLN B 30 49.93 26.51 -34.61
N GLY B 31 49.72 26.74 -33.32
CA GLY B 31 48.56 27.46 -32.85
C GLY B 31 47.94 26.77 -31.66
N SER B 32 46.68 27.10 -31.39
CA SER B 32 45.94 26.56 -30.27
C SER B 32 44.53 26.21 -30.72
N GLY B 33 43.82 25.48 -29.87
CA GLY B 33 42.44 25.13 -30.16
C GLY B 33 41.94 24.09 -29.18
N TYR B 34 40.63 23.86 -29.26
CA TYR B 34 39.94 22.87 -28.44
C TYR B 34 39.67 21.61 -29.24
N ALA B 35 39.59 20.48 -28.53
CA ALA B 35 39.28 19.20 -29.15
C ALA B 35 38.56 18.34 -28.12
N ALA B 36 37.32 17.98 -28.41
CA ALA B 36 36.54 17.14 -27.50
C ALA B 36 36.99 15.69 -27.62
N ASP B 37 37.04 15.01 -26.48
CA ASP B 37 37.33 13.58 -26.45
C ASP B 37 36.02 12.85 -26.78
N LYS B 38 35.90 12.42 -28.03
CA LYS B 38 34.63 11.84 -28.50
C LYS B 38 34.32 10.54 -27.78
N GLU B 39 35.33 9.78 -27.36
CA GLU B 39 35.08 8.51 -26.70
C GLU B 39 34.38 8.71 -25.37
N SER B 40 34.99 9.47 -24.45
CA SER B 40 34.43 9.65 -23.12
C SER B 40 33.07 10.34 -23.19
N THR B 41 32.92 11.31 -24.08
CA THR B 41 31.65 12.02 -24.21
C THR B 41 30.52 11.07 -24.61
N GLN B 42 30.79 10.18 -25.58
CA GLN B 42 29.75 9.29 -26.07
C GLN B 42 29.34 8.27 -25.01
N LYS B 43 30.32 7.74 -24.27
CA LYS B 43 30.01 6.78 -23.21
C LYS B 43 29.22 7.45 -22.09
N ALA B 44 29.58 8.69 -21.74
CA ALA B 44 28.83 9.42 -20.73
C ALA B 44 27.43 9.76 -21.21
N ILE B 45 27.31 10.21 -22.47
CA ILE B 45 25.99 10.54 -23.01
C ILE B 45 25.11 9.29 -23.08
N ASP B 46 25.66 8.18 -23.54
CA ASP B 46 24.90 6.94 -23.58
C ASP B 46 24.54 6.47 -22.18
N GLY B 47 25.49 6.58 -21.24
CA GLY B 47 25.19 6.16 -19.88
C GLY B 47 24.12 7.00 -19.21
N VAL B 48 24.25 8.33 -19.31
CA VAL B 48 23.27 9.21 -18.69
C VAL B 48 21.89 9.02 -19.32
N THR B 49 21.85 8.91 -20.66
CA THR B 49 20.58 8.68 -21.34
C THR B 49 19.91 7.40 -20.83
N ASN B 50 20.71 6.36 -20.57
CA ASN B 50 20.14 5.12 -20.04
C ASN B 50 19.54 5.35 -18.66
N LYS B 51 20.21 6.13 -17.81
CA LYS B 51 19.70 6.37 -16.46
C LYS B 51 18.36 7.08 -16.49
N VAL B 52 18.23 8.12 -17.31
CA VAL B 52 16.97 8.85 -17.39
C VAL B 52 15.86 7.95 -17.91
N ASN B 53 16.16 7.16 -18.94
CA ASN B 53 15.17 6.24 -19.48
C ASN B 53 14.79 5.18 -18.45
N SER B 54 15.77 4.63 -17.73
CA SER B 54 15.50 3.58 -16.76
C SER B 54 14.61 4.10 -15.62
N ILE B 55 14.88 5.31 -15.15
CA ILE B 55 14.03 5.89 -14.11
C ILE B 55 12.60 6.08 -14.62
N ILE B 56 12.44 6.29 -15.92
CA ILE B 56 11.12 6.49 -16.51
C ILE B 56 10.52 5.18 -17.01
N ASP B 57 11.30 4.37 -17.73
CA ASP B 57 10.73 3.17 -18.35
C ASP B 57 10.31 2.13 -17.32
N LYS B 58 11.08 1.97 -16.24
CA LYS B 58 10.83 0.87 -15.31
C LYS B 58 9.52 1.02 -14.54
N MET B 59 8.86 2.18 -14.61
CA MET B 59 7.59 2.35 -13.91
C MET B 59 6.49 1.60 -14.63
N ASN B 60 5.78 0.74 -13.88
CA ASN B 60 4.64 0.01 -14.41
C ASN B 60 3.36 0.75 -14.05
N THR B 61 2.54 1.02 -15.07
CA THR B 61 1.26 1.71 -14.88
C THR B 61 0.16 0.86 -15.50
N GLN B 62 -0.92 0.66 -14.74
CA GLN B 62 -2.09 -0.06 -15.21
C GLN B 62 -3.32 0.83 -15.07
N PHE B 63 -4.42 0.40 -15.69
CA PHE B 63 -5.66 1.16 -15.63
C PHE B 63 -6.23 1.13 -14.22
N GLU B 64 -6.61 2.30 -13.72
CA GLU B 64 -7.29 2.40 -12.43
C GLU B 64 -8.34 3.51 -12.54
N ALA B 65 -9.44 3.33 -11.79
CA ALA B 65 -10.50 4.32 -11.70
C ALA B 65 -10.68 4.69 -10.23
N VAL B 66 -10.37 5.93 -9.88
CA VAL B 66 -10.44 6.41 -8.51
C VAL B 66 -11.64 7.34 -8.40
N GLY B 67 -12.60 6.98 -7.55
CA GLY B 67 -13.77 7.80 -7.29
C GLY B 67 -14.17 7.78 -5.83
N ARG B 68 -15.32 8.39 -5.52
CA ARG B 68 -15.86 8.42 -4.16
C ARG B 68 -17.23 7.77 -4.21
N GLU B 69 -17.28 6.46 -3.97
CA GLU B 69 -18.44 5.63 -4.23
C GLU B 69 -19.00 5.00 -2.95
N PHE B 70 -18.93 5.72 -1.83
CA PHE B 70 -19.41 5.18 -0.57
C PHE B 70 -20.33 6.18 0.11
N ASN B 71 -21.50 5.71 0.53
CA ASN B 71 -22.53 6.56 1.11
C ASN B 71 -22.21 6.88 2.56
N ASN B 72 -23.14 7.56 3.24
CA ASN B 72 -22.91 8.08 4.59
C ASN B 72 -22.87 7.00 5.66
N LEU B 73 -23.31 5.77 5.35
CA LEU B 73 -23.23 4.67 6.29
C LEU B 73 -22.14 3.66 5.91
N GLU B 74 -21.19 4.08 5.09
CA GLU B 74 -20.01 3.28 4.76
C GLU B 74 -18.74 4.07 5.05
N ARG B 75 -18.77 4.89 6.10
CA ARG B 75 -17.64 5.76 6.43
C ARG B 75 -16.41 4.96 6.85
N ARG B 76 -16.62 3.81 7.50
CA ARG B 76 -15.49 2.96 7.87
C ARG B 76 -14.77 2.43 6.63
N ILE B 77 -15.53 2.09 5.59
CA ILE B 77 -14.92 1.66 4.33
C ILE B 77 -14.22 2.83 3.65
N GLU B 78 -14.84 4.00 3.66
CA GLU B 78 -14.24 5.18 3.03
C GLU B 78 -12.94 5.54 3.73
N ASN B 79 -12.91 5.47 5.07
CA ASN B 79 -11.67 5.72 5.79
C ASN B 79 -10.61 4.69 5.46
N LEU B 80 -11.01 3.44 5.18
CA LEU B 80 -10.07 2.42 4.73
C LEU B 80 -9.44 2.81 3.40
N ASN B 81 -10.27 3.29 2.46
CA ASN B 81 -9.75 3.75 1.17
C ASN B 81 -8.86 4.97 1.34
N LYS B 82 -9.24 5.90 2.23
CA LYS B 82 -8.43 7.09 2.47
C LYS B 82 -7.06 6.72 3.00
N LYS B 83 -7.00 5.76 3.93
CA LYS B 83 -5.70 5.34 4.46
C LYS B 83 -4.85 4.70 3.38
N MET B 84 -5.47 3.95 2.47
CA MET B 84 -4.72 3.32 1.38
C MET B 84 -4.17 4.37 0.40
N GLU B 85 -4.99 5.34 0.02
CA GLU B 85 -4.54 6.36 -0.92
C GLU B 85 -3.40 7.20 -0.32
N ASP B 86 -3.56 7.61 0.94
CA ASP B 86 -2.54 8.44 1.57
C ASP B 86 -1.25 7.65 1.77
N GLY B 87 -1.35 6.35 2.07
CA GLY B 87 -0.15 5.54 2.22
C GLY B 87 0.66 5.46 0.94
N PHE B 88 -0.02 5.23 -0.19
CA PHE B 88 0.67 5.20 -1.47
C PHE B 88 1.17 6.58 -1.88
N LEU B 89 0.44 7.63 -1.50
CA LEU B 89 0.91 9.00 -1.76
C LEU B 89 2.23 9.26 -1.06
N ASP B 90 2.36 8.78 0.18
CA ASP B 90 3.57 9.01 0.93
C ASP B 90 4.73 8.16 0.42
N VAL B 91 4.45 6.90 0.06
CA VAL B 91 5.51 6.03 -0.44
C VAL B 91 6.11 6.59 -1.72
N TRP B 92 5.27 6.99 -2.67
CA TRP B 92 5.78 7.50 -3.95
C TRP B 92 6.46 8.84 -3.77
N THR B 93 5.87 9.74 -2.98
CA THR B 93 6.45 11.06 -2.80
C THR B 93 7.83 10.97 -2.14
N TYR B 94 7.95 10.13 -1.10
CA TYR B 94 9.23 9.99 -0.42
C TYR B 94 10.27 9.32 -1.32
N ASN B 95 9.87 8.24 -1.99
CA ASN B 95 10.82 7.51 -2.84
C ASN B 95 11.27 8.37 -4.02
N ALA B 96 10.33 9.06 -4.67
CA ALA B 96 10.69 9.87 -5.84
C ALA B 96 11.61 11.02 -5.45
N GLU B 97 11.32 11.70 -4.33
CA GLU B 97 12.15 12.82 -3.91
C GLU B 97 13.57 12.37 -3.58
N LEU B 98 13.70 11.24 -2.88
CA LEU B 98 15.03 10.77 -2.46
C LEU B 98 15.81 10.14 -3.61
N LEU B 99 15.12 9.47 -4.54
CA LEU B 99 15.80 8.90 -5.69
C LEU B 99 16.41 9.99 -6.56
N VAL B 100 15.68 11.08 -6.78
CA VAL B 100 16.20 12.20 -7.56
C VAL B 100 17.41 12.81 -6.87
N LEU B 101 17.33 13.02 -5.56
CA LEU B 101 18.46 13.59 -4.83
C LEU B 101 19.67 12.67 -4.89
N MET B 102 19.46 11.37 -4.73
CA MET B 102 20.56 10.41 -4.75
C MET B 102 21.19 10.32 -6.14
N GLU B 103 20.35 10.18 -7.18
CA GLU B 103 20.88 10.02 -8.53
C GLU B 103 21.50 11.31 -9.06
N ASN B 104 20.98 12.47 -8.67
CA ASN B 104 21.62 13.72 -9.06
C ASN B 104 23.02 13.83 -8.47
N GLU B 105 23.20 13.34 -7.23
CA GLU B 105 24.52 13.32 -6.63
C GLU B 105 25.46 12.40 -7.41
N ARG B 106 24.98 11.22 -7.79
CA ARG B 106 25.85 10.26 -8.48
C ARG B 106 26.17 10.73 -9.89
N THR B 107 25.21 11.35 -10.58
CA THR B 107 25.45 11.82 -11.93
C THR B 107 26.54 12.89 -11.96
N LEU B 108 26.50 13.82 -11.01
CA LEU B 108 27.52 14.86 -10.95
C LEU B 108 28.88 14.30 -10.54
N ASP B 109 28.89 13.36 -9.59
CA ASP B 109 30.12 12.65 -9.28
C ASP B 109 30.61 11.84 -10.47
N PHE B 110 29.68 11.31 -11.27
CA PHE B 110 30.06 10.55 -12.46
C PHE B 110 30.81 11.43 -13.45
N HIS B 111 30.34 12.68 -13.64
CA HIS B 111 31.02 13.60 -14.54
C HIS B 111 32.42 13.92 -14.04
N ASP B 112 32.57 14.13 -12.73
CA ASP B 112 33.90 14.40 -12.17
C ASP B 112 34.83 13.22 -12.36
N SER B 113 34.30 12.00 -12.17
CA SER B 113 35.13 10.81 -12.33
C SER B 113 35.69 10.70 -13.75
N ASN B 114 34.89 11.09 -14.76
CA ASN B 114 35.33 10.97 -16.13
C ASN B 114 36.45 11.95 -16.45
N VAL B 115 36.34 13.19 -15.99
CA VAL B 115 37.38 14.19 -16.26
C VAL B 115 38.68 13.81 -15.56
N LYS B 116 38.58 13.28 -14.35
CA LYS B 116 39.78 12.86 -13.62
C LYS B 116 40.50 11.72 -14.32
N ASN B 117 39.74 10.74 -14.82
CA ASN B 117 40.34 9.63 -15.55
C ASN B 117 41.00 10.12 -16.84
N LEU B 118 40.36 11.07 -17.53
CA LEU B 118 40.94 11.62 -18.75
C LEU B 118 42.28 12.30 -18.47
N TYR B 119 42.36 13.04 -17.35
CA TYR B 119 43.62 13.65 -16.96
C TYR B 119 44.67 12.59 -16.65
N ASP B 120 44.25 11.49 -15.99
CA ASP B 120 45.21 10.45 -15.63
C ASP B 120 45.76 9.73 -16.85
N LYS B 121 44.92 9.54 -17.89
CA LYS B 121 45.41 8.86 -19.08
C LYS B 121 46.46 9.68 -19.80
N VAL B 122 46.29 11.00 -19.85
CA VAL B 122 47.32 11.85 -20.45
C VAL B 122 48.59 11.84 -19.61
N ARG B 123 48.44 11.95 -18.29
CA ARG B 123 49.59 11.90 -17.40
C ARG B 123 50.30 10.56 -17.49
N LEU B 124 49.53 9.48 -17.64
CA LEU B 124 50.12 8.16 -17.78
C LEU B 124 50.99 8.06 -19.03
N GLN B 125 50.58 8.74 -20.11
CA GLN B 125 51.37 8.70 -21.34
C GLN B 125 52.64 9.54 -21.21
N LEU B 126 52.50 10.79 -20.77
CA LEU B 126 53.61 11.74 -20.89
C LEU B 126 54.73 11.42 -19.91
N ARG B 127 54.39 11.18 -18.65
CA ARG B 127 55.36 10.87 -17.59
C ARG B 127 56.35 12.02 -17.49
N ASP B 128 57.66 11.78 -17.53
CA ASP B 128 58.66 12.84 -17.34
C ASP B 128 58.89 13.68 -18.59
N ASN B 129 58.27 13.34 -19.72
CA ASN B 129 58.39 14.18 -20.91
C ASN B 129 57.61 15.48 -20.79
N ALA B 130 56.74 15.62 -19.79
CA ALA B 130 55.97 16.83 -19.59
C ALA B 130 55.86 17.11 -18.10
N LYS B 131 55.54 18.37 -17.79
CA LYS B 131 55.48 18.87 -16.41
C LYS B 131 54.04 19.17 -16.06
N GLU B 132 53.56 18.58 -14.96
CA GLU B 132 52.22 18.90 -14.48
C GLU B 132 52.22 20.30 -13.86
N LEU B 133 51.30 21.14 -14.33
CA LEU B 133 51.22 22.51 -13.85
C LEU B 133 50.29 22.68 -12.66
N GLY B 134 49.59 21.63 -12.25
CA GLY B 134 48.72 21.68 -11.09
C GLY B 134 47.34 22.23 -11.34
N ASN B 135 46.99 22.59 -12.58
CA ASN B 135 45.68 23.13 -12.90
C ASN B 135 44.97 22.31 -13.98
N GLY B 136 45.42 21.08 -14.22
CA GLY B 136 44.88 20.27 -15.29
C GLY B 136 45.64 20.38 -16.59
N CYS B 137 46.70 21.16 -16.65
CA CYS B 137 47.49 21.35 -17.86
C CYS B 137 48.85 20.68 -17.71
N PHE B 138 49.40 20.23 -18.84
CA PHE B 138 50.74 19.68 -18.92
C PHE B 138 51.59 20.57 -19.81
N GLU B 139 52.83 20.81 -19.42
CA GLU B 139 53.77 21.58 -20.22
C GLU B 139 54.83 20.64 -20.75
N PHE B 140 54.90 20.52 -22.08
CA PHE B 140 55.83 19.58 -22.70
C PHE B 140 57.26 20.05 -22.56
N TYR B 141 58.17 19.09 -22.35
CA TYR B 141 59.60 19.36 -22.32
C TYR B 141 60.25 19.25 -23.69
N HIS B 142 59.46 19.05 -24.74
CA HIS B 142 59.97 18.97 -26.10
C HIS B 142 59.00 19.67 -27.05
N LYS B 143 59.30 19.61 -28.33
CA LYS B 143 58.44 20.20 -29.36
C LYS B 143 57.38 19.18 -29.76
N CYS B 144 56.12 19.51 -29.48
CA CYS B 144 54.99 18.62 -29.77
C CYS B 144 54.10 19.30 -30.81
N ASP B 145 54.17 18.82 -32.04
CA ASP B 145 53.38 19.38 -33.12
C ASP B 145 51.96 18.83 -33.06
N ASN B 146 51.13 19.23 -34.04
CA ASN B 146 49.73 18.81 -34.04
C ASN B 146 49.60 17.30 -34.18
N GLU B 147 50.49 16.68 -34.96
CA GLU B 147 50.50 15.22 -35.04
C GLU B 147 50.83 14.60 -33.70
N CYS B 148 51.79 15.18 -32.98
CA CYS B 148 52.10 14.71 -31.63
C CYS B 148 50.92 14.90 -30.68
N MET B 149 50.22 16.04 -30.80
CA MET B 149 49.08 16.31 -29.93
C MET B 149 47.97 15.29 -30.13
N GLU B 150 47.73 14.88 -31.38
CA GLU B 150 46.72 13.88 -31.67
C GLU B 150 47.03 12.56 -30.95
N SER B 151 48.29 12.13 -31.01
CA SER B 151 48.69 10.88 -30.36
C SER B 151 48.38 10.91 -28.87
N VAL B 152 48.55 12.07 -28.23
CA VAL B 152 48.15 12.21 -26.84
C VAL B 152 46.64 12.09 -26.70
N ARG B 153 45.89 12.78 -27.56
CA ARG B 153 44.43 12.68 -27.52
C ARG B 153 43.97 11.28 -27.88
N ASN B 154 44.63 10.65 -28.85
CA ASN B 154 44.30 9.28 -29.25
C ASN B 154 44.77 8.25 -28.22
N GLY B 155 45.57 8.65 -27.24
CA GLY B 155 46.07 7.72 -26.25
C GLY B 155 47.23 6.88 -26.71
N THR B 156 47.91 7.29 -27.78
CA THR B 156 49.00 6.52 -28.38
C THR B 156 50.26 7.38 -28.51
N TYR B 157 50.55 8.16 -27.47
CA TYR B 157 51.72 9.02 -27.46
C TYR B 157 53.00 8.18 -27.49
N ASP B 158 53.96 8.62 -28.32
CA ASP B 158 55.22 7.89 -28.51
C ASP B 158 56.25 8.46 -27.54
N TYR B 159 56.31 7.88 -26.34
CA TYR B 159 57.26 8.34 -25.34
C TYR B 159 58.72 8.15 -25.76
N PRO B 160 59.15 6.99 -26.29
CA PRO B 160 60.58 6.85 -26.63
C PRO B 160 61.05 7.84 -27.69
N GLN B 161 60.14 8.34 -28.52
CA GLN B 161 60.53 9.26 -29.58
C GLN B 161 61.13 10.55 -29.02
N TYR B 162 60.56 11.06 -27.93
CA TYR B 162 60.94 12.35 -27.39
C TYR B 162 61.66 12.29 -26.05
N SER B 163 61.94 11.08 -25.53
CA SER B 163 62.48 10.97 -24.19
C SER B 163 63.86 11.62 -24.09
N GLU B 164 64.73 11.38 -25.09
CA GLU B 164 66.07 11.92 -25.05
C GLU B 164 66.05 13.45 -25.13
N GLU B 165 65.24 14.01 -26.04
CA GLU B 165 65.16 15.46 -26.17
C GLU B 165 64.54 16.10 -24.93
N ALA B 166 63.53 15.44 -24.35
CA ALA B 166 62.89 15.98 -23.15
C ALA B 166 63.87 16.01 -21.97
N ARG B 167 64.68 14.96 -21.81
CA ARG B 167 65.64 14.91 -20.72
C ARG B 167 66.65 16.06 -20.83
N LEU B 168 67.11 16.34 -22.05
CA LEU B 168 68.05 17.46 -22.24
C LEU B 168 67.42 18.78 -21.85
N LYS B 169 66.17 19.02 -22.24
CA LYS B 169 65.51 20.27 -21.91
C LYS B 169 65.27 20.41 -20.40
N ARG B 170 65.12 19.28 -19.70
CA ARG B 170 64.94 19.33 -18.25
C ARG B 170 66.17 19.91 -17.56
N GLU B 171 67.35 19.36 -17.87
CA GLU B 171 68.58 19.80 -17.21
C GLU B 171 69.04 21.17 -17.70
N GLU B 172 68.53 21.65 -18.82
CA GLU B 172 68.80 23.01 -19.26
C GLU B 172 67.94 24.04 -18.53
N ILE B 173 67.14 23.61 -17.55
CA ILE B 173 66.32 24.50 -16.77
C ILE B 173 66.76 24.46 -15.31
N SER B 174 66.70 23.28 -14.69
CA SER B 174 67.10 23.12 -13.30
C SER B 174 68.44 22.41 -13.19
N ASP C 1 68.84 -9.92 -18.90
CA ASP C 1 69.12 -8.73 -19.70
C ASP C 1 67.87 -7.83 -19.90
N PRO C 2 66.71 -8.41 -20.24
CA PRO C 2 65.50 -7.60 -20.27
C PRO C 2 65.11 -7.13 -18.88
N GLY C 3 64.48 -5.95 -18.82
CA GLY C 3 64.06 -5.40 -17.54
C GLY C 3 62.96 -6.25 -16.92
N ASP C 4 63.14 -6.58 -15.64
CA ASP C 4 62.11 -7.33 -14.92
C ASP C 4 60.87 -6.46 -14.73
N GLN C 5 59.72 -7.11 -14.62
CA GLN C 5 58.44 -6.41 -14.59
C GLN C 5 57.51 -7.00 -13.54
N ILE C 6 56.68 -6.13 -12.97
CA ILE C 6 55.57 -6.52 -12.11
C ILE C 6 54.32 -5.83 -12.63
N CYS C 7 53.20 -6.54 -12.66
CA CYS C 7 51.98 -6.05 -13.29
C CYS C 7 50.81 -6.17 -12.34
N ILE C 8 49.80 -5.32 -12.57
CA ILE C 8 48.56 -5.33 -11.79
C ILE C 8 47.42 -5.72 -12.73
N GLY C 9 46.66 -6.76 -12.34
CA GLY C 9 45.56 -7.22 -13.17
C GLY C 9 44.46 -7.80 -12.31
N TYR C 10 43.37 -8.19 -12.99
CA TYR C 10 42.19 -8.72 -12.32
C TYR C 10 41.69 -9.97 -13.02
N HIS C 11 40.68 -10.59 -12.39
CA HIS C 11 40.17 -11.88 -12.83
C HIS C 11 39.33 -11.74 -14.10
N ALA C 12 39.55 -12.66 -15.04
CA ALA C 12 38.64 -12.88 -16.16
C ALA C 12 38.45 -14.38 -16.34
N ASN C 13 37.24 -14.77 -16.71
CA ASN C 13 36.94 -16.17 -17.01
C ASN C 13 36.05 -16.21 -18.25
N ASN C 14 35.52 -17.39 -18.55
CA ASN C 14 34.69 -17.60 -19.74
C ASN C 14 33.20 -17.44 -19.46
N SER C 15 32.83 -16.69 -18.43
CA SER C 15 31.43 -16.51 -18.10
C SER C 15 30.77 -15.57 -19.10
N THR C 16 29.57 -15.94 -19.53
CA THR C 16 28.74 -15.09 -20.39
C THR C 16 27.60 -14.43 -19.63
N GLU C 17 27.48 -14.68 -18.32
CA GLU C 17 26.38 -14.13 -17.54
C GLU C 17 26.40 -12.61 -17.59
N GLN C 18 25.22 -12.02 -17.69
CA GLN C 18 25.10 -10.58 -17.86
C GLN C 18 24.14 -9.97 -16.84
N VAL C 19 24.42 -8.70 -16.52
CA VAL C 19 23.58 -7.89 -15.63
C VAL C 19 23.35 -6.55 -16.31
N ASP C 20 22.44 -5.78 -15.73
CA ASP C 20 22.21 -4.41 -16.15
C ASP C 20 22.58 -3.45 -15.02
N THR C 21 23.03 -2.26 -15.39
CA THR C 21 23.29 -1.18 -14.47
C THR C 21 22.38 0.00 -14.81
N ILE C 22 22.43 1.04 -13.98
CA ILE C 22 21.60 2.21 -14.22
C ILE C 22 22.04 2.94 -15.49
N MET C 23 23.33 2.86 -15.84
CA MET C 23 23.86 3.56 -16.99
C MET C 23 24.27 2.64 -18.14
N GLU C 24 24.53 1.36 -17.89
CA GLU C 24 24.89 0.42 -18.93
C GLU C 24 23.92 -0.74 -18.94
N LYS C 25 23.34 -1.02 -20.11
CA LYS C 25 22.56 -2.23 -20.31
C LYS C 25 23.47 -3.29 -20.92
N ASN C 26 23.16 -4.56 -20.62
CA ASN C 26 23.83 -5.71 -21.22
C ASN C 26 25.34 -5.70 -20.94
N VAL C 27 25.67 -5.88 -19.66
CA VAL C 27 27.06 -5.90 -19.19
C VAL C 27 27.43 -7.32 -18.80
N THR C 28 28.51 -7.85 -19.39
CA THR C 28 29.01 -9.20 -19.07
C THR C 28 29.88 -9.17 -17.83
N VAL C 29 29.65 -10.13 -16.92
CA VAL C 29 30.37 -10.21 -15.64
C VAL C 29 30.89 -11.62 -15.46
N THR C 30 31.81 -11.77 -14.52
CA THR C 30 32.38 -13.08 -14.21
C THR C 30 31.46 -13.94 -13.34
N HIS C 31 30.56 -13.33 -12.58
CA HIS C 31 29.67 -14.08 -11.71
C HIS C 31 28.52 -13.17 -11.29
N ALA C 32 27.33 -13.73 -11.17
CA ALA C 32 26.14 -12.96 -10.82
C ALA C 32 25.15 -13.87 -10.12
N GLN C 33 24.22 -13.27 -9.39
CA GLN C 33 23.25 -14.00 -8.59
C GLN C 33 21.85 -13.43 -8.82
N ASP C 34 20.89 -14.32 -9.04
CA ASP C 34 19.50 -13.95 -9.22
C ASP C 34 18.82 -13.86 -7.86
N ILE C 35 17.93 -12.88 -7.71
CA ILE C 35 17.14 -12.70 -6.51
C ILE C 35 15.65 -12.83 -6.77
N LEU C 36 15.27 -13.35 -7.93
CA LEU C 36 13.87 -13.45 -8.33
C LEU C 36 13.47 -14.91 -8.40
N GLU C 37 12.41 -15.27 -7.68
CA GLU C 37 11.84 -16.61 -7.78
C GLU C 37 10.97 -16.69 -9.02
N LYS C 38 11.26 -17.64 -9.90
CA LYS C 38 10.59 -17.73 -11.19
C LYS C 38 10.03 -19.12 -11.47
N THR C 39 10.07 -20.04 -10.52
CA THR C 39 9.63 -21.42 -10.73
C THR C 39 8.57 -21.80 -9.72
N HIS C 40 7.84 -22.87 -10.03
CA HIS C 40 6.85 -23.45 -9.13
C HIS C 40 6.75 -24.94 -9.41
N ASN C 41 6.53 -25.72 -8.35
CA ASN C 41 6.53 -27.18 -8.50
C ASN C 41 5.28 -27.70 -9.20
N GLY C 42 4.27 -26.86 -9.41
CA GLY C 42 3.07 -27.28 -10.09
C GLY C 42 2.23 -28.29 -9.33
N LYS C 43 2.22 -28.21 -8.00
CA LYS C 43 1.44 -29.11 -7.18
C LYS C 43 0.80 -28.33 -6.03
N LEU C 44 -0.21 -28.95 -5.42
CA LEU C 44 -0.84 -28.43 -4.21
C LEU C 44 -0.25 -29.17 -3.01
N CYS C 45 0.36 -28.41 -2.09
CA CYS C 45 1.10 -28.95 -0.97
C CYS C 45 0.45 -28.55 0.35
N ASP C 46 0.95 -29.16 1.42
CA ASP C 46 0.61 -28.70 2.76
C ASP C 46 1.20 -27.32 3.00
N LEU C 47 0.53 -26.54 3.85
CA LEU C 47 0.98 -25.21 4.21
C LEU C 47 1.37 -25.22 5.68
N ASN C 48 2.66 -25.06 5.95
CA ASN C 48 3.21 -25.11 7.32
C ASN C 48 2.86 -26.43 8.01
N GLY C 49 2.90 -27.53 7.25
CA GLY C 49 2.70 -28.85 7.80
C GLY C 49 1.27 -29.34 7.81
N VAL C 50 0.30 -28.50 7.44
CA VAL C 50 -1.11 -28.85 7.52
C VAL C 50 -1.66 -29.04 6.11
N LYS C 51 -2.28 -30.19 5.87
CA LYS C 51 -2.84 -30.49 4.55
C LYS C 51 -4.09 -29.63 4.30
N PRO C 52 -4.29 -29.16 3.08
CA PRO C 52 -5.50 -28.41 2.76
C PRO C 52 -6.74 -29.28 2.66
N LEU C 53 -7.90 -28.63 2.75
CA LEU C 53 -9.19 -29.29 2.53
C LEU C 53 -9.56 -29.11 1.06
N ILE C 54 -9.58 -30.22 0.33
CA ILE C 54 -9.79 -30.20 -1.12
C ILE C 54 -11.19 -30.73 -1.41
N LEU C 55 -12.07 -29.85 -1.87
CA LEU C 55 -13.41 -30.24 -2.31
C LEU C 55 -13.36 -30.48 -3.81
N LYS C 56 -13.54 -31.74 -4.22
CA LYS C 56 -13.33 -32.11 -5.61
C LYS C 56 -14.45 -31.62 -6.51
N ASP C 57 -15.66 -32.10 -6.26
CA ASP C 57 -16.82 -31.79 -7.10
C ASP C 57 -17.91 -31.07 -6.34
N CYS C 58 -17.64 -30.69 -5.10
CA CYS C 58 -18.64 -30.11 -4.19
C CYS C 58 -18.22 -28.70 -3.80
N SER C 59 -19.20 -27.81 -3.67
CA SER C 59 -18.95 -26.51 -3.10
C SER C 59 -19.01 -26.60 -1.57
N VAL C 60 -18.63 -25.49 -0.92
CA VAL C 60 -18.64 -25.46 0.55
C VAL C 60 -20.07 -25.63 1.07
N ALA C 61 -21.03 -24.94 0.45
CA ALA C 61 -22.41 -25.02 0.90
C ALA C 61 -22.97 -26.43 0.77
N GLY C 62 -22.70 -27.10 -0.36
CA GLY C 62 -23.14 -28.48 -0.52
C GLY C 62 -22.43 -29.43 0.42
N TRP C 63 -21.13 -29.20 0.64
CA TRP C 63 -20.36 -30.04 1.56
C TRP C 63 -20.89 -29.91 2.98
N LEU C 64 -21.22 -28.70 3.41
CA LEU C 64 -21.74 -28.49 4.76
C LEU C 64 -23.12 -29.11 4.93
N LEU C 65 -24.04 -28.81 4.02
CA LEU C 65 -25.41 -29.26 4.17
C LEU C 65 -25.58 -30.75 3.89
N GLY C 66 -24.60 -31.38 3.26
CA GLY C 66 -24.69 -32.80 2.98
C GLY C 66 -25.44 -33.12 1.71
N ASN C 67 -25.03 -32.48 0.61
CA ASN C 67 -25.62 -32.76 -0.69
C ASN C 67 -25.41 -34.24 -1.01
N PRO C 68 -26.47 -35.01 -1.26
CA PRO C 68 -26.30 -36.46 -1.44
C PRO C 68 -25.47 -36.82 -2.65
N MET C 69 -25.36 -35.94 -3.65
CA MET C 69 -24.56 -36.21 -4.83
C MET C 69 -23.09 -35.89 -4.63
N CYS C 70 -22.70 -35.35 -3.47
CA CYS C 70 -21.31 -35.07 -3.16
C CYS C 70 -20.71 -36.29 -2.47
N ASP C 71 -19.82 -36.98 -3.16
CA ASP C 71 -19.08 -38.10 -2.57
C ASP C 71 -18.19 -37.58 -1.45
N GLU C 72 -18.55 -37.88 -0.21
CA GLU C 72 -17.93 -37.28 0.96
C GLU C 72 -17.02 -38.29 1.66
N PHE C 73 -16.06 -37.76 2.39
CA PHE C 73 -15.17 -38.57 3.21
C PHE C 73 -15.15 -38.12 4.67
N ILE C 74 -15.19 -36.81 4.92
CA ILE C 74 -15.15 -36.23 6.26
C ILE C 74 -14.04 -36.89 7.07
N ARG C 75 -12.82 -36.89 6.53
CA ARG C 75 -11.64 -37.40 7.20
C ARG C 75 -10.76 -36.28 7.74
N VAL C 76 -11.03 -35.04 7.38
CA VAL C 76 -10.13 -33.93 7.64
C VAL C 76 -10.64 -33.20 8.89
N PRO C 77 -9.98 -33.31 10.04
CA PRO C 77 -10.36 -32.53 11.22
C PRO C 77 -9.68 -31.18 11.31
N GLU C 78 -8.71 -30.90 10.44
CA GLU C 78 -7.99 -29.64 10.44
C GLU C 78 -7.43 -29.40 9.05
N TRP C 79 -7.38 -28.12 8.66
CA TRP C 79 -6.82 -27.76 7.36
C TRP C 79 -6.31 -26.33 7.42
N SER C 80 -5.40 -26.02 6.51
CA SER C 80 -4.81 -24.68 6.44
C SER C 80 -5.49 -23.78 5.41
N TYR C 81 -6.00 -24.36 4.32
CA TYR C 81 -6.75 -23.60 3.33
C TYR C 81 -7.66 -24.56 2.58
N ILE C 82 -8.66 -24.00 1.91
CA ILE C 82 -9.68 -24.77 1.20
C ILE C 82 -9.48 -24.60 -0.29
N VAL C 83 -9.45 -25.72 -1.01
CA VAL C 83 -9.31 -25.71 -2.46
C VAL C 83 -10.66 -26.05 -3.07
N GLU C 84 -11.22 -25.09 -3.81
CA GLU C 84 -12.45 -25.27 -4.56
C GLU C 84 -12.14 -25.14 -6.05
N ARG C 85 -13.06 -25.59 -6.87
CA ARG C 85 -12.96 -25.31 -8.30
C ARG C 85 -13.70 -24.01 -8.60
N ALA C 86 -13.41 -23.44 -9.78
CA ALA C 86 -14.11 -22.23 -10.21
C ALA C 86 -15.60 -22.48 -10.34
N ASN C 87 -15.98 -23.65 -10.86
CA ASN C 87 -17.39 -24.02 -11.05
C ASN C 87 -17.61 -25.40 -10.43
N PRO C 88 -17.80 -25.47 -9.12
CA PRO C 88 -18.10 -26.76 -8.49
C PRO C 88 -19.36 -27.38 -9.07
N ALA C 89 -19.31 -28.70 -9.30
CA ALA C 89 -20.40 -29.37 -10.00
C ALA C 89 -21.67 -29.44 -9.15
N ASN C 90 -21.53 -29.86 -7.89
CA ASN C 90 -22.67 -30.04 -7.00
C ASN C 90 -22.60 -28.99 -5.89
N ASP C 91 -23.55 -28.06 -5.89
CA ASP C 91 -23.61 -27.04 -4.85
C ASP C 91 -24.88 -27.13 -4.02
N LEU C 92 -26.06 -27.03 -4.64
CA LEU C 92 -27.33 -27.07 -3.91
C LEU C 92 -28.34 -27.77 -4.81
N CYS C 93 -28.58 -29.06 -4.54
CA CYS C 93 -29.45 -29.86 -5.38
C CYS C 93 -30.85 -29.25 -5.44
N TYR C 94 -31.41 -28.88 -4.29
CA TYR C 94 -32.63 -28.11 -4.26
C TYR C 94 -32.28 -26.63 -4.31
N PRO C 95 -32.76 -25.88 -5.31
CA PRO C 95 -32.30 -24.49 -5.47
C PRO C 95 -32.61 -23.64 -4.26
N GLY C 96 -31.70 -22.71 -3.97
CA GLY C 96 -31.85 -21.83 -2.82
C GLY C 96 -30.60 -21.01 -2.55
N SER C 97 -30.30 -20.78 -1.27
CA SER C 97 -29.15 -19.96 -0.92
C SER C 97 -28.71 -20.27 0.51
N LEU C 98 -27.47 -19.92 0.80
CA LEU C 98 -26.92 -19.98 2.16
C LEU C 98 -26.54 -18.57 2.57
N ASN C 99 -27.18 -18.07 3.63
CA ASN C 99 -27.03 -16.68 4.02
C ASN C 99 -25.63 -16.41 4.57
N ASP C 100 -25.08 -15.25 4.23
CA ASP C 100 -23.71 -14.88 4.61
C ASP C 100 -22.71 -15.93 4.16
N TYR C 101 -22.85 -16.37 2.91
CA TYR C 101 -22.02 -17.45 2.39
C TYR C 101 -20.55 -17.07 2.35
N GLU C 102 -20.24 -15.87 1.87
CA GLU C 102 -18.85 -15.45 1.75
C GLU C 102 -18.18 -15.34 3.11
N GLU C 103 -18.88 -14.77 4.10
CA GLU C 103 -18.33 -14.71 5.45
C GLU C 103 -18.13 -16.09 6.03
N LEU C 104 -19.08 -17.00 5.79
CA LEU C 104 -18.93 -18.38 6.26
C LEU C 104 -17.73 -19.06 5.60
N LYS C 105 -17.54 -18.85 4.30
CA LYS C 105 -16.37 -19.43 3.63
C LYS C 105 -15.07 -18.88 4.21
N HIS C 106 -15.05 -17.59 4.55
CA HIS C 106 -13.87 -17.03 5.20
C HIS C 106 -13.64 -17.65 6.57
N LEU C 107 -14.73 -17.93 7.30
CA LEU C 107 -14.61 -18.51 8.63
C LEU C 107 -14.01 -19.92 8.58
N LEU C 108 -14.38 -20.71 7.57
CA LEU C 108 -13.96 -22.09 7.47
C LEU C 108 -12.66 -22.29 6.69
N SER C 109 -12.03 -21.21 6.23
CA SER C 109 -10.84 -21.34 5.40
C SER C 109 -9.70 -22.02 6.15
N ARG C 110 -9.54 -21.72 7.44
CA ARG C 110 -8.57 -22.40 8.28
C ARG C 110 -9.25 -22.82 9.58
N ILE C 111 -9.26 -24.13 9.84
CA ILE C 111 -9.92 -24.69 11.01
C ILE C 111 -8.92 -25.57 11.76
N ASN C 112 -8.84 -25.38 13.08
CA ASN C 112 -7.94 -26.16 13.92
C ASN C 112 -8.55 -27.49 14.33
N HIS C 113 -9.85 -27.53 14.61
CA HIS C 113 -10.54 -28.78 14.91
C HIS C 113 -11.93 -28.75 14.30
N PHE C 114 -12.30 -29.83 13.61
CA PHE C 114 -13.59 -29.94 12.95
C PHE C 114 -14.12 -31.35 13.15
N GLU C 115 -15.36 -31.47 13.65
CA GLU C 115 -15.95 -32.77 13.91
C GLU C 115 -17.46 -32.65 13.83
N LYS C 116 -18.06 -33.40 12.91
CA LYS C 116 -19.52 -33.45 12.80
C LYS C 116 -20.10 -34.31 13.90
N ILE C 117 -21.12 -33.79 14.59
CA ILE C 117 -21.82 -34.52 15.63
C ILE C 117 -23.32 -34.40 15.39
N LEU C 118 -24.06 -35.35 15.96
CA LEU C 118 -25.51 -35.34 15.91
C LEU C 118 -26.05 -34.60 17.12
N ILE C 119 -26.88 -33.58 16.89
CA ILE C 119 -27.44 -32.79 17.97
C ILE C 119 -28.94 -32.97 18.11
N ILE C 120 -29.66 -33.21 17.01
CA ILE C 120 -31.10 -33.43 17.05
C ILE C 120 -31.42 -34.67 16.22
N PRO C 121 -31.47 -35.85 16.81
CA PRO C 121 -31.82 -37.06 16.05
C PRO C 121 -33.27 -37.02 15.60
N LYS C 122 -33.57 -37.79 14.56
CA LYS C 122 -34.92 -37.81 14.00
C LYS C 122 -35.95 -38.39 14.96
N SER C 123 -35.50 -39.04 16.04
CA SER C 123 -36.44 -39.48 17.08
C SER C 123 -37.06 -38.31 17.83
N SER C 124 -36.46 -37.12 17.75
CA SER C 124 -36.95 -35.96 18.48
C SER C 124 -38.26 -35.42 17.94
N TRP C 125 -38.72 -35.91 16.79
CA TRP C 125 -39.95 -35.42 16.14
C TRP C 125 -40.95 -36.57 16.09
N PRO C 126 -41.66 -36.84 17.20
CA PRO C 126 -42.65 -37.92 17.18
C PRO C 126 -43.94 -37.55 16.47
N ASN C 127 -44.25 -36.27 16.34
CA ASN C 127 -45.51 -35.83 15.73
C ASN C 127 -45.30 -35.19 14.37
N HIS C 128 -44.14 -35.43 13.73
CA HIS C 128 -43.88 -34.94 12.39
C HIS C 128 -43.20 -36.05 11.59
N GLU C 129 -43.53 -36.13 10.30
CA GLU C 129 -42.89 -37.10 9.43
C GLU C 129 -41.45 -36.69 9.17
N THR C 130 -40.53 -37.63 9.31
CA THR C 130 -39.10 -37.38 9.10
C THR C 130 -38.53 -38.13 7.92
N SER C 131 -39.33 -38.96 7.24
CA SER C 131 -38.85 -39.77 6.12
C SER C 131 -39.36 -39.28 4.77
N LEU C 132 -40.31 -38.35 4.74
CA LEU C 132 -40.90 -37.87 3.50
C LEU C 132 -40.29 -36.58 2.97
N GLY C 133 -39.43 -35.93 3.75
CA GLY C 133 -38.83 -34.67 3.34
C GLY C 133 -37.80 -34.88 2.26
N VAL C 134 -38.28 -35.25 1.07
CA VAL C 134 -37.45 -35.85 0.03
C VAL C 134 -37.82 -35.22 -1.31
N SER C 135 -36.81 -35.06 -2.18
CA SER C 135 -37.01 -34.40 -3.46
C SER C 135 -36.29 -35.16 -4.58
N ALA C 136 -36.85 -35.07 -5.78
CA ALA C 136 -36.22 -35.65 -6.96
C ALA C 136 -35.05 -34.80 -7.45
N ALA C 137 -34.96 -33.54 -7.02
CA ALA C 137 -33.81 -32.71 -7.34
C ALA C 137 -32.57 -33.11 -6.57
N CYS C 138 -32.71 -33.91 -5.51
CA CYS C 138 -31.58 -34.38 -4.70
C CYS C 138 -31.53 -35.90 -4.73
N PRO C 139 -31.30 -36.51 -5.89
CA PRO C 139 -31.36 -37.97 -5.98
C PRO C 139 -30.13 -38.62 -5.34
N TYR C 140 -30.33 -39.84 -4.84
CA TYR C 140 -29.24 -40.69 -4.41
C TYR C 140 -29.51 -42.11 -4.89
N GLN C 141 -28.63 -42.62 -5.74
CA GLN C 141 -28.75 -43.97 -6.29
C GLN C 141 -30.11 -44.17 -6.96
N GLY C 142 -30.56 -43.16 -7.71
CA GLY C 142 -31.80 -43.23 -8.44
C GLY C 142 -33.04 -43.02 -7.62
N THR C 143 -32.93 -42.96 -6.30
CA THR C 143 -34.02 -42.70 -5.37
C THR C 143 -34.01 -41.24 -4.94
N PRO C 144 -35.16 -40.58 -4.88
CA PRO C 144 -35.19 -39.21 -4.38
C PRO C 144 -34.67 -39.15 -2.96
N SER C 145 -33.93 -38.08 -2.65
CA SER C 145 -33.29 -37.92 -1.35
C SER C 145 -33.23 -36.43 -1.04
N PHE C 146 -32.38 -36.04 -0.09
CA PHE C 146 -32.30 -34.66 0.36
C PHE C 146 -30.94 -34.44 1.00
N PHE C 147 -30.69 -33.20 1.43
CA PHE C 147 -29.48 -32.89 2.19
C PHE C 147 -29.41 -33.77 3.43
N ARG C 148 -28.24 -34.35 3.67
CA ARG C 148 -28.11 -35.40 4.67
C ARG C 148 -27.84 -34.89 6.08
N ASN C 149 -27.55 -33.60 6.25
CA ASN C 149 -27.26 -33.05 7.57
C ASN C 149 -28.42 -32.24 8.14
N VAL C 150 -29.52 -32.10 7.41
CA VAL C 150 -30.73 -31.45 7.89
C VAL C 150 -31.92 -32.33 7.54
N VAL C 151 -33.02 -32.13 8.26
CA VAL C 151 -34.23 -32.91 8.08
C VAL C 151 -35.35 -31.98 7.62
N TRP C 152 -36.02 -32.37 6.53
CA TRP C 152 -37.16 -31.64 5.99
C TRP C 152 -38.42 -32.21 6.62
N LEU C 153 -38.92 -31.52 7.66
CA LEU C 153 -40.08 -32.02 8.39
C LEU C 153 -41.35 -31.86 7.57
N ILE C 154 -42.21 -32.88 7.64
CA ILE C 154 -43.46 -32.93 6.89
C ILE C 154 -44.57 -33.23 7.87
N LYS C 155 -45.79 -32.81 7.53
CA LYS C 155 -46.94 -33.06 8.37
C LYS C 155 -47.17 -34.56 8.54
N LYS C 156 -47.73 -34.93 9.69
CA LYS C 156 -48.09 -36.30 10.00
C LYS C 156 -49.58 -36.35 10.33
N ASN C 157 -50.29 -37.29 9.71
CA ASN C 157 -51.73 -37.46 9.90
C ASN C 157 -52.47 -36.16 9.59
N ASP C 158 -52.06 -35.49 8.52
CA ASP C 158 -52.65 -34.21 8.10
C ASP C 158 -52.59 -33.18 9.22
N ALA C 159 -51.48 -33.14 9.95
CA ALA C 159 -51.29 -32.20 11.04
C ALA C 159 -49.81 -31.86 11.17
N TYR C 160 -49.54 -30.58 11.46
CA TYR C 160 -48.18 -30.09 11.69
C TYR C 160 -48.21 -29.30 12.99
N PRO C 161 -48.08 -29.98 14.12
CA PRO C 161 -48.11 -29.27 15.41
C PRO C 161 -46.94 -28.30 15.53
N THR C 162 -47.16 -27.24 16.31
CA THR C 162 -46.12 -26.22 16.49
C THR C 162 -44.90 -26.82 17.19
N ILE C 163 -43.74 -26.60 16.60
CA ILE C 163 -42.48 -27.07 17.16
C ILE C 163 -41.95 -26.03 18.12
N LYS C 164 -41.60 -26.45 19.33
CA LYS C 164 -40.93 -25.59 20.32
C LYS C 164 -39.80 -26.43 20.92
N ILE C 165 -38.61 -26.31 20.33
CA ILE C 165 -37.48 -27.15 20.72
C ILE C 165 -36.32 -26.24 21.10
N SER C 166 -35.38 -26.81 21.85
CA SER C 166 -34.22 -26.08 22.34
C SER C 166 -33.04 -27.03 22.47
N TYR C 167 -31.85 -26.53 22.17
CA TYR C 167 -30.62 -27.30 22.29
C TYR C 167 -29.56 -26.46 22.98
N ASN C 168 -28.91 -27.04 23.99
CA ASN C 168 -27.85 -26.40 24.73
C ASN C 168 -26.51 -26.99 24.32
N ASN C 169 -25.57 -26.11 23.96
CA ASN C 169 -24.24 -26.54 23.54
C ASN C 169 -23.45 -26.94 24.78
N THR C 170 -23.59 -28.20 25.18
CA THR C 170 -22.89 -28.72 26.34
C THR C 170 -21.48 -29.20 26.00
N ASN C 171 -21.06 -29.04 24.75
CA ASN C 171 -19.69 -29.36 24.37
C ASN C 171 -18.76 -28.22 24.81
N ARG C 172 -17.45 -28.49 24.74
CA ARG C 172 -16.46 -27.51 25.14
C ARG C 172 -16.08 -26.54 24.03
N GLU C 173 -16.59 -26.74 22.82
CA GLU C 173 -16.17 -25.97 21.66
C GLU C 173 -17.37 -25.29 21.00
N ASP C 174 -17.08 -24.33 20.14
CA ASP C 174 -18.12 -23.66 19.38
C ASP C 174 -18.81 -24.64 18.45
N LEU C 175 -20.10 -24.40 18.21
CA LEU C 175 -20.92 -25.29 17.40
C LEU C 175 -21.45 -24.51 16.21
N LEU C 176 -21.19 -25.03 15.01
CA LEU C 176 -21.75 -24.48 13.77
C LEU C 176 -23.05 -25.22 13.47
N ILE C 177 -24.15 -24.48 13.48
CA ILE C 177 -25.49 -25.05 13.31
C ILE C 177 -26.15 -24.41 12.10
N LEU C 178 -26.71 -25.23 11.21
CA LEU C 178 -27.38 -24.76 10.01
C LEU C 178 -28.84 -25.17 10.03
N TRP C 179 -29.68 -24.31 9.43
CA TRP C 179 -31.10 -24.57 9.31
C TRP C 179 -31.61 -23.75 8.12
N GLY C 180 -32.85 -24.03 7.70
CA GLY C 180 -33.39 -23.36 6.55
C GLY C 180 -34.90 -23.25 6.59
N ILE C 181 -35.43 -22.51 5.61
CA ILE C 181 -36.86 -22.37 5.39
C ILE C 181 -37.16 -22.73 3.94
N HIS C 182 -38.30 -23.38 3.72
CA HIS C 182 -38.72 -23.78 2.37
C HIS C 182 -39.77 -22.80 1.87
N HIS C 183 -39.52 -22.22 0.70
CA HIS C 183 -40.46 -21.32 0.05
C HIS C 183 -41.33 -22.12 -0.90
N SER C 184 -42.63 -22.17 -0.61
CA SER C 184 -43.57 -22.96 -1.38
C SER C 184 -43.92 -22.26 -2.69
N ASN C 185 -44.71 -22.93 -3.52
CA ASN C 185 -45.09 -22.42 -4.83
C ASN C 185 -46.51 -21.87 -4.88
N ASN C 186 -47.44 -22.46 -4.13
CA ASN C 186 -48.82 -22.02 -4.12
C ASN C 186 -49.47 -22.47 -2.82
N ALA C 187 -50.73 -22.09 -2.63
CA ALA C 187 -51.45 -22.45 -1.41
C ALA C 187 -51.65 -23.95 -1.31
N GLU C 188 -51.92 -24.62 -2.43
CA GLU C 188 -52.17 -26.05 -2.41
C GLU C 188 -50.93 -26.82 -1.97
N GLU C 189 -49.76 -26.46 -2.51
CA GLU C 189 -48.53 -27.12 -2.10
C GLU C 189 -48.19 -26.81 -0.65
N GLN C 190 -48.55 -25.62 -0.18
CA GLN C 190 -48.28 -25.25 1.21
C GLN C 190 -49.04 -26.15 2.19
N THR C 191 -50.33 -26.37 1.94
CA THR C 191 -51.13 -27.21 2.83
C THR C 191 -50.90 -28.69 2.60
N ASN C 192 -50.43 -29.08 1.41
CA ASN C 192 -50.08 -30.49 1.20
C ASN C 192 -48.90 -30.89 2.08
N LEU C 193 -47.84 -30.10 2.07
CA LEU C 193 -46.64 -30.43 2.83
C LEU C 193 -46.80 -30.16 4.32
N TYR C 194 -47.53 -29.10 4.68
CA TYR C 194 -47.53 -28.62 6.07
C TYR C 194 -48.90 -28.41 6.67
N LYS C 195 -49.98 -28.34 5.87
CA LYS C 195 -51.36 -28.26 6.36
C LYS C 195 -51.67 -26.90 6.98
N ASN C 196 -50.63 -26.08 7.18
CA ASN C 196 -50.79 -24.77 7.78
C ASN C 196 -50.54 -23.71 6.71
N PRO C 197 -51.55 -22.89 6.35
CA PRO C 197 -51.35 -21.92 5.27
C PRO C 197 -50.36 -20.83 5.60
N THR C 198 -50.45 -20.26 6.80
CA THR C 198 -49.56 -19.18 7.24
C THR C 198 -48.63 -19.75 8.30
N THR C 199 -47.32 -19.70 8.02
CA THR C 199 -46.32 -20.32 8.87
C THR C 199 -45.20 -19.34 9.17
N TYR C 200 -44.31 -19.76 10.06
CA TYR C 200 -43.19 -18.95 10.50
C TYR C 200 -42.11 -19.87 11.08
N ILE C 201 -40.90 -19.33 11.20
CA ILE C 201 -39.82 -19.98 11.94
C ILE C 201 -39.21 -18.95 12.87
N SER C 202 -39.14 -19.28 14.16
CA SER C 202 -38.49 -18.44 15.16
C SER C 202 -37.21 -19.12 15.60
N VAL C 203 -36.09 -18.42 15.45
CA VAL C 203 -34.78 -18.88 15.89
C VAL C 203 -34.23 -17.88 16.87
N GLY C 204 -33.76 -18.37 18.02
CA GLY C 204 -33.24 -17.49 19.04
C GLY C 204 -32.06 -18.06 19.82
N THR C 205 -31.01 -17.26 19.95
CA THR C 205 -29.89 -17.53 20.82
C THR C 205 -29.71 -16.32 21.74
N SER C 206 -28.62 -16.30 22.50
CA SER C 206 -28.29 -15.12 23.29
C SER C 206 -27.94 -13.92 22.40
N THR C 207 -27.52 -14.16 21.16
CA THR C 207 -27.14 -13.11 20.25
C THR C 207 -28.03 -13.00 19.02
N LEU C 208 -28.91 -13.96 18.77
CA LEU C 208 -29.70 -14.04 17.56
C LEU C 208 -31.18 -13.99 17.89
N ASN C 209 -31.94 -13.23 17.09
CA ASN C 209 -33.40 -13.11 17.23
C ASN C 209 -33.95 -13.00 15.81
N GLN C 210 -34.36 -14.12 15.25
CA GLN C 210 -34.70 -14.24 13.83
C GLN C 210 -36.13 -14.73 13.66
N ARG C 211 -36.84 -14.16 12.70
CA ARG C 211 -38.17 -14.62 12.33
C ARG C 211 -38.26 -14.68 10.81
N LEU C 212 -38.59 -15.85 10.28
CA LEU C 212 -38.66 -16.10 8.85
C LEU C 212 -40.08 -16.48 8.46
N VAL C 213 -40.52 -15.99 7.30
CA VAL C 213 -41.86 -16.30 6.77
C VAL C 213 -41.73 -16.68 5.31
N PRO C 214 -42.34 -17.79 4.88
CA PRO C 214 -42.19 -18.23 3.49
C PRO C 214 -42.73 -17.20 2.50
N LYS C 215 -42.04 -17.09 1.36
CA LYS C 215 -42.47 -16.25 0.25
C LYS C 215 -43.08 -17.16 -0.81
N ILE C 216 -44.38 -17.42 -0.69
CA ILE C 216 -45.08 -18.29 -1.62
C ILE C 216 -45.40 -17.47 -2.87
N ALA C 217 -44.70 -17.76 -3.96
CA ALA C 217 -44.84 -16.97 -5.18
C ALA C 217 -44.35 -17.81 -6.36
N THR C 218 -44.62 -17.30 -7.56
CA THR C 218 -44.26 -17.97 -8.81
C THR C 218 -42.83 -17.60 -9.19
N ARG C 219 -41.99 -18.62 -9.39
CA ARG C 219 -40.58 -18.43 -9.73
C ARG C 219 -40.22 -19.30 -10.92
N SER C 220 -39.07 -19.00 -11.50
CA SER C 220 -38.54 -19.80 -12.60
C SER C 220 -38.04 -21.14 -12.09
N GLN C 221 -38.13 -22.15 -12.94
CA GLN C 221 -37.65 -23.48 -12.59
C GLN C 221 -36.12 -23.49 -12.56
N VAL C 222 -35.55 -23.96 -11.44
CA VAL C 222 -34.12 -24.19 -11.32
C VAL C 222 -33.93 -25.62 -10.82
N ASN C 223 -33.12 -26.39 -11.55
CA ASN C 223 -32.94 -27.81 -11.28
C ASN C 223 -34.28 -28.56 -11.27
N GLY C 224 -35.23 -28.11 -12.09
CA GLY C 224 -36.53 -28.73 -12.20
C GLY C 224 -37.53 -28.37 -11.12
N LEU C 225 -37.19 -27.46 -10.22
CA LEU C 225 -38.06 -27.09 -9.11
C LEU C 225 -38.25 -25.58 -9.09
N ARG C 226 -39.50 -25.14 -8.92
CA ARG C 226 -39.82 -23.72 -8.81
C ARG C 226 -39.78 -23.22 -7.37
N GLY C 227 -39.64 -24.11 -6.40
CA GLY C 227 -39.48 -23.69 -5.02
C GLY C 227 -38.04 -23.37 -4.68
N ARG C 228 -37.85 -22.80 -3.49
CA ARG C 228 -36.54 -22.41 -3.02
C ARG C 228 -36.38 -22.84 -1.56
N MET C 229 -35.12 -23.03 -1.16
CA MET C 229 -34.78 -23.31 0.24
C MET C 229 -33.59 -22.44 0.63
N ASP C 230 -33.84 -21.45 1.48
CA ASP C 230 -32.81 -20.55 1.97
C ASP C 230 -32.29 -21.04 3.30
N PHE C 231 -30.98 -21.18 3.42
CA PHE C 231 -30.36 -21.73 4.61
C PHE C 231 -29.61 -20.66 5.39
N PHE C 232 -29.56 -20.84 6.71
CA PHE C 232 -28.94 -19.91 7.61
C PHE C 232 -28.03 -20.66 8.58
N TRP C 233 -27.08 -19.95 9.16
CA TRP C 233 -26.13 -20.55 10.09
C TRP C 233 -25.86 -19.59 11.24
N THR C 234 -25.42 -20.17 12.36
CA THR C 234 -24.94 -19.40 13.50
C THR C 234 -23.90 -20.24 14.23
N ILE C 235 -23.07 -19.57 15.02
CA ILE C 235 -22.05 -20.22 15.83
C ILE C 235 -22.53 -20.19 17.27
N LEU C 236 -22.89 -21.35 17.80
CA LEU C 236 -23.41 -21.47 19.17
C LEU C 236 -22.23 -21.63 20.12
N LYS C 237 -21.99 -20.60 20.94
CA LYS C 237 -20.91 -20.65 21.90
C LYS C 237 -21.23 -21.67 23.00
N PRO C 238 -20.20 -22.22 23.65
CA PRO C 238 -20.45 -23.24 24.68
C PRO C 238 -21.33 -22.70 25.80
N ASN C 239 -22.19 -23.57 26.32
CA ASN C 239 -23.14 -23.30 27.39
C ASN C 239 -24.25 -22.35 26.98
N ASP C 240 -24.33 -21.98 25.70
CA ASP C 240 -25.44 -21.22 25.17
C ASP C 240 -26.44 -22.17 24.50
N ALA C 241 -27.68 -21.72 24.41
CA ALA C 241 -28.76 -22.53 23.86
C ALA C 241 -29.41 -21.79 22.69
N ILE C 242 -29.76 -22.56 21.65
CA ILE C 242 -30.48 -22.03 20.50
C ILE C 242 -31.92 -22.55 20.57
N HIS C 243 -32.87 -21.67 20.32
CA HIS C 243 -34.29 -21.99 20.43
C HIS C 243 -34.94 -21.93 19.06
N PHE C 244 -35.70 -22.98 18.71
CA PHE C 244 -36.41 -23.06 17.45
C PHE C 244 -37.91 -23.11 17.71
N GLU C 245 -38.67 -22.42 16.85
CA GLU C 245 -40.13 -22.46 16.90
C GLU C 245 -40.67 -22.33 15.49
N SER C 246 -41.55 -23.24 15.10
CA SER C 246 -42.07 -23.25 13.73
C SER C 246 -43.36 -24.07 13.68
N ASN C 247 -44.22 -23.71 12.73
CA ASN C 247 -45.44 -24.44 12.43
C ASN C 247 -45.52 -24.82 10.95
N GLY C 248 -44.37 -24.90 10.30
CA GLY C 248 -44.30 -25.33 8.92
C GLY C 248 -43.11 -24.72 8.20
N ASN C 249 -42.78 -25.34 7.07
CA ASN C 249 -41.71 -24.88 6.17
C ASN C 249 -40.34 -24.91 6.84
N PHE C 250 -40.20 -25.67 7.92
CA PHE C 250 -38.99 -25.69 8.71
C PHE C 250 -38.06 -26.79 8.20
N ILE C 251 -36.83 -26.41 7.85
CA ILE C 251 -35.78 -27.38 7.52
C ILE C 251 -34.90 -27.43 8.76
N ALA C 252 -35.20 -28.39 9.66
CA ALA C 252 -34.59 -28.45 10.97
C ALA C 252 -33.16 -28.96 10.91
N PRO C 253 -32.31 -28.52 11.85
CA PRO C 253 -30.96 -29.10 11.94
C PRO C 253 -31.01 -30.53 12.47
N GLU C 254 -30.13 -31.37 11.95
CA GLU C 254 -29.91 -32.69 12.51
C GLU C 254 -28.47 -32.87 12.98
N TYR C 255 -27.50 -32.56 12.14
CA TYR C 255 -26.09 -32.61 12.48
C TYR C 255 -25.52 -31.21 12.56
N ALA C 256 -24.65 -30.98 13.52
CA ALA C 256 -23.91 -29.73 13.66
C ALA C 256 -22.41 -30.05 13.62
N TYR C 257 -21.59 -29.00 13.64
CA TYR C 257 -20.15 -29.12 13.50
C TYR C 257 -19.46 -28.54 14.72
N LYS C 258 -18.73 -29.38 15.45
CA LYS C 258 -17.82 -28.90 16.49
C LYS C 258 -16.60 -28.28 15.83
N ILE C 259 -16.37 -27.00 16.09
CA ILE C 259 -15.41 -26.20 15.33
C ILE C 259 -14.53 -25.40 16.30
N VAL C 260 -13.22 -25.48 16.10
CA VAL C 260 -12.24 -24.67 16.83
C VAL C 260 -11.41 -23.91 15.80
N LYS C 261 -11.33 -22.59 15.98
CA LYS C 261 -10.64 -21.74 15.03
C LYS C 261 -9.59 -20.90 15.75
N LYS C 262 -8.36 -20.92 15.22
CA LYS C 262 -7.29 -20.06 15.71
C LYS C 262 -6.86 -19.04 14.67
N GLY C 263 -6.46 -19.48 13.47
CA GLY C 263 -5.98 -18.60 12.43
C GLY C 263 -7.04 -18.30 11.39
N ASP C 264 -6.60 -17.56 10.37
CA ASP C 264 -7.47 -17.20 9.25
C ASP C 264 -6.73 -17.43 7.94
N SER C 265 -7.50 -17.71 6.90
CA SER C 265 -6.96 -18.02 5.58
C SER C 265 -7.97 -17.54 4.53
N THR C 266 -7.83 -18.04 3.31
CA THR C 266 -8.79 -17.77 2.25
C THR C 266 -9.04 -19.05 1.47
N ILE C 267 -9.92 -18.97 0.47
CA ILE C 267 -10.29 -20.11 -0.36
C ILE C 267 -9.58 -19.97 -1.70
N MET C 268 -8.96 -21.07 -2.15
CA MET C 268 -8.19 -21.12 -3.39
C MET C 268 -8.99 -21.84 -4.46
N LYS C 269 -9.06 -21.23 -5.65
CA LYS C 269 -9.69 -21.84 -6.82
C LYS C 269 -8.58 -22.39 -7.70
N SER C 270 -8.41 -23.71 -7.69
CA SER C 270 -7.35 -24.36 -8.46
C SER C 270 -7.77 -25.79 -8.81
N GLY C 271 -7.36 -26.24 -9.99
CA GLY C 271 -7.62 -27.59 -10.43
C GLY C 271 -6.42 -28.51 -10.31
N VAL C 272 -5.26 -27.95 -9.97
CA VAL C 272 -4.04 -28.75 -9.86
C VAL C 272 -4.15 -29.71 -8.70
N GLU C 273 -3.57 -30.90 -8.88
CA GLU C 273 -3.74 -32.00 -7.95
C GLU C 273 -2.80 -31.88 -6.75
N TYR C 274 -3.16 -32.59 -5.69
CA TYR C 274 -2.33 -32.66 -4.49
C TYR C 274 -1.08 -33.50 -4.76
N GLY C 275 0.03 -33.11 -4.12
CA GLY C 275 1.30 -33.73 -4.43
C GLY C 275 2.11 -34.27 -3.27
N HIS C 276 1.50 -34.36 -2.08
CA HIS C 276 2.16 -34.89 -0.88
C HIS C 276 3.46 -34.16 -0.59
N CYS C 277 3.40 -32.83 -0.67
CA CYS C 277 4.55 -31.96 -0.44
C CYS C 277 4.24 -30.98 0.68
N ASN C 278 5.23 -30.16 1.02
CA ASN C 278 5.07 -29.12 2.02
C ASN C 278 5.74 -27.85 1.53
N THR C 279 5.17 -26.70 1.90
CA THR C 279 5.69 -25.42 1.45
C THR C 279 5.24 -24.34 2.41
N LYS C 280 5.87 -23.18 2.31
CA LYS C 280 5.47 -22.00 3.04
C LYS C 280 4.76 -20.98 2.17
N CYS C 281 4.62 -21.24 0.88
CA CYS C 281 3.94 -20.33 -0.03
C CYS C 281 3.31 -21.14 -1.15
N GLN C 282 1.98 -21.05 -1.28
CA GLN C 282 1.22 -21.80 -2.26
C GLN C 282 0.50 -20.85 -3.21
N THR C 283 0.55 -21.17 -4.50
CA THR C 283 -0.14 -20.45 -5.55
C THR C 283 -1.10 -21.42 -6.25
N PRO C 284 -2.13 -20.90 -6.94
CA PRO C 284 -3.08 -21.80 -7.62
C PRO C 284 -2.43 -22.64 -8.71
N VAL C 285 -1.25 -22.25 -9.20
CA VAL C 285 -0.55 -23.04 -10.21
C VAL C 285 0.53 -23.93 -9.60
N GLY C 286 0.85 -23.77 -8.33
CA GLY C 286 1.86 -24.58 -7.69
C GLY C 286 2.56 -23.81 -6.58
N ALA C 287 3.26 -24.57 -5.75
CA ALA C 287 3.99 -23.99 -4.64
C ALA C 287 5.33 -23.44 -5.10
N ILE C 288 5.79 -22.39 -4.42
CA ILE C 288 7.05 -21.73 -4.75
C ILE C 288 7.89 -21.61 -3.48
N ASN C 289 9.20 -21.47 -3.68
CA ASN C 289 10.11 -21.25 -2.57
C ASN C 289 10.04 -19.79 -2.10
N SER C 290 10.43 -19.58 -0.85
CA SER C 290 10.36 -18.27 -0.22
C SER C 290 11.75 -17.76 0.19
N SER C 291 12.81 -18.30 -0.39
CA SER C 291 14.15 -17.85 -0.06
C SER C 291 14.40 -16.43 -0.57
N MET C 292 14.08 -16.20 -1.84
CA MET C 292 14.33 -14.91 -2.48
C MET C 292 13.29 -13.89 -2.06
N PRO C 293 13.63 -12.59 -2.14
CA PRO C 293 12.67 -11.55 -1.73
C PRO C 293 11.60 -11.24 -2.74
N PHE C 294 11.70 -11.72 -3.98
CA PHE C 294 10.74 -11.39 -5.02
C PHE C 294 10.37 -12.63 -5.82
N HIS C 295 9.18 -12.59 -6.42
CA HIS C 295 8.72 -13.65 -7.29
C HIS C 295 7.74 -13.07 -8.30
N ASN C 296 7.51 -13.81 -9.39
CA ASN C 296 6.62 -13.35 -10.46
C ASN C 296 5.65 -14.44 -10.90
N ILE C 297 5.42 -15.47 -10.07
CA ILE C 297 4.64 -16.61 -10.51
C ILE C 297 3.16 -16.25 -10.60
N HIS C 298 2.57 -15.82 -9.47
CA HIS C 298 1.13 -15.65 -9.41
C HIS C 298 0.81 -14.66 -8.30
N PRO C 299 -0.25 -13.86 -8.43
CA PRO C 299 -0.61 -12.92 -7.35
C PRO C 299 -1.46 -13.54 -6.24
N LEU C 300 -2.17 -14.63 -6.50
CA LEU C 300 -3.10 -15.21 -5.54
C LEU C 300 -2.38 -16.23 -4.66
N THR C 301 -1.50 -15.73 -3.81
CA THR C 301 -0.65 -16.56 -2.98
C THR C 301 -1.24 -16.72 -1.57
N ILE C 302 -0.95 -17.85 -0.95
CA ILE C 302 -1.29 -18.11 0.44
C ILE C 302 -0.03 -18.61 1.15
N GLY C 303 0.35 -17.93 2.24
CA GLY C 303 1.49 -18.33 3.04
C GLY C 303 2.43 -17.17 3.23
N GLU C 304 3.67 -17.49 3.61
CA GLU C 304 4.74 -16.50 3.76
C GLU C 304 5.49 -16.46 2.44
N CYS C 305 5.24 -15.43 1.64
CA CYS C 305 5.62 -15.41 0.25
C CYS C 305 6.52 -14.22 -0.06
N PRO C 306 7.33 -14.31 -1.12
CA PRO C 306 8.06 -13.13 -1.60
C PRO C 306 7.08 -12.11 -2.16
N LYS C 307 7.58 -10.88 -2.30
CA LYS C 307 6.78 -9.81 -2.86
C LYS C 307 6.58 -10.02 -4.36
N TYR C 308 5.34 -9.94 -4.82
CA TYR C 308 5.04 -10.17 -6.22
C TYR C 308 5.47 -8.96 -7.05
N VAL C 309 6.19 -9.21 -8.13
CA VAL C 309 6.72 -8.15 -8.99
C VAL C 309 6.41 -8.48 -10.45
N LYS C 310 6.30 -7.43 -11.26
CA LYS C 310 6.08 -7.57 -12.70
C LYS C 310 7.42 -7.49 -13.45
N SER C 311 8.33 -8.39 -13.07
CA SER C 311 9.66 -8.43 -13.66
C SER C 311 10.01 -9.86 -14.05
N ASN C 312 10.85 -9.99 -15.06
CA ASN C 312 11.29 -11.30 -15.54
C ASN C 312 12.73 -11.62 -15.14
N LYS C 313 13.44 -10.68 -14.50
CA LYS C 313 14.85 -10.89 -14.20
C LYS C 313 15.37 -9.84 -13.23
N LEU C 314 16.02 -10.28 -12.15
CA LEU C 314 16.67 -9.38 -11.18
C LEU C 314 17.99 -10.04 -10.77
N VAL C 315 19.06 -9.74 -11.51
CA VAL C 315 20.37 -10.35 -11.29
C VAL C 315 21.29 -9.32 -10.67
N LEU C 316 21.94 -9.69 -9.56
CA LEU C 316 22.93 -8.85 -8.91
C LEU C 316 24.32 -9.27 -9.36
N ALA C 317 25.07 -8.32 -9.91
CA ALA C 317 26.45 -8.60 -10.29
C ALA C 317 27.31 -8.73 -9.05
N THR C 318 27.95 -9.88 -8.89
CA THR C 318 28.89 -10.10 -7.80
C THR C 318 30.33 -10.14 -8.24
N GLY C 319 30.61 -10.62 -9.45
CA GLY C 319 31.95 -10.68 -9.97
C GLY C 319 32.36 -9.40 -10.68
N LEU C 320 33.48 -9.47 -11.37
CA LEU C 320 34.05 -8.31 -12.05
C LEU C 320 33.56 -8.25 -13.50
N ARG C 321 33.81 -7.10 -14.13
CA ARG C 321 33.55 -6.96 -15.55
C ARG C 321 34.44 -7.90 -16.34
N ASN C 322 33.87 -8.54 -17.36
CA ASN C 322 34.53 -9.63 -18.08
C ASN C 322 34.51 -9.37 -19.58
N SER C 323 35.55 -9.87 -20.25
CA SER C 323 35.65 -9.84 -21.71
C SER C 323 36.04 -11.22 -22.18
N PRO C 324 35.05 -12.13 -22.35
CA PRO C 324 35.32 -13.51 -22.77
C PRO C 324 35.67 -13.63 -24.25
N ILE D 6 51.07 -10.14 -18.48
CA ILE D 6 52.01 -9.41 -19.32
C ILE D 6 51.37 -8.12 -19.82
N ALA D 7 50.07 -7.98 -19.53
CA ALA D 7 49.28 -6.85 -20.04
C ALA D 7 49.10 -5.74 -19.02
N GLY D 8 48.55 -6.04 -17.84
CA GLY D 8 48.19 -5.03 -16.86
C GLY D 8 46.71 -4.71 -16.89
N PHE D 9 46.29 -3.82 -15.98
CA PHE D 9 44.86 -3.53 -15.89
C PHE D 9 44.39 -2.62 -17.02
N ILE D 10 45.28 -1.81 -17.61
CA ILE D 10 44.88 -0.87 -18.66
C ILE D 10 44.30 -1.63 -19.85
N GLU D 11 44.91 -2.76 -20.21
CA GLU D 11 44.40 -3.55 -21.32
C GLU D 11 43.10 -4.26 -20.96
N GLY D 12 43.16 -5.13 -19.95
CA GLY D 12 41.97 -5.87 -19.55
C GLY D 12 42.30 -6.91 -18.51
N GLY D 13 41.37 -7.86 -18.33
CA GLY D 13 41.52 -8.89 -17.33
C GLY D 13 42.50 -9.98 -17.74
N TRP D 14 42.89 -10.77 -16.74
CA TRP D 14 43.84 -11.87 -16.91
C TRP D 14 43.10 -13.19 -16.77
N GLN D 15 42.89 -13.88 -17.90
CA GLN D 15 42.33 -15.23 -17.84
C GLN D 15 43.27 -16.18 -17.11
N GLY D 16 44.57 -15.88 -17.10
CA GLY D 16 45.52 -16.73 -16.39
C GLY D 16 45.33 -16.72 -14.88
N MET D 17 45.07 -15.55 -14.32
CA MET D 17 44.87 -15.43 -12.87
C MET D 17 43.47 -15.93 -12.53
N VAL D 18 43.40 -17.06 -11.82
CA VAL D 18 42.11 -17.70 -11.53
C VAL D 18 42.01 -18.00 -10.04
N ASP D 19 42.98 -17.54 -9.26
CA ASP D 19 43.00 -17.79 -7.83
C ASP D 19 42.59 -16.57 -7.01
N GLY D 20 42.08 -15.52 -7.66
CA GLY D 20 41.64 -14.36 -6.93
C GLY D 20 41.05 -13.32 -7.86
N TRP D 21 40.43 -12.30 -7.26
CA TRP D 21 39.89 -11.18 -8.02
C TRP D 21 40.97 -10.21 -8.47
N TYR D 22 41.92 -9.90 -7.59
CA TYR D 22 42.99 -8.96 -7.86
C TYR D 22 44.33 -9.61 -7.53
N GLY D 23 45.34 -9.30 -8.33
CA GLY D 23 46.64 -9.90 -8.09
C GLY D 23 47.71 -9.29 -8.96
N TYR D 24 48.86 -9.97 -8.99
CA TYR D 24 50.04 -9.50 -9.70
C TYR D 24 50.43 -10.50 -10.79
N HIS D 25 51.47 -10.14 -11.53
CA HIS D 25 52.08 -11.03 -12.52
C HIS D 25 53.55 -10.66 -12.63
N HIS D 26 54.40 -11.41 -11.94
CA HIS D 26 55.83 -11.12 -11.96
C HIS D 26 56.47 -11.72 -13.21
N SER D 27 57.51 -11.04 -13.70
CA SER D 27 58.26 -11.52 -14.86
C SER D 27 59.72 -11.07 -14.69
N ASN D 28 60.53 -11.96 -14.12
CA ASN D 28 61.96 -11.74 -13.99
C ASN D 28 62.70 -12.79 -14.82
N GLU D 29 64.03 -12.80 -14.71
CA GLU D 29 64.83 -13.76 -15.47
C GLU D 29 64.53 -15.20 -15.07
N GLN D 30 64.02 -15.43 -13.87
CA GLN D 30 63.75 -16.77 -13.39
C GLN D 30 62.48 -17.39 -13.96
N GLY D 31 61.70 -16.62 -14.72
CA GLY D 31 60.48 -17.10 -15.34
C GLY D 31 59.35 -16.12 -15.13
N SER D 32 58.15 -16.57 -15.45
CA SER D 32 56.94 -15.78 -15.30
C SER D 32 55.95 -16.51 -14.40
N GLY D 33 54.94 -15.78 -13.95
CA GLY D 33 53.91 -16.38 -13.10
C GLY D 33 52.90 -15.33 -12.68
N TYR D 34 51.86 -15.82 -12.01
CA TYR D 34 50.81 -14.98 -11.48
C TYR D 34 50.75 -15.12 -9.96
N ALA D 35 50.34 -14.04 -9.30
CA ALA D 35 50.07 -14.06 -7.87
C ALA D 35 48.77 -13.33 -7.61
N ALA D 36 48.10 -13.70 -6.53
CA ALA D 36 46.82 -13.11 -6.16
C ALA D 36 46.96 -12.44 -4.79
N ASP D 37 46.52 -11.19 -4.70
CA ASP D 37 46.49 -10.47 -3.42
C ASP D 37 45.32 -11.02 -2.61
N LYS D 38 45.63 -11.84 -1.61
CA LYS D 38 44.60 -12.45 -0.77
C LYS D 38 43.79 -11.39 -0.03
N GLU D 39 44.46 -10.35 0.49
CA GLU D 39 43.80 -9.42 1.40
C GLU D 39 42.72 -8.62 0.69
N SER D 40 43.03 -8.02 -0.45
CA SER D 40 42.06 -7.16 -1.12
C SER D 40 40.96 -7.99 -1.80
N THR D 41 41.27 -9.21 -2.25
CA THR D 41 40.22 -10.07 -2.78
C THR D 41 39.25 -10.49 -1.68
N GLN D 42 39.77 -10.94 -0.55
CA GLN D 42 38.90 -11.38 0.54
C GLN D 42 38.12 -10.21 1.13
N LYS D 43 38.77 -9.05 1.26
CA LYS D 43 38.06 -7.87 1.75
C LYS D 43 36.94 -7.47 0.79
N ALA D 44 37.19 -7.56 -0.51
CA ALA D 44 36.14 -7.28 -1.49
C ALA D 44 35.09 -8.39 -1.53
N ILE D 45 35.49 -9.64 -1.32
CA ILE D 45 34.53 -10.74 -1.33
C ILE D 45 33.55 -10.61 -0.17
N ASP D 46 34.08 -10.32 1.02
CA ASP D 46 33.22 -10.08 2.18
C ASP D 46 32.32 -8.87 1.98
N GLY D 47 32.66 -7.98 1.06
CA GLY D 47 31.85 -6.82 0.77
C GLY D 47 30.61 -7.15 -0.01
N VAL D 48 30.78 -7.68 -1.23
CA VAL D 48 29.63 -7.97 -2.08
C VAL D 48 28.75 -9.05 -1.44
N THR D 49 29.34 -9.91 -0.62
CA THR D 49 28.55 -10.92 0.09
C THR D 49 27.60 -10.25 1.09
N ASN D 50 28.07 -9.22 1.79
CA ASN D 50 27.18 -8.46 2.66
C ASN D 50 26.10 -7.74 1.86
N LYS D 51 26.47 -7.17 0.71
CA LYS D 51 25.49 -6.44 -0.10
C LYS D 51 24.40 -7.36 -0.60
N VAL D 52 24.76 -8.56 -1.06
CA VAL D 52 23.76 -9.53 -1.52
C VAL D 52 22.87 -9.95 -0.36
N ASN D 53 23.47 -10.25 0.79
CA ASN D 53 22.69 -10.68 1.95
C ASN D 53 21.79 -9.55 2.45
N SER D 54 22.30 -8.31 2.48
CA SER D 54 21.51 -7.19 2.97
C SER D 54 20.27 -6.97 2.11
N ILE D 55 20.44 -7.07 0.79
CA ILE D 55 19.31 -6.92 -0.13
C ILE D 55 18.28 -8.03 0.12
N ILE D 56 18.74 -9.22 0.48
CA ILE D 56 17.85 -10.36 0.69
C ILE D 56 17.34 -10.43 2.12
N ASP D 57 18.24 -10.30 3.11
CA ASP D 57 17.85 -10.57 4.49
C ASP D 57 16.99 -9.45 5.09
N LYS D 58 17.12 -8.22 4.58
CA LYS D 58 16.34 -7.13 5.16
C LYS D 58 14.87 -7.19 4.79
N MET D 59 14.47 -8.08 3.88
CA MET D 59 13.06 -8.17 3.52
C MET D 59 12.28 -8.82 4.66
N ASN D 60 11.17 -8.19 5.05
CA ASN D 60 10.31 -8.69 6.10
C ASN D 60 9.07 -9.31 5.47
N THR D 61 8.79 -10.55 5.85
CA THR D 61 7.67 -11.30 5.29
C THR D 61 6.80 -11.85 6.42
N GLN D 62 5.49 -11.80 6.20
CA GLN D 62 4.51 -12.35 7.13
C GLN D 62 3.48 -13.15 6.37
N PHE D 63 2.71 -13.96 7.09
CA PHE D 63 1.67 -14.77 6.47
C PHE D 63 0.57 -13.87 5.91
N GLU D 64 0.18 -14.12 4.67
CA GLU D 64 -0.94 -13.43 4.04
C GLU D 64 -1.72 -14.42 3.19
N ALA D 65 -3.02 -14.18 3.10
CA ALA D 65 -3.93 -15.01 2.30
C ALA D 65 -4.60 -14.12 1.26
N VAL D 66 -4.24 -14.33 0.00
CA VAL D 66 -4.77 -13.53 -1.11
C VAL D 66 -5.80 -14.38 -1.85
N GLY D 67 -7.02 -13.87 -1.93
CA GLY D 67 -8.09 -14.53 -2.66
C GLY D 67 -9.13 -13.51 -3.10
N ARG D 68 -10.14 -14.00 -3.80
CA ARG D 68 -11.27 -13.18 -4.24
C ARG D 68 -12.51 -13.65 -3.50
N GLU D 69 -12.96 -12.86 -2.53
CA GLU D 69 -13.97 -13.29 -1.57
C GLU D 69 -15.15 -12.31 -1.51
N PHE D 70 -15.41 -11.58 -2.59
CA PHE D 70 -16.50 -10.62 -2.64
C PHE D 70 -17.48 -11.00 -3.76
N ASN D 71 -18.77 -10.87 -3.48
CA ASN D 71 -19.81 -11.33 -4.39
C ASN D 71 -20.07 -10.28 -5.47
N ASN D 72 -21.15 -10.48 -6.23
CA ASN D 72 -21.44 -9.63 -7.38
C ASN D 72 -21.94 -8.24 -6.98
N LEU D 73 -22.49 -8.09 -5.77
CA LEU D 73 -22.93 -6.80 -5.28
C LEU D 73 -21.92 -6.16 -4.33
N GLU D 74 -20.68 -6.64 -4.34
CA GLU D 74 -19.58 -6.07 -3.57
C GLU D 74 -18.43 -5.68 -4.49
N ARG D 75 -18.77 -5.11 -5.65
CA ARG D 75 -17.75 -4.76 -6.64
C ARG D 75 -16.92 -3.56 -6.20
N ARG D 76 -17.53 -2.60 -5.49
CA ARG D 76 -16.77 -1.45 -5.01
C ARG D 76 -15.69 -1.88 -4.03
N ILE D 77 -16.00 -2.79 -3.12
CA ILE D 77 -15.01 -3.29 -2.18
C ILE D 77 -13.96 -4.14 -2.90
N GLU D 78 -14.39 -4.92 -3.91
CA GLU D 78 -13.43 -5.66 -4.72
C GLU D 78 -12.49 -4.72 -5.45
N ASN D 79 -13.01 -3.60 -5.96
CA ASN D 79 -12.16 -2.62 -6.64
C ASN D 79 -11.12 -2.03 -5.69
N LEU D 80 -11.47 -1.86 -4.41
CA LEU D 80 -10.51 -1.37 -3.45
C LEU D 80 -9.36 -2.35 -3.27
N ASN D 81 -9.67 -3.65 -3.23
CA ASN D 81 -8.63 -4.67 -3.16
C ASN D 81 -7.74 -4.65 -4.40
N LYS D 82 -8.34 -4.46 -5.57
CA LYS D 82 -7.56 -4.39 -6.81
C LYS D 82 -6.59 -3.22 -6.77
N LYS D 83 -7.07 -2.04 -6.36
CA LYS D 83 -6.20 -0.87 -6.31
C LYS D 83 -5.08 -1.06 -5.29
N MET D 84 -5.38 -1.69 -4.16
CA MET D 84 -4.35 -1.96 -3.16
C MET D 84 -3.31 -2.94 -3.70
N GLU D 85 -3.76 -4.05 -4.29
CA GLU D 85 -2.83 -5.06 -4.79
C GLU D 85 -2.00 -4.52 -5.96
N ASP D 86 -2.64 -3.80 -6.87
CA ASP D 86 -1.89 -3.21 -7.98
C ASP D 86 -0.93 -2.13 -7.49
N GLY D 87 -1.32 -1.39 -6.45
CA GLY D 87 -0.43 -0.37 -5.91
C GLY D 87 0.85 -0.95 -5.33
N PHE D 88 0.73 -2.06 -4.58
CA PHE D 88 1.92 -2.70 -4.05
C PHE D 88 2.72 -3.41 -5.14
N LEU D 89 2.05 -3.86 -6.20
CA LEU D 89 2.77 -4.42 -7.33
C LEU D 89 3.65 -3.38 -8.00
N ASP D 90 3.13 -2.17 -8.19
CA ASP D 90 3.90 -1.11 -8.82
C ASP D 90 5.05 -0.65 -7.93
N VAL D 91 4.82 -0.56 -6.62
CA VAL D 91 5.88 -0.12 -5.70
C VAL D 91 7.03 -1.13 -5.69
N TRP D 92 6.71 -2.41 -5.52
CA TRP D 92 7.75 -3.42 -5.43
C TRP D 92 8.50 -3.59 -6.75
N THR D 93 7.78 -3.59 -7.87
CA THR D 93 8.43 -3.75 -9.16
C THR D 93 9.38 -2.60 -9.46
N TYR D 94 8.96 -1.37 -9.16
CA TYR D 94 9.80 -0.20 -9.45
C TYR D 94 11.04 -0.20 -8.56
N ASN D 95 10.87 -0.42 -7.26
CA ASN D 95 12.00 -0.36 -6.34
C ASN D 95 12.97 -1.51 -6.57
N ALA D 96 12.46 -2.71 -6.81
CA ALA D 96 13.33 -3.86 -6.97
C ALA D 96 14.25 -3.71 -8.18
N GLU D 97 13.71 -3.21 -9.29
CA GLU D 97 14.51 -3.10 -10.51
C GLU D 97 15.54 -1.97 -10.40
N LEU D 98 15.14 -0.82 -9.87
CA LEU D 98 16.09 0.29 -9.73
C LEU D 98 17.16 -0.04 -8.70
N LEU D 99 16.80 -0.74 -7.62
CA LEU D 99 17.79 -1.15 -6.63
C LEU D 99 18.85 -2.05 -7.25
N VAL D 100 18.43 -3.00 -8.09
CA VAL D 100 19.38 -3.86 -8.76
C VAL D 100 20.25 -3.05 -9.72
N LEU D 101 19.65 -2.13 -10.47
CA LEU D 101 20.43 -1.32 -11.40
C LEU D 101 21.44 -0.45 -10.66
N MET D 102 21.01 0.19 -9.57
CA MET D 102 21.90 1.09 -8.85
C MET D 102 23.02 0.32 -8.14
N GLU D 103 22.69 -0.83 -7.54
CA GLU D 103 23.70 -1.59 -6.81
C GLU D 103 24.67 -2.32 -7.74
N ASN D 104 24.23 -2.71 -8.94
CA ASN D 104 25.16 -3.28 -9.90
C ASN D 104 26.18 -2.25 -10.36
N GLU D 105 25.74 -1.00 -10.55
CA GLU D 105 26.67 0.06 -10.89
C GLU D 105 27.70 0.27 -9.79
N ARG D 106 27.24 0.26 -8.53
CA ARG D 106 28.17 0.43 -7.41
C ARG D 106 29.12 -0.74 -7.31
N THR D 107 28.64 -1.96 -7.50
CA THR D 107 29.49 -3.14 -7.38
C THR D 107 30.61 -3.14 -8.42
N LEU D 108 30.27 -2.77 -9.66
CA LEU D 108 31.30 -2.70 -10.71
C LEU D 108 32.30 -1.58 -10.44
N ASP D 109 31.81 -0.41 -10.02
CA ASP D 109 32.71 0.67 -9.65
C ASP D 109 33.57 0.31 -8.45
N PHE D 110 33.02 -0.48 -7.53
CA PHE D 110 33.79 -0.95 -6.38
C PHE D 110 34.99 -1.78 -6.82
N HIS D 111 34.86 -2.51 -7.93
CA HIS D 111 35.98 -3.31 -8.42
C HIS D 111 37.06 -2.44 -9.05
N ASP D 112 36.67 -1.39 -9.77
CA ASP D 112 37.65 -0.50 -10.38
C ASP D 112 38.52 0.19 -9.33
N SER D 113 37.89 0.63 -8.23
CA SER D 113 38.63 1.30 -7.16
C SER D 113 39.66 0.37 -6.54
N ASN D 114 39.30 -0.91 -6.34
CA ASN D 114 40.23 -1.85 -5.73
C ASN D 114 41.45 -2.07 -6.62
N VAL D 115 41.25 -2.18 -7.93
CA VAL D 115 42.36 -2.38 -8.84
C VAL D 115 43.30 -1.18 -8.82
N LYS D 116 42.74 0.04 -8.88
CA LYS D 116 43.57 1.24 -8.90
C LYS D 116 44.34 1.39 -7.59
N ASN D 117 43.71 1.07 -6.46
CA ASN D 117 44.40 1.18 -5.18
C ASN D 117 45.57 0.21 -5.08
N LEU D 118 45.42 -1.00 -5.63
CA LEU D 118 46.53 -1.94 -5.62
C LEU D 118 47.70 -1.45 -6.47
N TYR D 119 47.39 -0.85 -7.63
CA TYR D 119 48.44 -0.28 -8.47
C TYR D 119 49.13 0.88 -7.76
N ASP D 120 48.36 1.75 -7.09
CA ASP D 120 48.95 2.89 -6.41
C ASP D 120 49.77 2.47 -5.19
N LYS D 121 49.39 1.37 -4.54
CA LYS D 121 50.18 0.86 -3.43
C LYS D 121 51.57 0.44 -3.89
N VAL D 122 51.65 -0.27 -5.00
CA VAL D 122 52.95 -0.71 -5.53
C VAL D 122 53.74 0.49 -6.05
N ARG D 123 53.06 1.46 -6.65
CA ARG D 123 53.73 2.65 -7.17
C ARG D 123 54.44 3.40 -6.06
N LEU D 124 53.78 3.56 -4.91
CA LEU D 124 54.40 4.22 -3.77
C LEU D 124 55.60 3.43 -3.26
N GLN D 125 55.49 2.09 -3.26
CA GLN D 125 56.58 1.26 -2.74
C GLN D 125 57.83 1.38 -3.60
N LEU D 126 57.69 1.25 -4.92
CA LEU D 126 58.86 1.22 -5.78
C LEU D 126 59.47 2.61 -5.95
N ARG D 127 58.63 3.64 -6.05
CA ARG D 127 59.06 5.03 -6.29
C ARG D 127 59.86 5.05 -7.60
N ASP D 128 61.08 5.58 -7.61
CA ASP D 128 61.85 5.70 -8.83
C ASP D 128 62.77 4.51 -9.07
N ASN D 129 62.70 3.47 -8.23
CA ASN D 129 63.45 2.24 -8.47
C ASN D 129 62.95 1.49 -9.70
N ALA D 130 61.78 1.83 -10.22
CA ALA D 130 61.23 1.19 -11.41
C ALA D 130 60.63 2.26 -12.32
N LYS D 131 60.13 1.81 -13.47
CA LYS D 131 59.59 2.69 -14.50
C LYS D 131 58.13 2.37 -14.73
N GLU D 132 57.29 3.41 -14.79
CA GLU D 132 55.88 3.22 -15.09
C GLU D 132 55.70 3.07 -16.60
N LEU D 133 55.20 1.91 -17.03
CA LEU D 133 55.07 1.61 -18.45
C LEU D 133 53.77 2.10 -19.06
N GLY D 134 52.77 2.44 -18.24
CA GLY D 134 51.51 2.96 -18.75
C GLY D 134 50.45 1.94 -19.00
N ASN D 135 50.77 0.64 -18.99
CA ASN D 135 49.79 -0.42 -19.16
C ASN D 135 49.36 -1.03 -17.83
N GLY D 136 49.83 -0.51 -16.71
CA GLY D 136 49.62 -1.12 -15.43
C GLY D 136 50.77 -1.94 -14.90
N CYS D 137 51.92 -1.94 -15.58
CA CYS D 137 53.09 -2.68 -15.18
C CYS D 137 54.23 -1.73 -14.86
N PHE D 138 55.10 -2.15 -13.95
CA PHE D 138 56.34 -1.44 -13.63
C PHE D 138 57.52 -2.26 -14.12
N GLU D 139 58.47 -1.61 -14.78
CA GLU D 139 59.72 -2.25 -15.18
C GLU D 139 60.83 -1.77 -14.25
N PHE D 140 61.52 -2.71 -13.63
CA PHE D 140 62.52 -2.37 -12.63
C PHE D 140 63.79 -1.81 -13.27
N TYR D 141 64.39 -0.83 -12.61
CA TYR D 141 65.71 -0.34 -12.97
C TYR D 141 66.83 -1.19 -12.39
N HIS D 142 66.49 -2.23 -11.63
CA HIS D 142 67.48 -3.09 -11.00
C HIS D 142 67.02 -4.54 -11.12
N LYS D 143 67.94 -5.47 -10.85
CA LYS D 143 67.58 -6.88 -10.84
C LYS D 143 66.65 -7.16 -9.66
N CYS D 144 65.48 -7.72 -9.96
CA CYS D 144 64.48 -8.04 -8.94
C CYS D 144 64.15 -9.53 -9.07
N ASP D 145 64.66 -10.32 -8.12
CA ASP D 145 64.49 -11.76 -8.14
C ASP D 145 63.13 -12.14 -7.55
N ASN D 146 62.88 -13.45 -7.43
CA ASN D 146 61.60 -13.92 -6.93
C ASN D 146 61.38 -13.52 -5.48
N GLU D 147 62.44 -13.50 -4.67
CA GLU D 147 62.32 -12.94 -3.32
C GLU D 147 62.10 -11.43 -3.38
N CYS D 148 62.72 -10.76 -4.34
CA CYS D 148 62.47 -9.33 -4.53
C CYS D 148 61.02 -9.09 -4.96
N MET D 149 60.47 -9.98 -5.77
CA MET D 149 59.07 -9.86 -6.16
C MET D 149 58.15 -9.99 -4.95
N GLU D 150 58.44 -10.95 -4.05
CA GLU D 150 57.58 -11.15 -2.89
C GLU D 150 57.58 -9.96 -1.96
N SER D 151 58.71 -9.25 -1.86
CA SER D 151 58.78 -8.06 -1.03
C SER D 151 57.81 -6.99 -1.54
N VAL D 152 57.69 -6.86 -2.86
CA VAL D 152 56.70 -5.95 -3.42
C VAL D 152 55.28 -6.41 -3.07
N ARG D 153 55.01 -7.71 -3.24
CA ARG D 153 53.66 -8.22 -3.01
C ARG D 153 53.27 -8.15 -1.54
N ASN D 154 54.18 -8.54 -0.64
CA ASN D 154 53.85 -8.58 0.78
C ASN D 154 54.23 -7.30 1.52
N GLY D 155 54.62 -6.25 0.79
CA GLY D 155 54.79 -4.94 1.38
C GLY D 155 56.11 -4.68 2.07
N THR D 156 57.11 -5.54 1.89
CA THR D 156 58.41 -5.37 2.54
C THR D 156 59.51 -5.07 1.53
N TYR D 157 59.20 -4.27 0.51
CA TYR D 157 60.20 -3.88 -0.47
C TYR D 157 61.17 -2.88 0.16
N ASP D 158 62.46 -3.17 0.04
CA ASP D 158 63.51 -2.34 0.66
C ASP D 158 64.09 -1.43 -0.42
N TYR D 159 63.62 -0.17 -0.44
CA TYR D 159 64.05 0.76 -1.47
C TYR D 159 65.54 1.08 -1.40
N PRO D 160 66.11 1.44 -0.25
CA PRO D 160 67.55 1.79 -0.24
C PRO D 160 68.47 0.64 -0.61
N GLN D 161 68.00 -0.61 -0.56
CA GLN D 161 68.85 -1.73 -0.96
C GLN D 161 69.27 -1.62 -2.42
N TYR D 162 68.37 -1.13 -3.28
CA TYR D 162 68.63 -1.00 -4.70
C TYR D 162 68.67 0.46 -5.17
N SER D 163 68.72 1.40 -4.23
CA SER D 163 68.59 2.82 -4.59
C SER D 163 69.74 3.27 -5.48
N GLU D 164 70.98 2.87 -5.15
CA GLU D 164 72.12 3.31 -5.95
C GLU D 164 72.20 2.55 -7.26
N GLU D 165 71.84 1.26 -7.27
CA GLU D 165 71.83 0.49 -8.50
C GLU D 165 70.83 1.07 -9.49
N ALA D 166 69.66 1.48 -9.02
CA ALA D 166 68.65 2.07 -9.90
C ALA D 166 69.10 3.43 -10.42
N ARG D 167 69.73 4.24 -9.56
CA ARG D 167 70.10 5.58 -9.97
C ARG D 167 71.18 5.57 -11.04
N LEU D 168 72.12 4.62 -10.97
CA LEU D 168 73.10 4.50 -12.05
C LEU D 168 72.43 4.08 -13.35
N LYS D 169 71.47 3.16 -13.28
CA LYS D 169 70.76 2.76 -14.49
C LYS D 169 69.80 3.84 -14.97
N ARG D 170 69.24 4.62 -14.06
CA ARG D 170 68.42 5.76 -14.47
C ARG D 170 69.25 6.79 -15.22
N GLU D 171 70.44 7.10 -14.69
CA GLU D 171 71.25 8.17 -15.26
C GLU D 171 71.87 7.75 -16.59
N GLU D 172 72.43 6.54 -16.64
CA GLU D 172 73.20 6.13 -17.82
C GLU D 172 72.30 5.79 -19.00
N ILE D 173 71.03 5.46 -18.77
CA ILE D 173 70.11 5.18 -19.87
C ILE D 173 69.86 6.48 -20.62
N SER D 174 70.10 6.46 -21.93
CA SER D 174 69.88 7.63 -22.78
C SER D 174 68.86 7.32 -23.86
N ASP E 1 67.10 9.74 10.92
CA ASP E 1 66.30 9.34 9.77
C ASP E 1 65.20 10.35 9.39
N PRO E 2 64.29 10.69 10.32
CA PRO E 2 63.16 11.54 9.94
C PRO E 2 63.59 13.00 9.79
N GLY E 3 63.19 13.61 8.68
CA GLY E 3 63.40 15.02 8.45
C GLY E 3 62.16 15.82 8.77
N ASP E 4 62.05 16.99 8.15
CA ASP E 4 60.83 17.77 8.27
C ASP E 4 59.70 17.08 7.51
N GLN E 5 58.52 17.01 8.13
CA GLN E 5 57.42 16.25 7.58
C GLN E 5 56.11 17.05 7.65
N ILE E 6 55.24 16.79 6.68
CA ILE E 6 53.87 17.28 6.66
C ILE E 6 52.97 16.08 6.37
N CYS E 7 51.84 16.01 7.07
CA CYS E 7 50.98 14.83 7.02
C CYS E 7 49.54 15.23 6.76
N ILE E 8 48.78 14.28 6.22
CA ILE E 8 47.36 14.43 5.97
C ILE E 8 46.61 13.40 6.81
N GLY E 9 45.60 13.84 7.54
CA GLY E 9 44.87 12.97 8.44
C GLY E 9 43.49 13.50 8.73
N TYR E 10 42.80 12.82 9.64
CA TYR E 10 41.40 13.13 9.91
C TYR E 10 41.06 12.93 11.37
N HIS E 11 39.89 13.44 11.75
CA HIS E 11 39.45 13.45 13.15
C HIS E 11 39.15 12.04 13.65
N ALA E 12 39.60 11.76 14.88
CA ALA E 12 39.17 10.59 15.64
C ALA E 12 38.92 11.01 17.08
N ASN E 13 37.99 10.33 17.74
CA ASN E 13 37.68 10.61 19.14
C ASN E 13 37.42 9.28 19.85
N ASN E 14 36.84 9.38 21.05
CA ASN E 14 36.61 8.22 21.91
C ASN E 14 35.24 7.59 21.71
N SER E 15 34.46 8.06 20.73
CA SER E 15 33.13 7.55 20.53
C SER E 15 33.14 6.07 20.15
N THR E 16 32.15 5.33 20.64
CA THR E 16 31.97 3.93 20.31
C THR E 16 30.68 3.68 19.53
N GLU E 17 30.02 4.74 19.04
CA GLU E 17 28.80 4.56 18.25
C GLU E 17 29.10 3.75 17.00
N GLN E 18 28.18 2.85 16.67
CA GLN E 18 28.33 1.96 15.53
C GLN E 18 27.19 2.14 14.54
N VAL E 19 27.54 2.18 13.26
CA VAL E 19 26.58 2.18 12.17
C VAL E 19 26.92 1.02 11.25
N ASP E 20 25.98 0.69 10.37
CA ASP E 20 26.18 -0.36 9.38
C ASP E 20 26.03 0.21 7.99
N THR E 21 26.83 -0.30 7.05
CA THR E 21 26.76 0.08 5.65
C THR E 21 26.27 -1.12 4.83
N ILE E 22 26.07 -0.89 3.54
CA ILE E 22 25.63 -1.95 2.65
C ILE E 22 26.68 -3.05 2.51
N MET E 23 27.96 -2.72 2.78
CA MET E 23 29.05 -3.66 2.62
C MET E 23 29.75 -4.06 3.91
N GLU E 24 29.58 -3.30 4.99
CA GLU E 24 30.23 -3.60 6.25
C GLU E 24 29.21 -3.53 7.38
N LYS E 25 29.46 -4.31 8.43
CA LYS E 25 28.63 -4.34 9.62
C LYS E 25 29.43 -3.90 10.83
N ASN E 26 28.75 -3.21 11.75
CA ASN E 26 29.35 -2.76 13.02
C ASN E 26 30.60 -1.91 12.78
N VAL E 27 30.39 -0.77 12.13
CA VAL E 27 31.46 0.18 11.85
C VAL E 27 31.38 1.30 12.87
N THR E 28 32.47 1.49 13.62
CA THR E 28 32.52 2.54 14.64
C THR E 28 32.77 3.90 13.98
N VAL E 29 32.02 4.90 14.41
CA VAL E 29 32.11 6.25 13.86
C VAL E 29 32.22 7.25 15.00
N THR E 30 32.66 8.46 14.65
CA THR E 30 32.80 9.51 15.64
C THR E 30 31.46 10.12 16.05
N HIS E 31 30.49 10.17 15.14
CA HIS E 31 29.18 10.73 15.44
C HIS E 31 28.13 10.04 14.57
N ALA E 32 26.94 9.84 15.15
CA ALA E 32 25.87 9.17 14.45
C ALA E 32 24.54 9.75 14.92
N GLN E 33 23.51 9.59 14.10
CA GLN E 33 22.18 10.11 14.40
C GLN E 33 21.13 9.06 14.08
N ASP E 34 20.29 8.75 15.06
CA ASP E 34 19.21 7.80 14.90
C ASP E 34 17.97 8.52 14.39
N ILE E 35 17.29 7.92 13.41
CA ILE E 35 16.09 8.50 12.84
C ILE E 35 14.86 7.64 13.14
N LEU E 36 14.96 6.76 14.14
CA LEU E 36 13.87 5.89 14.53
C LEU E 36 13.36 6.30 15.91
N GLU E 37 12.07 6.58 16.01
CA GLU E 37 11.47 6.92 17.30
C GLU E 37 11.11 5.65 18.04
N LYS E 38 11.59 5.53 19.28
CA LYS E 38 11.46 4.29 20.05
C LYS E 38 10.90 4.49 21.45
N THR E 39 10.46 5.69 21.81
CA THR E 39 10.06 5.98 23.18
C THR E 39 8.68 6.63 23.22
N HIS E 40 7.88 6.22 24.19
CA HIS E 40 6.57 6.79 24.44
C HIS E 40 6.47 7.20 25.92
N ASN E 41 5.59 8.14 26.20
CA ASN E 41 5.47 8.71 27.55
C ASN E 41 4.52 7.92 28.43
N GLY E 42 3.89 6.87 27.91
CA GLY E 42 3.04 6.01 28.73
C GLY E 42 1.81 6.69 29.28
N LYS E 43 1.26 7.67 28.57
CA LYS E 43 0.05 8.37 29.00
C LYS E 43 -0.83 8.64 27.79
N LEU E 44 -2.12 8.82 28.06
CA LEU E 44 -3.07 9.27 27.05
C LEU E 44 -3.16 10.79 27.13
N CYS E 45 -2.78 11.46 26.05
CA CYS E 45 -2.71 12.92 26.03
C CYS E 45 -3.80 13.50 25.14
N ASP E 46 -3.87 14.82 25.13
CA ASP E 46 -4.71 15.53 24.16
C ASP E 46 -4.11 15.39 22.77
N LEU E 47 -4.98 15.36 21.77
CA LEU E 47 -4.56 15.27 20.38
C LEU E 47 -4.77 16.62 19.73
N ASN E 48 -3.66 17.33 19.49
CA ASN E 48 -3.68 18.66 18.87
C ASN E 48 -4.52 19.63 19.68
N GLY E 49 -4.41 19.54 21.01
CA GLY E 49 -5.06 20.48 21.90
C GLY E 49 -6.48 20.13 22.32
N VAL E 50 -6.98 18.96 21.95
CA VAL E 50 -8.34 18.56 22.25
C VAL E 50 -8.30 17.31 23.12
N LYS E 51 -9.02 17.35 24.25
CA LYS E 51 -9.04 16.23 25.17
C LYS E 51 -9.76 15.04 24.56
N PRO E 52 -9.31 13.82 24.83
CA PRO E 52 -10.09 12.64 24.43
C PRO E 52 -11.29 12.45 25.33
N LEU E 53 -12.27 11.69 24.80
CA LEU E 53 -13.41 11.25 25.58
C LEU E 53 -13.09 9.87 26.14
N ILE E 54 -12.92 9.80 27.45
CA ILE E 54 -12.51 8.57 28.13
C ILE E 54 -13.71 8.02 28.87
N LEU E 55 -14.28 6.92 28.35
CA LEU E 55 -15.33 6.18 29.02
C LEU E 55 -14.66 5.15 29.92
N LYS E 56 -14.82 5.32 31.23
CA LYS E 56 -14.03 4.55 32.19
C LYS E 56 -14.27 3.05 32.05
N ASP E 57 -15.48 2.57 32.37
CA ASP E 57 -15.80 1.17 32.19
C ASP E 57 -17.10 0.99 31.39
N CYS E 58 -17.51 2.01 30.66
CA CYS E 58 -18.72 1.96 29.86
C CYS E 58 -18.37 1.94 28.38
N SER E 59 -19.32 1.47 27.58
CA SER E 59 -19.21 1.49 26.14
C SER E 59 -20.02 2.66 25.58
N VAL E 60 -19.85 2.89 24.28
CA VAL E 60 -20.56 3.99 23.62
C VAL E 60 -22.06 3.78 23.74
N ALA E 61 -22.53 2.54 23.58
CA ALA E 61 -23.95 2.25 23.65
C ALA E 61 -24.51 2.55 25.04
N GLY E 62 -23.87 2.02 26.08
CA GLY E 62 -24.34 2.26 27.43
C GLY E 62 -24.25 3.73 27.82
N TRP E 63 -23.18 4.40 27.40
CA TRP E 63 -23.03 5.82 27.69
C TRP E 63 -24.13 6.64 27.01
N LEU E 64 -24.43 6.33 25.76
CA LEU E 64 -25.45 7.10 25.03
C LEU E 64 -26.83 6.89 25.62
N LEU E 65 -27.23 5.64 25.82
CA LEU E 65 -28.57 5.33 26.31
C LEU E 65 -28.75 5.66 27.79
N GLY E 66 -27.67 5.89 28.53
CA GLY E 66 -27.80 6.27 29.92
C GLY E 66 -27.93 5.09 30.86
N ASN E 67 -27.06 4.09 30.68
CA ASN E 67 -26.97 2.98 31.61
C ASN E 67 -26.73 3.53 33.01
N PRO E 68 -27.57 3.20 33.99
CA PRO E 68 -27.42 3.79 35.33
C PRO E 68 -26.10 3.46 36.01
N MET E 69 -25.38 2.46 35.50
CA MET E 69 -24.03 2.18 35.98
C MET E 69 -22.98 3.06 35.31
N CYS E 70 -23.38 3.92 34.38
CA CYS E 70 -22.49 4.90 33.78
C CYS E 70 -22.74 6.28 34.38
N ASP E 71 -21.66 7.01 34.62
CA ASP E 71 -21.79 8.41 35.03
C ASP E 71 -22.58 9.18 33.98
N GLU E 72 -23.72 9.72 34.39
CA GLU E 72 -24.56 10.52 33.51
C GLU E 72 -24.21 12.01 33.53
N PHE E 73 -23.34 12.44 34.45
CA PHE E 73 -22.87 13.82 34.50
C PHE E 73 -21.60 14.03 33.69
N ILE E 74 -21.36 13.19 32.69
CA ILE E 74 -20.16 13.26 31.87
C ILE E 74 -20.31 14.43 30.89
N ARG E 75 -19.45 15.43 31.03
CA ARG E 75 -19.65 16.76 30.45
C ARG E 75 -18.44 17.16 29.62
N VAL E 76 -18.02 16.29 28.71
CA VAL E 76 -16.99 16.64 27.73
C VAL E 76 -17.70 17.14 26.47
N PRO E 77 -17.79 18.45 26.26
CA PRO E 77 -18.57 18.97 25.11
C PRO E 77 -17.87 18.80 23.77
N GLU E 78 -16.62 18.36 23.76
CA GLU E 78 -15.84 18.26 22.53
C GLU E 78 -14.68 17.31 22.79
N TRP E 79 -14.36 16.49 21.79
CA TRP E 79 -13.24 15.57 21.93
C TRP E 79 -12.66 15.25 20.56
N SER E 80 -11.44 14.73 20.57
CA SER E 80 -10.73 14.35 19.36
C SER E 80 -10.75 12.86 19.09
N TYR E 81 -10.79 12.03 20.13
CA TYR E 81 -10.93 10.60 19.98
C TYR E 81 -11.53 10.02 21.25
N ILE E 82 -12.09 8.82 21.14
CA ILE E 82 -12.77 8.15 22.23
C ILE E 82 -11.92 6.97 22.70
N VAL E 83 -11.78 6.82 24.01
CA VAL E 83 -11.01 5.74 24.60
C VAL E 83 -12.00 4.82 25.32
N GLU E 84 -12.38 3.73 24.65
CA GLU E 84 -13.02 2.62 25.32
C GLU E 84 -11.97 1.70 25.93
N ARG E 85 -12.42 0.77 26.76
CA ARG E 85 -11.55 -0.27 27.28
C ARG E 85 -11.77 -1.56 26.49
N ALA E 86 -10.87 -2.52 26.73
CA ALA E 86 -10.87 -3.75 25.93
C ALA E 86 -12.22 -4.46 26.03
N ASN E 87 -12.74 -4.61 27.24
CA ASN E 87 -14.06 -5.20 27.47
C ASN E 87 -14.79 -4.33 28.49
N PRO E 88 -15.52 -3.31 28.03
CA PRO E 88 -16.26 -2.47 28.96
C PRO E 88 -17.26 -3.28 29.76
N ALA E 89 -17.35 -2.96 31.05
CA ALA E 89 -18.22 -3.71 31.95
C ALA E 89 -19.67 -3.22 31.96
N ASN E 90 -19.96 -2.10 31.29
CA ASN E 90 -21.31 -1.53 31.28
C ASN E 90 -21.71 -1.26 29.83
N ASP E 91 -22.20 -2.31 29.17
CA ASP E 91 -22.88 -2.22 27.88
C ASP E 91 -24.37 -2.06 28.15
N LEU E 92 -25.21 -2.31 27.14
CA LEU E 92 -26.65 -2.36 27.36
C LEU E 92 -26.97 -3.31 28.51
N CYS E 93 -27.43 -2.76 29.64
CA CYS E 93 -27.72 -3.61 30.79
C CYS E 93 -28.91 -4.54 30.52
N TYR E 94 -29.95 -4.03 29.87
CA TYR E 94 -31.01 -4.90 29.40
C TYR E 94 -30.61 -5.51 28.06
N PRO E 95 -30.65 -6.83 27.92
CA PRO E 95 -30.07 -7.46 26.73
C PRO E 95 -30.75 -7.01 25.45
N GLY E 96 -29.96 -6.92 24.39
CA GLY E 96 -30.46 -6.49 23.09
C GLY E 96 -29.36 -6.05 22.16
N SER E 97 -29.59 -4.96 21.43
CA SER E 97 -28.58 -4.48 20.48
C SER E 97 -28.83 -3.01 20.19
N LEU E 98 -27.80 -2.36 19.67
CA LEU E 98 -27.91 -1.02 19.09
C LEU E 98 -27.66 -1.14 17.59
N ASN E 99 -28.61 -0.68 16.80
CA ASN E 99 -28.54 -0.85 15.36
C ASN E 99 -27.47 0.06 14.76
N ASP E 100 -26.76 -0.46 13.76
CA ASP E 100 -25.68 0.26 13.09
C ASP E 100 -24.67 0.79 14.10
N TYR E 101 -24.26 -0.09 15.01
CA TYR E 101 -23.42 0.32 16.14
C TYR E 101 -22.06 0.83 15.66
N GLU E 102 -21.38 0.07 14.80
CA GLU E 102 -20.02 0.42 14.40
C GLU E 102 -19.99 1.75 13.65
N GLU E 103 -20.95 1.99 12.76
CA GLU E 103 -21.00 3.27 12.06
C GLU E 103 -21.29 4.41 13.03
N LEU E 104 -22.11 4.16 14.04
CA LEU E 104 -22.38 5.19 15.05
C LEU E 104 -21.13 5.53 15.84
N LYS E 105 -20.34 4.51 16.21
CA LYS E 105 -19.11 4.76 16.95
C LYS E 105 -18.10 5.56 16.12
N HIS E 106 -17.99 5.24 14.82
CA HIS E 106 -17.12 6.01 13.95
C HIS E 106 -17.60 7.45 13.83
N LEU E 107 -18.92 7.64 13.73
CA LEU E 107 -19.48 8.99 13.63
C LEU E 107 -19.17 9.83 14.87
N LEU E 108 -19.15 9.20 16.05
CA LEU E 108 -18.95 9.91 17.30
C LEU E 108 -17.50 9.96 17.75
N SER E 109 -16.57 9.43 16.93
CA SER E 109 -15.18 9.34 17.37
C SER E 109 -14.58 10.72 17.61
N ARG E 110 -14.86 11.68 16.74
CA ARG E 110 -14.44 13.07 16.94
C ARG E 110 -15.67 13.95 16.75
N ILE E 111 -15.98 14.76 17.77
CA ILE E 111 -17.17 15.59 17.78
C ILE E 111 -16.79 17.01 18.17
N ASN E 112 -17.24 17.98 17.37
CA ASN E 112 -16.93 19.38 17.62
C ASN E 112 -17.76 19.95 18.76
N HIS E 113 -19.04 19.53 18.87
CA HIS E 113 -19.91 20.01 19.93
C HIS E 113 -20.91 18.92 20.27
N PHE E 114 -21.09 18.66 21.56
CA PHE E 114 -21.94 17.57 22.04
C PHE E 114 -22.67 18.02 23.29
N GLU E 115 -23.99 18.08 23.23
CA GLU E 115 -24.80 18.53 24.37
C GLU E 115 -26.06 17.69 24.45
N LYS E 116 -26.35 17.16 25.64
CA LYS E 116 -27.59 16.43 25.87
C LYS E 116 -28.70 17.40 26.20
N ILE E 117 -29.86 17.22 25.57
CA ILE E 117 -31.01 18.10 25.78
C ILE E 117 -32.25 17.24 25.99
N LEU E 118 -33.23 17.83 26.68
CA LEU E 118 -34.52 17.19 26.94
C LEU E 118 -35.48 17.57 25.82
N ILE E 119 -35.96 16.58 25.07
CA ILE E 119 -36.82 16.82 23.92
C ILE E 119 -38.25 16.35 24.18
N ILE E 120 -38.43 15.23 24.88
CA ILE E 120 -39.76 14.72 25.19
C ILE E 120 -39.84 14.42 26.69
N PRO E 121 -40.37 15.34 27.49
CA PRO E 121 -40.44 15.10 28.93
C PRO E 121 -41.43 13.99 29.27
N LYS E 122 -41.25 13.41 30.46
CA LYS E 122 -42.09 12.30 30.90
C LYS E 122 -43.52 12.73 31.17
N SER E 123 -43.82 14.03 31.18
CA SER E 123 -45.19 14.52 31.28
C SER E 123 -45.90 14.53 29.93
N SER E 124 -45.25 14.09 28.86
CA SER E 124 -45.84 14.08 27.54
C SER E 124 -46.66 12.83 27.27
N TRP E 125 -46.81 11.94 28.25
CA TRP E 125 -47.56 10.69 28.09
C TRP E 125 -48.61 10.60 29.20
N PRO E 126 -49.68 11.40 29.11
CA PRO E 126 -50.68 11.40 30.19
C PRO E 126 -51.48 10.12 30.30
N ASN E 127 -51.56 9.31 29.25
CA ASN E 127 -52.37 8.10 29.25
C ASN E 127 -51.52 6.83 29.22
N HIS E 128 -50.28 6.93 29.68
CA HIS E 128 -49.41 5.77 29.85
C HIS E 128 -48.63 5.93 31.15
N GLU E 129 -48.15 4.80 31.66
CA GLU E 129 -47.32 4.81 32.86
C GLU E 129 -45.86 4.99 32.46
N THR E 130 -45.20 5.98 33.06
CA THR E 130 -43.83 6.30 32.74
C THR E 130 -42.83 5.89 33.81
N SER E 131 -43.29 5.60 35.02
CA SER E 131 -42.42 5.31 36.15
C SER E 131 -42.37 3.83 36.52
N LEU E 132 -43.01 2.97 35.73
CA LEU E 132 -43.03 1.54 36.01
C LEU E 132 -42.11 0.74 35.11
N GLY E 133 -41.34 1.41 34.25
CA GLY E 133 -40.43 0.72 33.35
C GLY E 133 -39.04 0.55 33.93
N VAL E 134 -38.92 -0.26 34.98
CA VAL E 134 -37.64 -0.55 35.61
C VAL E 134 -37.43 -2.06 35.61
N SER E 135 -36.16 -2.46 35.64
CA SER E 135 -35.80 -3.87 35.55
C SER E 135 -34.58 -4.14 36.42
N ALA E 136 -34.50 -5.38 36.92
CA ALA E 136 -33.33 -5.81 37.67
C ALA E 136 -32.11 -6.00 36.77
N ALA E 137 -32.31 -6.08 35.46
CA ALA E 137 -31.17 -6.14 34.54
C ALA E 137 -30.37 -4.85 34.56
N CYS E 138 -31.00 -3.74 34.93
CA CYS E 138 -30.36 -2.42 34.97
C CYS E 138 -30.43 -1.88 36.39
N PRO E 139 -29.69 -2.47 37.32
CA PRO E 139 -29.77 -2.03 38.71
C PRO E 139 -29.12 -0.67 38.91
N TYR E 140 -29.59 0.03 39.92
CA TYR E 140 -28.94 1.26 40.40
C TYR E 140 -29.07 1.29 41.91
N GLN E 141 -27.93 1.40 42.60
CA GLN E 141 -27.88 1.30 44.05
C GLN E 141 -28.44 -0.05 44.53
N GLY E 142 -28.40 -1.05 43.65
CA GLY E 142 -28.83 -2.39 43.95
C GLY E 142 -30.23 -2.74 43.49
N THR E 143 -31.13 -1.76 43.43
CA THR E 143 -32.53 -1.96 43.12
C THR E 143 -32.81 -1.64 41.66
N PRO E 144 -33.91 -2.15 41.10
CA PRO E 144 -34.14 -2.03 39.65
C PRO E 144 -34.21 -0.58 39.19
N SER E 145 -33.69 -0.34 37.99
CA SER E 145 -33.72 0.96 37.32
C SER E 145 -33.77 0.70 35.82
N PHE E 146 -33.45 1.71 35.02
CA PHE E 146 -33.51 1.56 33.57
C PHE E 146 -32.56 2.57 32.95
N PHE E 147 -32.43 2.51 31.62
CA PHE E 147 -31.66 3.51 30.89
C PHE E 147 -32.23 4.89 31.15
N ARG E 148 -31.35 5.85 31.45
CA ARG E 148 -31.81 7.16 31.90
C ARG E 148 -32.34 8.03 30.77
N ASN E 149 -31.86 7.84 29.54
CA ASN E 149 -32.19 8.73 28.44
C ASN E 149 -33.39 8.29 27.64
N VAL E 150 -33.98 7.12 27.94
CA VAL E 150 -35.16 6.63 27.25
C VAL E 150 -36.19 6.20 28.28
N VAL E 151 -37.45 6.18 27.86
CA VAL E 151 -38.59 5.90 28.73
C VAL E 151 -39.25 4.61 28.28
N TRP E 152 -39.48 3.70 29.24
CA TRP E 152 -40.15 2.42 28.99
C TRP E 152 -41.62 2.60 29.35
N LEU E 153 -42.45 2.86 28.35
CA LEU E 153 -43.86 3.12 28.57
C LEU E 153 -44.62 1.83 28.83
N ILE E 154 -45.60 1.92 29.74
CA ILE E 154 -46.40 0.78 30.18
C ILE E 154 -47.88 1.18 30.09
N LYS E 155 -48.72 0.17 29.97
CA LYS E 155 -50.16 0.40 29.90
C LYS E 155 -50.66 1.06 31.19
N LYS E 156 -51.73 1.85 31.06
CA LYS E 156 -52.34 2.52 32.18
C LYS E 156 -53.82 2.18 32.22
N ASN E 157 -54.31 1.76 33.40
CA ASN E 157 -55.69 1.34 33.58
C ASN E 157 -56.05 0.23 32.59
N ASP E 158 -55.15 -0.74 32.44
CA ASP E 158 -55.34 -1.88 31.53
C ASP E 158 -55.63 -1.41 30.11
N ALA E 159 -54.96 -0.34 29.68
CA ALA E 159 -55.17 0.21 28.36
C ALA E 159 -53.89 0.85 27.86
N TYR E 160 -53.60 0.66 26.57
CA TYR E 160 -52.45 1.28 25.91
C TYR E 160 -52.98 2.01 24.68
N PRO E 161 -53.45 3.24 24.83
CA PRO E 161 -53.88 4.01 23.66
C PRO E 161 -52.73 4.24 22.69
N THR E 162 -53.07 4.33 21.41
CA THR E 162 -52.05 4.49 20.38
C THR E 162 -51.37 5.85 20.52
N ILE E 163 -50.04 5.84 20.44
CA ILE E 163 -49.24 7.04 20.59
C ILE E 163 -49.02 7.67 19.23
N LYS E 164 -49.26 8.98 19.13
CA LYS E 164 -48.99 9.77 17.93
C LYS E 164 -48.29 11.05 18.38
N ILE E 165 -46.96 11.05 18.35
CA ILE E 165 -46.18 12.18 18.83
C ILE E 165 -45.12 12.52 17.79
N SER E 166 -44.85 13.82 17.63
CA SER E 166 -43.82 14.28 16.72
C SER E 166 -42.99 15.35 17.41
N TYR E 167 -41.70 15.39 17.09
CA TYR E 167 -40.78 16.39 17.60
C TYR E 167 -40.10 17.09 16.43
N ASN E 168 -40.16 18.42 16.42
CA ASN E 168 -39.54 19.23 15.39
C ASN E 168 -38.23 19.80 15.93
N ASN E 169 -37.14 19.58 15.20
CA ASN E 169 -35.83 20.03 15.64
C ASN E 169 -35.71 21.53 15.48
N THR E 170 -36.12 22.26 16.53
CA THR E 170 -36.06 23.72 16.53
C THR E 170 -34.67 24.25 16.86
N ASN E 171 -33.72 23.39 17.18
CA ASN E 171 -32.35 23.83 17.42
C ASN E 171 -31.67 24.15 16.10
N ARG E 172 -30.46 24.71 16.21
CA ARG E 172 -29.67 25.06 15.04
C ARG E 172 -28.68 23.98 14.63
N GLU E 173 -28.67 22.84 15.32
CA GLU E 173 -27.70 21.78 15.07
C GLU E 173 -28.43 20.46 14.88
N ASP E 174 -27.69 19.48 14.36
CA ASP E 174 -28.22 18.14 14.21
C ASP E 174 -28.51 17.52 15.57
N LEU E 175 -29.53 16.68 15.62
CA LEU E 175 -29.93 15.97 16.83
C LEU E 175 -29.74 14.47 16.64
N LEU E 176 -29.01 13.85 17.57
CA LEU E 176 -28.89 12.40 17.62
C LEU E 176 -30.00 11.87 18.52
N ILE E 177 -30.92 11.10 17.95
CA ILE E 177 -32.11 10.64 18.64
C ILE E 177 -32.10 9.12 18.69
N LEU E 178 -32.36 8.56 19.86
CA LEU E 178 -32.39 7.12 20.06
C LEU E 178 -33.76 6.68 20.57
N TRP E 179 -34.17 5.49 20.14
CA TRP E 179 -35.42 4.88 20.57
C TRP E 179 -35.26 3.37 20.45
N GLY E 180 -36.22 2.64 21.00
CA GLY E 180 -36.11 1.19 21.03
C GLY E 180 -37.45 0.50 21.01
N ILE E 181 -37.38 -0.81 20.79
CA ILE E 181 -38.55 -1.70 20.79
C ILE E 181 -38.27 -2.85 21.75
N HIS E 182 -39.29 -3.25 22.51
CA HIS E 182 -39.16 -4.34 23.47
C HIS E 182 -39.79 -5.60 22.90
N HIS E 183 -38.97 -6.64 22.72
CA HIS E 183 -39.46 -7.96 22.36
C HIS E 183 -39.86 -8.69 23.63
N SER E 184 -41.16 -8.93 23.80
CA SER E 184 -41.65 -9.62 24.98
C SER E 184 -41.50 -11.13 24.82
N ASN E 185 -41.71 -11.84 25.93
CA ASN E 185 -41.49 -13.29 25.97
C ASN E 185 -42.68 -14.09 25.45
N ASN E 186 -43.89 -13.77 25.89
CA ASN E 186 -45.07 -14.55 25.52
C ASN E 186 -46.29 -13.64 25.46
N ALA E 187 -47.44 -14.23 25.14
CA ALA E 187 -48.66 -13.45 25.02
C ALA E 187 -49.09 -12.86 26.36
N GLU E 188 -48.97 -13.63 27.44
CA GLU E 188 -49.38 -13.14 28.75
C GLU E 188 -48.52 -11.95 29.18
N GLU E 189 -47.20 -12.04 28.99
CA GLU E 189 -46.34 -10.92 29.32
C GLU E 189 -46.64 -9.72 28.43
N GLN E 190 -46.93 -9.98 27.15
CA GLN E 190 -47.28 -8.90 26.23
C GLN E 190 -48.55 -8.16 26.70
N THR E 191 -49.54 -8.92 27.17
CA THR E 191 -50.78 -8.30 27.66
C THR E 191 -50.56 -7.60 29.00
N ASN E 192 -49.70 -8.15 29.86
CA ASN E 192 -49.46 -7.53 31.16
C ASN E 192 -48.84 -6.15 31.01
N LEU E 193 -47.94 -5.98 30.06
CA LEU E 193 -47.24 -4.72 29.89
C LEU E 193 -47.97 -3.74 28.99
N TYR E 194 -48.55 -4.22 27.89
CA TYR E 194 -49.08 -3.33 26.86
C TYR E 194 -50.53 -3.58 26.47
N LYS E 195 -51.13 -4.70 26.89
CA LYS E 195 -52.57 -4.93 26.76
C LYS E 195 -52.98 -5.16 25.30
N ASN E 196 -52.07 -4.92 24.37
CA ASN E 196 -52.37 -5.06 22.96
C ASN E 196 -51.62 -6.25 22.39
N PRO E 197 -52.32 -7.29 21.92
CA PRO E 197 -51.59 -8.48 21.43
C PRO E 197 -50.75 -8.21 20.20
N THR E 198 -51.23 -7.36 19.27
CA THR E 198 -50.54 -7.09 18.02
C THR E 198 -50.13 -5.62 18.02
N THR E 199 -48.83 -5.36 18.08
CA THR E 199 -48.30 -4.02 18.24
C THR E 199 -47.30 -3.70 17.13
N TYR E 200 -47.03 -2.40 16.97
CA TYR E 200 -46.14 -1.91 15.94
C TYR E 200 -45.50 -0.61 16.43
N ILE E 201 -44.37 -0.27 15.81
CA ILE E 201 -43.73 1.03 16.02
C ILE E 201 -43.33 1.57 14.66
N SER E 202 -43.82 2.76 14.31
CA SER E 202 -43.49 3.41 13.04
C SER E 202 -42.81 4.73 13.33
N VAL E 203 -41.65 4.94 12.72
CA VAL E 203 -40.86 6.16 12.90
C VAL E 203 -40.68 6.80 11.52
N GLY E 204 -40.99 8.09 11.44
CA GLY E 204 -40.91 8.77 10.16
C GLY E 204 -40.28 10.15 10.22
N THR E 205 -39.25 10.38 9.41
CA THR E 205 -38.69 11.70 9.19
C THR E 205 -38.68 11.98 7.69
N SER E 206 -37.97 13.01 7.26
CA SER E 206 -37.86 13.28 5.83
C SER E 206 -37.20 12.14 5.09
N THR E 207 -36.28 11.43 5.75
CA THR E 207 -35.52 10.36 5.12
C THR E 207 -35.65 9.01 5.81
N LEU E 208 -36.42 8.91 6.88
CA LEU E 208 -36.57 7.68 7.64
C LEU E 208 -38.00 7.15 7.49
N ASN E 209 -38.12 5.90 7.08
CA ASN E 209 -39.41 5.22 6.91
C ASN E 209 -39.28 3.84 7.56
N GLN E 210 -39.56 3.77 8.85
CA GLN E 210 -39.32 2.57 9.64
C GLN E 210 -40.63 2.03 10.21
N ARG E 211 -40.76 0.70 10.21
CA ARG E 211 -41.88 0.01 10.83
C ARG E 211 -41.33 -1.21 11.57
N LEU E 212 -41.53 -1.25 12.89
CA LEU E 212 -40.98 -2.28 13.74
C LEU E 212 -42.10 -3.09 14.38
N VAL E 213 -41.94 -4.40 14.40
CA VAL E 213 -42.92 -5.31 15.00
C VAL E 213 -42.20 -6.19 16.01
N PRO E 214 -42.73 -6.35 17.23
CA PRO E 214 -42.06 -7.20 18.23
C PRO E 214 -41.99 -8.65 17.78
N LYS E 215 -40.87 -9.29 18.08
CA LYS E 215 -40.68 -10.71 17.83
C LYS E 215 -40.91 -11.44 19.16
N ILE E 216 -42.12 -11.94 19.36
CA ILE E 216 -42.49 -12.62 20.59
C ILE E 216 -42.16 -14.09 20.44
N ALA E 217 -41.11 -14.54 21.13
CA ALA E 217 -40.67 -15.92 21.05
C ALA E 217 -39.92 -16.26 22.34
N THR E 218 -39.70 -17.56 22.54
CA THR E 218 -38.98 -18.03 23.71
C THR E 218 -37.49 -17.88 23.51
N ARG E 219 -36.82 -17.23 24.46
CA ARG E 219 -35.38 -17.02 24.43
C ARG E 219 -34.79 -17.34 25.80
N SER E 220 -33.49 -17.63 25.81
CA SER E 220 -32.79 -17.90 27.05
C SER E 220 -32.52 -16.60 27.81
N GLN E 221 -32.27 -16.74 29.12
CA GLN E 221 -32.06 -15.58 29.97
C GLN E 221 -30.68 -14.97 29.72
N VAL E 222 -30.67 -13.65 29.53
CA VAL E 222 -29.43 -12.87 29.51
C VAL E 222 -29.61 -11.73 30.52
N ASN E 223 -28.66 -11.62 31.45
CA ASN E 223 -28.79 -10.71 32.60
C ASN E 223 -30.07 -11.01 33.38
N GLY E 224 -30.47 -12.27 33.40
CA GLY E 224 -31.66 -12.69 34.13
C GLY E 224 -32.98 -12.35 33.48
N LEU E 225 -32.97 -11.83 32.25
CA LEU E 225 -34.19 -11.41 31.57
C LEU E 225 -34.27 -12.11 30.22
N ARG E 226 -35.44 -12.68 29.92
CA ARG E 226 -35.64 -13.39 28.66
C ARG E 226 -36.07 -12.47 27.51
N GLY E 227 -36.50 -11.25 27.81
CA GLY E 227 -36.84 -10.32 26.77
C GLY E 227 -35.62 -9.65 26.18
N ARG E 228 -35.85 -8.93 25.09
CA ARG E 228 -34.80 -8.19 24.39
C ARG E 228 -35.30 -6.79 24.06
N MET E 229 -34.37 -5.85 23.96
CA MET E 229 -34.67 -4.49 23.53
C MET E 229 -33.70 -4.11 22.43
N ASP E 230 -34.24 -3.77 21.26
CA ASP E 230 -33.44 -3.38 20.11
C ASP E 230 -33.56 -1.87 19.93
N PHE E 231 -32.44 -1.17 19.94
CA PHE E 231 -32.40 0.28 19.89
C PHE E 231 -31.93 0.76 18.52
N PHE E 232 -32.51 1.87 18.07
CA PHE E 232 -32.21 2.45 16.77
C PHE E 232 -31.90 3.93 16.97
N TRP E 233 -31.30 4.54 15.95
CA TRP E 233 -30.92 5.94 16.04
C TRP E 233 -31.04 6.61 14.68
N THR E 234 -31.15 7.92 14.71
CA THR E 234 -31.19 8.74 13.50
C THR E 234 -30.61 10.10 13.82
N ILE E 235 -30.18 10.81 12.78
CA ILE E 235 -29.70 12.17 12.90
C ILE E 235 -30.79 13.07 12.33
N LEU E 236 -31.41 13.87 13.19
CA LEU E 236 -32.52 14.73 12.79
C LEU E 236 -31.95 16.11 12.45
N LYS E 237 -31.94 16.43 11.16
CA LYS E 237 -31.39 17.70 10.71
C LYS E 237 -32.31 18.86 11.12
N PRO E 238 -31.75 20.07 11.26
CA PRO E 238 -32.55 21.19 11.78
C PRO E 238 -33.76 21.48 10.90
N ASN E 239 -34.86 21.87 11.55
CA ASN E 239 -36.17 22.16 10.96
C ASN E 239 -36.86 20.91 10.43
N ASP E 240 -36.24 19.74 10.50
CA ASP E 240 -36.90 18.49 10.18
C ASP E 240 -37.53 17.90 11.43
N ALA E 241 -38.62 17.18 11.23
CA ALA E 241 -39.38 16.61 12.33
C ALA E 241 -39.34 15.09 12.28
N ILE E 242 -39.40 14.47 13.45
CA ILE E 242 -39.50 13.02 13.59
C ILE E 242 -40.89 12.68 14.08
N HIS E 243 -41.50 11.66 13.49
CA HIS E 243 -42.87 11.28 13.79
C HIS E 243 -42.89 9.85 14.33
N PHE E 244 -43.51 9.67 15.50
CA PHE E 244 -43.61 8.38 16.16
C PHE E 244 -45.07 7.95 16.23
N GLU E 245 -45.31 6.66 15.97
CA GLU E 245 -46.63 6.07 16.15
C GLU E 245 -46.45 4.63 16.62
N SER E 246 -47.05 4.30 17.76
CA SER E 246 -46.90 2.98 18.35
C SER E 246 -48.09 2.69 19.25
N ASN E 247 -48.41 1.41 19.39
CA ASN E 247 -49.46 0.95 20.31
C ASN E 247 -48.93 -0.11 21.26
N GLY E 248 -47.64 -0.08 21.53
CA GLY E 248 -47.05 -0.99 22.49
C GLY E 248 -45.60 -1.26 22.17
N ASN E 249 -44.89 -1.79 23.17
CA ASN E 249 -43.49 -2.23 23.04
C ASN E 249 -42.56 -1.08 22.65
N PHE E 250 -42.93 0.15 23.02
CA PHE E 250 -42.22 1.33 22.56
C PHE E 250 -41.33 1.87 23.69
N ILE E 251 -40.03 1.94 23.43
CA ILE E 251 -39.07 2.56 24.34
C ILE E 251 -38.81 3.96 23.79
N ALA E 252 -39.54 4.94 24.31
CA ALA E 252 -39.61 6.27 23.75
C ALA E 252 -38.36 7.09 24.07
N PRO E 253 -38.00 8.05 23.21
CA PRO E 253 -36.91 8.96 23.54
C PRO E 253 -37.32 9.95 24.63
N GLU E 254 -36.38 10.27 25.50
CA GLU E 254 -36.54 11.37 26.44
C GLU E 254 -35.48 12.44 26.26
N TYR E 255 -34.21 12.05 26.14
CA TYR E 255 -33.11 12.97 25.93
C TYR E 255 -32.44 12.68 24.59
N ALA E 256 -32.03 13.73 23.90
CA ALA E 256 -31.30 13.64 22.65
C ALA E 256 -30.03 14.44 22.77
N TYR E 257 -29.15 14.30 21.78
CA TYR E 257 -27.84 14.95 21.80
C TYR E 257 -27.72 15.89 20.61
N LYS E 258 -27.58 17.18 20.90
CA LYS E 258 -27.15 18.12 19.87
C LYS E 258 -25.71 17.83 19.51
N ILE E 259 -25.45 17.63 18.22
CA ILE E 259 -24.16 17.14 17.77
C ILE E 259 -23.68 17.98 16.58
N VAL E 260 -22.40 18.33 16.58
CA VAL E 260 -21.75 19.00 15.47
C VAL E 260 -20.46 18.25 15.17
N LYS E 261 -20.33 17.76 13.94
CA LYS E 261 -19.18 16.98 13.53
C LYS E 261 -18.45 17.70 12.40
N LYS E 262 -17.12 17.82 12.55
CA LYS E 262 -16.28 18.50 11.57
C LYS E 262 -15.03 17.70 11.25
N GLY E 263 -15.09 16.38 11.41
CA GLY E 263 -13.95 15.54 11.13
C GLY E 263 -14.12 14.16 11.71
N ASP E 264 -13.33 13.22 11.19
CA ASP E 264 -13.42 11.82 11.55
C ASP E 264 -12.21 11.40 12.37
N SER E 265 -12.41 10.38 13.20
CA SER E 265 -11.37 9.84 14.06
C SER E 265 -11.67 8.35 14.24
N THR E 266 -11.10 7.73 15.27
CA THR E 266 -11.37 6.34 15.55
C THR E 266 -11.52 6.14 17.06
N ILE E 267 -11.94 4.92 17.43
CA ILE E 267 -12.06 4.52 18.83
C ILE E 267 -10.78 3.79 19.20
N MET E 268 -10.15 4.21 20.29
CA MET E 268 -8.95 3.54 20.80
C MET E 268 -9.32 2.69 22.01
N LYS E 269 -8.86 1.44 21.99
CA LYS E 269 -9.04 0.51 23.10
C LYS E 269 -7.76 0.53 23.94
N SER E 270 -7.86 1.08 25.15
CA SER E 270 -6.69 1.22 26.00
C SER E 270 -7.13 1.39 27.45
N GLY E 271 -6.25 0.99 28.36
CA GLY E 271 -6.43 1.22 29.78
C GLY E 271 -5.44 2.19 30.39
N VAL E 272 -4.66 2.90 29.57
CA VAL E 272 -3.66 3.83 30.10
C VAL E 272 -4.36 5.07 30.65
N GLU E 273 -3.75 5.67 31.66
CA GLU E 273 -4.34 6.81 32.34
C GLU E 273 -4.13 8.10 31.56
N TYR E 274 -5.05 9.04 31.75
CA TYR E 274 -4.90 10.37 31.18
C TYR E 274 -3.77 11.11 31.89
N GLY E 275 -3.05 11.95 31.14
CA GLY E 275 -1.83 12.53 31.66
C GLY E 275 -1.72 14.04 31.66
N HIS E 276 -2.78 14.75 31.24
CA HIS E 276 -2.77 16.21 31.15
C HIS E 276 -1.62 16.70 30.28
N CYS E 277 -1.33 15.97 29.21
CA CYS E 277 -0.28 16.28 28.27
C CYS E 277 -0.89 16.62 26.91
N ASN E 278 -0.04 16.83 25.91
CA ASN E 278 -0.48 17.06 24.55
C ASN E 278 0.49 16.39 23.59
N THR E 279 -0.03 15.99 22.43
CA THR E 279 0.80 15.29 21.46
C THR E 279 0.17 15.44 20.08
N LYS E 280 0.98 15.15 19.06
CA LYS E 280 0.49 15.06 17.69
C LYS E 280 0.32 13.61 17.23
N CYS E 281 0.73 12.65 18.04
CA CYS E 281 0.58 11.24 17.71
C CYS E 281 0.35 10.45 18.99
N GLN E 282 -0.80 9.78 19.09
CA GLN E 282 -1.16 9.00 20.26
C GLN E 282 -1.25 7.53 19.90
N THR E 283 -0.70 6.68 20.75
CA THR E 283 -0.72 5.23 20.60
C THR E 283 -1.38 4.60 21.82
N PRO E 284 -1.86 3.35 21.71
CA PRO E 284 -2.54 2.73 22.85
C PRO E 284 -1.65 2.55 24.07
N VAL E 285 -0.33 2.61 23.91
CA VAL E 285 0.58 2.49 25.05
C VAL E 285 1.14 3.84 25.50
N GLY E 286 0.97 4.89 24.72
CA GLY E 286 1.43 6.21 25.11
C GLY E 286 1.62 7.10 23.91
N ALA E 287 1.88 8.37 24.21
CA ALA E 287 2.12 9.35 23.16
C ALA E 287 3.57 9.32 22.73
N ILE E 288 3.81 9.60 21.45
CA ILE E 288 5.14 9.57 20.87
C ILE E 288 5.40 10.88 20.15
N ASN E 289 6.69 11.19 19.99
CA ASN E 289 7.09 12.38 19.24
C ASN E 289 7.04 12.09 17.75
N SER E 290 6.59 13.08 16.97
CA SER E 290 6.39 12.92 15.54
C SER E 290 7.42 13.69 14.72
N SER E 291 8.60 13.92 15.27
CA SER E 291 9.65 14.61 14.52
C SER E 291 10.38 13.66 13.58
N MET E 292 10.73 12.48 14.06
CA MET E 292 11.47 11.53 13.24
C MET E 292 10.56 10.92 12.18
N PRO E 293 11.12 10.45 11.06
CA PRO E 293 10.28 9.90 10.00
C PRO E 293 9.81 8.47 10.23
N PHE E 294 10.37 7.76 11.22
CA PHE E 294 10.02 6.36 11.45
C PHE E 294 9.87 6.12 12.94
N HIS E 295 9.05 5.11 13.28
CA HIS E 295 8.87 4.68 14.66
C HIS E 295 8.52 3.20 14.68
N ASN E 296 8.71 2.58 15.85
CA ASN E 296 8.50 1.15 16.01
C ASN E 296 7.69 0.85 17.27
N ILE E 297 6.81 1.77 17.68
CA ILE E 297 6.14 1.67 18.96
C ILE E 297 4.86 0.86 18.85
N HIS E 298 3.90 1.31 18.03
CA HIS E 298 2.61 0.66 17.99
C HIS E 298 1.90 1.01 16.69
N PRO E 299 1.19 0.06 16.06
CA PRO E 299 0.53 0.37 14.78
C PRO E 299 -0.80 1.08 14.89
N LEU E 300 -1.45 1.09 16.07
CA LEU E 300 -2.79 1.66 16.22
C LEU E 300 -2.71 3.10 16.71
N THR E 301 -2.16 3.96 15.86
CA THR E 301 -1.95 5.36 16.19
C THR E 301 -3.07 6.24 15.66
N ILE E 302 -3.22 7.41 16.30
CA ILE E 302 -4.09 8.47 15.82
C ILE E 302 -3.26 9.74 15.74
N GLY E 303 -3.41 10.47 14.64
CA GLY E 303 -2.75 11.74 14.49
C GLY E 303 -1.79 11.75 13.33
N GLU E 304 -0.83 12.68 13.38
CA GLU E 304 0.22 12.79 12.38
C GLU E 304 1.44 12.05 12.91
N CYS E 305 1.69 10.87 12.37
CA CYS E 305 2.66 9.97 12.98
C CYS E 305 3.75 9.56 11.98
N PRO E 306 4.95 9.25 12.46
CA PRO E 306 5.95 8.65 11.59
C PRO E 306 5.51 7.28 11.10
N LYS E 307 6.06 6.88 9.96
CA LYS E 307 5.72 5.59 9.37
C LYS E 307 6.18 4.45 10.29
N TYR E 308 5.29 3.50 10.51
CA TYR E 308 5.56 2.40 11.43
C TYR E 308 6.35 1.31 10.72
N VAL E 309 7.50 0.94 11.30
CA VAL E 309 8.39 -0.05 10.72
C VAL E 309 8.72 -1.10 11.76
N LYS E 310 9.07 -2.31 11.26
CA LYS E 310 9.56 -3.38 12.11
C LYS E 310 11.08 -3.33 12.11
N SER E 311 11.61 -2.42 12.92
CA SER E 311 13.05 -2.20 13.00
C SER E 311 13.43 -1.82 14.42
N ASN E 312 14.66 -2.14 14.79
CA ASN E 312 15.22 -1.83 16.10
C ASN E 312 16.04 -0.54 16.11
N LYS E 313 16.76 -0.27 15.03
CA LYS E 313 17.59 0.93 14.94
C LYS E 313 17.72 1.35 13.48
N LEU E 314 17.69 2.65 13.26
CA LEU E 314 17.95 3.27 11.95
C LEU E 314 18.89 4.44 12.22
N VAL E 315 20.18 4.17 12.25
CA VAL E 315 21.19 5.14 12.66
C VAL E 315 22.03 5.52 11.45
N LEU E 316 22.12 6.81 11.18
CA LEU E 316 22.92 7.34 10.08
C LEU E 316 24.29 7.77 10.58
N ALA E 317 25.32 7.45 9.81
CA ALA E 317 26.66 7.95 10.11
C ALA E 317 26.75 9.42 9.72
N THR E 318 26.98 10.28 10.71
CA THR E 318 27.17 11.70 10.48
C THR E 318 28.56 12.17 10.88
N GLY E 319 29.49 11.22 11.02
CA GLY E 319 30.87 11.54 11.35
C GLY E 319 31.85 10.71 10.54
N LEU E 320 33.06 10.52 11.07
CA LEU E 320 34.11 9.80 10.38
C LEU E 320 34.33 8.44 11.04
N ARG E 321 35.01 7.57 10.30
CA ARG E 321 35.39 6.27 10.86
C ARG E 321 36.31 6.45 12.05
N ASN E 322 36.06 5.68 13.12
CA ASN E 322 36.90 5.68 14.30
C ASN E 322 37.67 4.37 14.36
N SER E 323 38.85 4.42 14.98
CA SER E 323 39.70 3.24 15.08
C SER E 323 40.53 3.26 16.36
N ILE F 6 54.25 10.98 13.84
CA ILE F 6 52.82 10.82 13.67
C ILE F 6 52.51 10.45 12.22
N ALA F 7 51.81 9.33 12.04
CA ALA F 7 51.48 8.84 10.71
C ALA F 7 50.29 9.62 10.15
N GLY F 8 49.77 9.19 9.00
CA GLY F 8 48.70 9.91 8.35
C GLY F 8 47.41 9.13 8.17
N PHE F 9 46.69 9.42 7.07
CA PHE F 9 45.35 8.88 6.92
C PHE F 9 45.35 7.40 6.57
N ILE F 10 46.36 6.93 5.83
CA ILE F 10 46.41 5.53 5.42
C ILE F 10 46.45 4.62 6.64
N GLU F 11 47.00 5.11 7.75
CA GLU F 11 47.09 4.32 8.98
C GLU F 11 45.86 4.48 9.85
N GLY F 12 45.34 5.68 9.98
CA GLY F 12 44.16 5.89 10.80
C GLY F 12 43.97 7.36 11.13
N GLY F 13 42.95 7.61 11.96
CA GLY F 13 42.63 8.97 12.36
C GLY F 13 43.52 9.48 13.48
N TRP F 14 43.47 10.80 13.66
CA TRP F 14 44.28 11.48 14.67
C TRP F 14 43.37 11.90 15.82
N GLN F 15 43.67 11.41 17.03
CA GLN F 15 43.00 11.91 18.21
C GLN F 15 43.46 13.32 18.57
N GLY F 16 44.60 13.76 18.03
CA GLY F 16 45.07 15.11 18.27
C GLY F 16 44.33 16.18 17.46
N MET F 17 43.71 15.78 16.35
CA MET F 17 42.89 16.69 15.56
C MET F 17 41.53 16.82 16.24
N VAL F 18 41.33 17.93 16.94
CA VAL F 18 40.12 18.13 17.73
C VAL F 18 39.47 19.45 17.37
N ASP F 19 39.85 20.01 16.22
CA ASP F 19 39.29 21.27 15.76
C ASP F 19 38.67 21.18 14.38
N GLY F 20 38.63 20.00 13.77
CA GLY F 20 38.06 19.86 12.44
C GLY F 20 37.95 18.40 12.06
N TRP F 21 37.43 18.18 10.85
CA TRP F 21 37.27 16.83 10.32
C TRP F 21 38.53 16.38 9.58
N TYR F 22 39.07 17.22 8.70
CA TYR F 22 40.29 16.92 7.97
C TYR F 22 41.32 18.02 8.24
N GLY F 23 42.59 17.65 8.23
CA GLY F 23 43.62 18.62 8.50
C GLY F 23 45.02 18.05 8.30
N TYR F 24 45.98 18.74 8.88
CA TYR F 24 47.39 18.45 8.67
C TYR F 24 48.11 18.27 10.00
N HIS F 25 49.22 17.55 9.95
CA HIS F 25 50.18 17.46 11.05
C HIS F 25 51.58 17.66 10.48
N HIS F 26 52.32 18.60 11.07
CA HIS F 26 53.66 18.92 10.62
C HIS F 26 54.67 18.61 11.72
N SER F 27 55.94 18.51 11.31
CA SER F 27 57.03 18.20 12.24
C SER F 27 58.31 18.80 11.67
N ASN F 28 58.73 19.94 12.22
CA ASN F 28 60.00 20.54 11.84
C ASN F 28 60.85 20.81 13.07
N GLU F 29 61.95 21.55 12.90
CA GLU F 29 62.83 21.84 14.01
C GLU F 29 62.23 22.82 15.02
N GLN F 30 61.10 23.45 14.70
CA GLN F 30 60.38 24.28 15.64
C GLN F 30 59.36 23.50 16.46
N GLY F 31 59.28 22.19 16.27
CA GLY F 31 58.31 21.36 16.95
C GLY F 31 57.23 20.88 16.00
N SER F 32 56.30 20.12 16.57
CA SER F 32 55.18 19.54 15.84
C SER F 32 53.89 20.23 16.22
N GLY F 33 52.83 19.88 15.50
CA GLY F 33 51.52 20.45 15.78
C GLY F 33 50.51 19.96 14.77
N TYR F 34 49.24 20.29 15.05
CA TYR F 34 48.13 19.94 14.18
C TYR F 34 47.47 21.21 13.65
N ALA F 35 46.92 21.11 12.45
CA ALA F 35 46.22 22.24 11.82
C ALA F 35 45.15 21.68 10.89
N ALA F 36 43.91 22.07 11.12
CA ALA F 36 42.78 21.56 10.34
C ALA F 36 42.50 22.45 9.13
N ASP F 37 41.97 21.83 8.08
CA ASP F 37 41.57 22.54 6.87
C ASP F 37 40.13 22.99 7.06
N LYS F 38 39.92 24.30 7.25
CA LYS F 38 38.60 24.81 7.58
C LYS F 38 37.62 24.66 6.43
N GLU F 39 38.06 24.93 5.20
CA GLU F 39 37.12 24.97 4.08
C GLU F 39 36.54 23.59 3.78
N SER F 40 37.40 22.59 3.66
CA SER F 40 36.92 21.25 3.33
C SER F 40 36.17 20.62 4.50
N THR F 41 36.49 21.03 5.73
CA THR F 41 35.74 20.55 6.88
C THR F 41 34.33 21.14 6.92
N GLN F 42 34.22 22.45 6.68
CA GLN F 42 32.92 23.09 6.76
C GLN F 42 32.00 22.67 5.63
N LYS F 43 32.55 22.53 4.42
CA LYS F 43 31.72 22.09 3.29
C LYS F 43 31.27 20.66 3.47
N ALA F 44 32.12 19.79 4.01
CA ALA F 44 31.72 18.42 4.29
C ALA F 44 30.63 18.37 5.34
N ILE F 45 30.75 19.20 6.38
CA ILE F 45 29.73 19.24 7.43
C ILE F 45 28.39 19.71 6.86
N ASP F 46 28.43 20.70 5.96
CA ASP F 46 27.21 21.15 5.32
C ASP F 46 26.56 20.03 4.50
N GLY F 47 27.37 19.25 3.77
CA GLY F 47 26.82 18.19 2.95
C GLY F 47 26.17 17.09 3.77
N VAL F 48 26.84 16.66 4.84
CA VAL F 48 26.27 15.63 5.70
C VAL F 48 25.02 16.15 6.40
N THR F 49 25.04 17.41 6.84
CA THR F 49 23.86 18.01 7.46
C THR F 49 22.68 18.02 6.50
N ASN F 50 22.91 18.39 5.24
CA ASN F 50 21.84 18.39 4.25
C ASN F 50 21.32 16.98 4.00
N LYS F 51 22.22 16.00 3.93
CA LYS F 51 21.81 14.62 3.68
C LYS F 51 20.90 14.11 4.80
N VAL F 52 21.29 14.35 6.05
CA VAL F 52 20.47 13.92 7.19
C VAL F 52 19.13 14.64 7.18
N ASN F 53 19.15 15.96 6.94
CA ASN F 53 17.91 16.72 6.91
C ASN F 53 17.01 16.29 5.76
N SER F 54 17.58 15.94 4.60
CA SER F 54 16.77 15.49 3.49
C SER F 54 16.05 14.19 3.81
N ILE F 55 16.73 13.25 4.45
CA ILE F 55 16.11 11.97 4.79
C ILE F 55 14.95 12.17 5.75
N ILE F 56 15.03 13.18 6.61
CA ILE F 56 13.99 13.43 7.61
C ILE F 56 12.88 14.33 7.06
N ASP F 57 13.25 15.44 6.42
CA ASP F 57 12.27 16.44 6.03
C ASP F 57 11.44 16.06 4.82
N LYS F 58 11.93 15.18 3.95
CA LYS F 58 11.21 14.83 2.74
C LYS F 58 10.08 13.84 2.98
N MET F 59 9.92 13.34 4.21
CA MET F 59 8.80 12.47 4.55
C MET F 59 7.53 13.29 4.69
N ASN F 60 6.45 12.82 4.07
CA ASN F 60 5.15 13.46 4.17
C ASN F 60 4.27 12.65 5.12
N THR F 61 3.74 13.31 6.14
CA THR F 61 2.86 12.68 7.11
C THR F 61 1.58 13.51 7.22
N GLN F 62 0.44 12.83 7.31
CA GLN F 62 -0.85 13.46 7.50
C GLN F 62 -1.58 12.78 8.64
N PHE F 63 -2.74 13.32 9.01
CA PHE F 63 -3.54 12.75 10.08
C PHE F 63 -4.13 11.42 9.63
N GLU F 64 -3.96 10.39 10.46
CA GLU F 64 -4.59 9.11 10.23
C GLU F 64 -5.09 8.55 11.55
N ALA F 65 -6.32 8.03 11.55
CA ALA F 65 -6.90 7.36 12.71
C ALA F 65 -6.96 5.87 12.40
N VAL F 66 -6.11 5.10 13.07
CA VAL F 66 -5.97 3.66 12.83
C VAL F 66 -6.63 2.91 13.96
N GLY F 67 -7.67 2.16 13.65
CA GLY F 67 -8.39 1.40 14.65
C GLY F 67 -8.90 0.07 14.14
N ARG F 68 -9.92 -0.49 14.81
CA ARG F 68 -10.52 -1.77 14.45
C ARG F 68 -12.03 -1.61 14.63
N GLU F 69 -12.73 -1.28 13.54
CA GLU F 69 -14.14 -0.92 13.60
C GLU F 69 -15.02 -1.88 12.81
N PHE F 70 -14.61 -3.14 12.68
CA PHE F 70 -15.37 -4.14 11.95
C PHE F 70 -15.76 -5.29 12.87
N ASN F 71 -17.01 -5.71 12.77
CA ASN F 71 -17.56 -6.71 13.70
C ASN F 71 -17.21 -8.11 13.22
N ASN F 72 -17.82 -9.12 13.85
CA ASN F 72 -17.49 -10.52 13.57
C ASN F 72 -18.05 -11.02 12.25
N LEU F 73 -18.94 -10.28 11.61
CA LEU F 73 -19.44 -10.64 10.29
C LEU F 73 -18.91 -9.70 9.21
N GLU F 74 -17.78 -9.03 9.48
CA GLU F 74 -17.08 -8.20 8.50
C GLU F 74 -15.61 -8.58 8.46
N ARG F 75 -15.31 -9.87 8.67
CA ARG F 75 -13.92 -10.32 8.76
C ARG F 75 -13.19 -10.20 7.44
N ARG F 76 -13.91 -10.30 6.32
CA ARG F 76 -13.27 -10.14 5.01
C ARG F 76 -12.69 -8.73 4.85
N ILE F 77 -13.45 -7.71 5.26
CA ILE F 77 -12.96 -6.35 5.19
C ILE F 77 -11.81 -6.14 6.18
N GLU F 78 -11.93 -6.72 7.38
CA GLU F 78 -10.85 -6.64 8.35
C GLU F 78 -9.57 -7.25 7.79
N ASN F 79 -9.69 -8.37 7.08
CA ASN F 79 -8.53 -8.97 6.44
C ASN F 79 -7.93 -8.04 5.40
N LEU F 80 -8.78 -7.33 4.65
CA LEU F 80 -8.29 -6.38 3.67
C LEU F 80 -7.49 -5.26 4.35
N ASN F 81 -7.97 -4.78 5.49
CA ASN F 81 -7.21 -3.79 6.26
C ASN F 81 -5.89 -4.37 6.73
N LYS F 82 -5.90 -5.63 7.16
CA LYS F 82 -4.67 -6.28 7.61
C LYS F 82 -3.65 -6.38 6.48
N LYS F 83 -4.10 -6.76 5.27
CA LYS F 83 -3.18 -6.91 4.15
C LYS F 83 -2.56 -5.56 3.78
N MET F 84 -3.34 -4.49 3.84
CA MET F 84 -2.84 -3.16 3.52
C MET F 84 -1.81 -2.70 4.55
N GLU F 85 -2.14 -2.86 5.84
CA GLU F 85 -1.24 -2.37 6.89
C GLU F 85 0.08 -3.13 6.89
N ASP F 86 0.03 -4.45 6.70
CA ASP F 86 1.26 -5.22 6.63
C ASP F 86 2.05 -4.91 5.36
N GLY F 87 1.35 -4.63 4.26
CA GLY F 87 2.06 -4.28 3.03
C GLY F 87 2.81 -2.96 3.15
N PHE F 88 2.18 -1.95 3.75
CA PHE F 88 2.88 -0.69 3.99
C PHE F 88 4.01 -0.86 5.01
N LEU F 89 3.83 -1.76 5.99
CA LEU F 89 4.90 -2.05 6.93
C LEU F 89 6.12 -2.61 6.22
N ASP F 90 5.91 -3.56 5.30
CA ASP F 90 7.03 -4.18 4.59
C ASP F 90 7.73 -3.18 3.68
N VAL F 91 6.96 -2.29 3.04
CA VAL F 91 7.56 -1.31 2.14
C VAL F 91 8.45 -0.34 2.92
N TRP F 92 7.94 0.22 4.02
CA TRP F 92 8.72 1.18 4.77
C TRP F 92 9.91 0.53 5.47
N THR F 93 9.71 -0.68 6.01
CA THR F 93 10.81 -1.36 6.70
C THR F 93 11.95 -1.66 5.73
N TYR F 94 11.63 -2.18 4.55
CA TYR F 94 12.67 -2.52 3.58
C TYR F 94 13.37 -1.27 3.05
N ASN F 95 12.60 -0.24 2.72
CA ASN F 95 13.20 0.98 2.18
C ASN F 95 14.08 1.67 3.23
N ALA F 96 13.60 1.76 4.47
CA ALA F 96 14.36 2.46 5.51
C ALA F 96 15.67 1.76 5.82
N GLU F 97 15.64 0.43 5.94
CA GLU F 97 16.86 -0.32 6.24
C GLU F 97 17.88 -0.17 5.12
N LEU F 98 17.44 -0.33 3.87
CA LEU F 98 18.35 -0.26 2.73
C LEU F 98 18.87 1.16 2.51
N LEU F 99 18.00 2.16 2.67
CA LEU F 99 18.42 3.54 2.47
C LEU F 99 19.52 3.94 3.46
N VAL F 100 19.36 3.56 4.72
CA VAL F 100 20.38 3.88 5.72
C VAL F 100 21.69 3.17 5.38
N LEU F 101 21.62 1.91 4.97
CA LEU F 101 22.83 1.17 4.63
C LEU F 101 23.54 1.80 3.43
N MET F 102 22.78 2.20 2.40
CA MET F 102 23.39 2.82 1.23
C MET F 102 24.00 4.18 1.57
N GLU F 103 23.27 5.01 2.32
CA GLU F 103 23.76 6.36 2.61
C GLU F 103 24.91 6.34 3.60
N ASN F 104 24.95 5.35 4.50
CA ASN F 104 26.12 5.22 5.37
C ASN F 104 27.37 4.90 4.57
N GLU F 105 27.26 4.00 3.58
CA GLU F 105 28.39 3.71 2.72
C GLU F 105 28.79 4.95 1.92
N ARG F 106 27.81 5.71 1.44
CA ARG F 106 28.09 6.93 0.70
C ARG F 106 28.83 7.95 1.56
N THR F 107 28.41 8.08 2.83
CA THR F 107 29.03 9.06 3.71
C THR F 107 30.49 8.71 4.01
N LEU F 108 30.78 7.44 4.29
CA LEU F 108 32.14 7.05 4.61
C LEU F 108 33.05 7.14 3.39
N ASP F 109 32.53 6.79 2.22
CA ASP F 109 33.28 7.01 0.99
C ASP F 109 33.49 8.50 0.72
N PHE F 110 32.52 9.33 1.12
CA PHE F 110 32.64 10.77 0.93
C PHE F 110 33.79 11.33 1.75
N HIS F 111 33.97 10.84 2.97
CA HIS F 111 35.09 11.28 3.80
C HIS F 111 36.43 10.88 3.19
N ASP F 112 36.50 9.67 2.63
CA ASP F 112 37.76 9.20 2.04
C ASP F 112 38.20 10.07 0.88
N SER F 113 37.26 10.47 0.02
CA SER F 113 37.62 11.29 -1.14
C SER F 113 38.18 12.64 -0.72
N ASN F 114 37.58 13.25 0.30
CA ASN F 114 38.04 14.57 0.76
C ASN F 114 39.48 14.49 1.27
N VAL F 115 39.81 13.44 2.01
CA VAL F 115 41.17 13.29 2.53
C VAL F 115 42.16 13.14 1.38
N LYS F 116 41.82 12.30 0.40
CA LYS F 116 42.72 12.08 -0.74
C LYS F 116 42.92 13.36 -1.54
N ASN F 117 41.86 14.16 -1.71
CA ASN F 117 41.99 15.42 -2.43
C ASN F 117 42.94 16.37 -1.73
N LEU F 118 42.89 16.42 -0.40
CA LEU F 118 43.86 17.21 0.35
C LEU F 118 45.28 16.69 0.15
N TYR F 119 45.44 15.36 0.16
CA TYR F 119 46.75 14.77 -0.06
C TYR F 119 47.29 15.09 -1.46
N ASP F 120 46.42 14.99 -2.48
CA ASP F 120 46.88 15.21 -3.84
C ASP F 120 47.19 16.68 -4.11
N LYS F 121 46.51 17.61 -3.43
CA LYS F 121 46.85 19.02 -3.57
C LYS F 121 48.24 19.31 -3.05
N VAL F 122 48.61 18.68 -1.92
CA VAL F 122 49.95 18.87 -1.36
C VAL F 122 51.00 18.23 -2.27
N ARG F 123 50.75 17.02 -2.75
CA ARG F 123 51.75 16.31 -3.55
C ARG F 123 52.07 17.07 -4.82
N LEU F 124 51.08 17.74 -5.41
CA LEU F 124 51.33 18.53 -6.62
C LEU F 124 52.28 19.68 -6.35
N GLN F 125 52.12 20.36 -5.20
CA GLN F 125 52.98 21.49 -4.88
C GLN F 125 54.42 21.05 -4.66
N LEU F 126 54.61 19.98 -3.89
CA LEU F 126 55.96 19.60 -3.46
C LEU F 126 56.78 19.05 -4.61
N ARG F 127 56.15 18.31 -5.52
CA ARG F 127 56.80 17.69 -6.68
C ARG F 127 57.93 16.81 -6.14
N ASP F 128 59.16 16.95 -6.63
CA ASP F 128 60.29 16.15 -6.15
C ASP F 128 61.06 16.83 -5.03
N ASN F 129 60.60 17.99 -4.55
CA ASN F 129 61.20 18.59 -3.36
C ASN F 129 60.94 17.80 -2.10
N ALA F 130 60.01 16.83 -2.14
CA ALA F 130 59.70 16.00 -0.99
C ALA F 130 59.49 14.57 -1.45
N LYS F 131 59.50 13.66 -0.48
CA LYS F 131 59.36 12.23 -0.73
C LYS F 131 58.10 11.71 -0.05
N GLU F 132 57.32 10.92 -0.79
CA GLU F 132 56.11 10.31 -0.25
C GLU F 132 56.49 9.10 0.59
N LEU F 133 56.06 9.10 1.86
CA LEU F 133 56.37 7.98 2.75
C LEU F 133 55.38 6.84 2.63
N GLY F 134 54.24 7.04 1.96
CA GLY F 134 53.25 6.00 1.80
C GLY F 134 52.30 5.84 2.96
N ASN F 135 52.42 6.63 4.01
CA ASN F 135 51.50 6.59 5.14
C ASN F 135 50.61 7.83 5.21
N GLY F 136 50.63 8.67 4.17
CA GLY F 136 49.93 9.93 4.18
C GLY F 136 50.79 11.12 4.52
N CYS F 137 52.10 10.94 4.66
CA CYS F 137 53.02 11.99 5.05
C CYS F 137 54.05 12.22 3.96
N PHE F 138 54.60 13.44 3.93
CA PHE F 138 55.68 13.81 3.02
C PHE F 138 56.89 14.22 3.84
N GLU F 139 58.05 13.66 3.51
CA GLU F 139 59.31 14.08 4.11
C GLU F 139 59.98 15.06 3.16
N PHE F 140 60.27 16.26 3.65
CA PHE F 140 60.87 17.30 2.83
C PHE F 140 62.34 17.02 2.58
N TYR F 141 62.76 17.12 1.31
CA TYR F 141 64.18 17.05 0.96
C TYR F 141 64.94 18.34 1.31
N HIS F 142 64.27 19.26 1.99
CA HIS F 142 64.88 20.50 2.42
C HIS F 142 64.26 20.90 3.75
N LYS F 143 64.80 21.98 4.34
CA LYS F 143 64.26 22.52 5.57
C LYS F 143 62.98 23.28 5.28
N CYS F 144 61.91 22.93 5.99
CA CYS F 144 60.62 23.58 5.84
C CYS F 144 60.18 24.05 7.22
N ASP F 145 60.30 25.37 7.47
CA ASP F 145 59.97 25.93 8.77
C ASP F 145 58.46 26.12 8.86
N ASN F 146 58.00 26.78 9.93
CA ASN F 146 56.57 26.96 10.15
C ASN F 146 55.95 27.78 9.02
N GLU F 147 56.63 28.84 8.58
CA GLU F 147 56.13 29.63 7.47
C GLU F 147 56.09 28.81 6.18
N CYS F 148 57.10 27.96 5.97
CA CYS F 148 57.07 27.06 4.82
C CYS F 148 55.93 26.05 4.93
N MET F 149 55.70 25.51 6.12
CA MET F 149 54.61 24.57 6.32
C MET F 149 53.26 25.22 6.03
N GLU F 150 53.08 26.47 6.47
CA GLU F 150 51.85 27.20 6.17
C GLU F 150 51.69 27.41 4.67
N SER F 151 52.80 27.61 3.95
CA SER F 151 52.71 27.77 2.51
C SER F 151 52.24 26.50 1.82
N VAL F 152 52.46 25.34 2.44
CA VAL F 152 51.93 24.10 1.91
C VAL F 152 50.46 23.94 2.27
N ARG F 153 50.07 24.38 3.47
CA ARG F 153 48.68 24.25 3.89
C ARG F 153 47.76 25.11 3.03
N ASN F 154 48.14 26.36 2.77
CA ASN F 154 47.47 27.10 1.72
C ASN F 154 48.20 26.79 0.40
N GLY F 155 47.78 27.43 -0.68
CA GLY F 155 48.29 27.03 -1.98
C GLY F 155 49.46 27.83 -2.51
N THR F 156 50.37 28.24 -1.64
CA THR F 156 51.43 29.18 -2.01
C THR F 156 52.83 28.62 -1.78
N TYR F 157 53.02 27.31 -1.98
CA TYR F 157 54.34 26.71 -1.82
C TYR F 157 55.23 27.07 -2.99
N ASP F 158 56.42 27.57 -2.70
CA ASP F 158 57.36 28.08 -3.71
C ASP F 158 58.39 26.99 -4.02
N TYR F 159 58.10 26.20 -5.06
CA TYR F 159 59.01 25.12 -5.42
C TYR F 159 60.40 25.60 -5.83
N PRO F 160 60.56 26.54 -6.77
CA PRO F 160 61.93 26.89 -7.20
C PRO F 160 62.79 27.49 -6.10
N GLN F 161 62.19 28.01 -5.03
CA GLN F 161 62.99 28.56 -3.93
C GLN F 161 63.84 27.49 -3.26
N TYR F 162 63.26 26.32 -3.02
CA TYR F 162 63.94 25.25 -2.30
C TYR F 162 64.52 24.17 -3.22
N SER F 163 64.38 24.33 -4.55
CA SER F 163 64.74 23.25 -5.46
C SER F 163 66.24 22.94 -5.39
N GLU F 164 67.09 23.96 -5.31
CA GLU F 164 68.52 23.74 -5.26
C GLU F 164 68.92 22.98 -4.00
N GLU F 165 68.39 23.40 -2.85
CA GLU F 165 68.66 22.69 -1.61
C GLU F 165 68.07 21.27 -1.64
N ALA F 166 66.84 21.14 -2.16
CA ALA F 166 66.20 19.84 -2.23
C ALA F 166 66.97 18.90 -3.16
N ARG F 167 67.48 19.42 -4.27
CA ARG F 167 68.21 18.57 -5.22
C ARG F 167 69.48 18.01 -4.58
N LEU F 168 70.25 18.86 -3.88
CA LEU F 168 71.49 18.41 -3.28
C LEU F 168 71.25 17.28 -2.27
N LYS F 169 70.25 17.44 -1.41
CA LYS F 169 69.96 16.42 -0.41
C LYS F 169 69.27 15.19 -1.00
N ARG F 170 68.59 15.34 -2.14
CA ARG F 170 67.96 14.17 -2.77
C ARG F 170 69.00 13.21 -3.33
N GLU F 171 70.09 13.76 -3.88
CA GLU F 171 71.13 12.89 -4.45
C GLU F 171 71.93 12.19 -3.36
N GLU F 172 72.14 12.85 -2.22
CA GLU F 172 72.87 12.22 -1.12
C GLU F 172 72.12 11.02 -0.57
N ILE F 173 70.80 11.16 -0.40
CA ILE F 173 70.00 10.05 0.12
C ILE F 173 70.00 8.88 -0.85
N SER F 174 69.86 9.17 -2.15
CA SER F 174 69.75 8.10 -3.13
C SER F 174 71.09 7.41 -3.36
N SER F 175 72.20 8.12 -3.19
CA SER F 175 73.51 7.50 -3.32
C SER F 175 73.91 6.69 -2.09
N GLY F 176 73.20 6.82 -0.98
CA GLY F 176 73.51 6.10 0.23
C GLY F 176 74.30 6.88 1.25
N ARG F 177 74.66 8.12 0.96
CA ARG F 177 75.45 8.96 1.87
C ARG F 177 74.79 9.08 3.23
#